data_8BHG
#
_entry.id   8BHG
#
_cell.length_a   81.140
_cell.length_b   137.637
_cell.length_c   113.351
_cell.angle_alpha   90.000
_cell.angle_beta   106.060
_cell.angle_gamma   90.000
#
_symmetry.space_group_name_H-M   'P 1 21 1'
#
loop_
_entity.id
_entity.type
_entity.pdbx_description
1 polymer 'Gamma-aminobutyric acid receptor subunit alpha-5'
2 polymer 'Gamma-aminobutyric acid receptor subunit gamma-2'
3 non-polymer Bretazenil
4 non-polymer DECYL-BETA-D-MALTOPYRANOSIDE
5 non-polymer 'NITRATE ION'
6 non-polymer 2-acetamido-2-deoxy-beta-D-glucopyranose
7 water water
#
loop_
_entity_poly.entity_id
_entity_poly.type
_entity_poly.pdbx_seq_one_letter_code
_entity_poly.pdbx_strand_id
1 'polypeptide(L)'
;QMPTSSVKDETNDNITIFTRILDGLLDGYDNRLRPGLGERITQVRTDMYVNSFGPVSDTEMEYTIDIFFAQTWKDERLRF
KGPMQRLPLDNRVADQIWTPDTFFHNDKKSFAHGMTTPNKMLRIWNDGRVLYTMRLTISAECPMDLEDFPMDEQNCPLKF
GSYAYPNSEVVYVWTNGSTKSVVVAEDGSRLNQYHLMGQTVGTENISTSTGEYTIMTAHFHLKRKIGYFVIQTYLPCIMT
VILSQVSFWLNRESVAARTVFGVTTVLTMTTLSISARNSLPKVAYATAMDWFIAVCYAFVFSALLEFAFVNYITKSQPAR
AAKIDKMSRIVFPILFGTFNLVYWATYLNR
;
A,C,D,E
2 'polypeptide(L)'
;QKSDDDYEDYTSNKTWVLTPKVPEGDVTVILNNLLEGYDNKLRPDIGVKPTLIHTDMYVNSIGPVNAINMEYTIDIFFAQ
TWYDRRLKFNSTIKVLRLNSNMVGKIWIPDTFFRNSKKADAHWITTPNRMLRIWNDGRVLYTLRLTIDAECQLQLHNFPM
DEHSCPLEFSSYGYPREEIVYQWKRSSVEVGDTRSWRLYQFSFVGLRNTTEVVKTTSGDYVVMSVYFDLSRRIGYFVIQT
YLPCIMTVILSQVSFWLNRESVAARTVFGVTTVLTMTTLSISARNSLPKVAYATAMDWFIAVCYAFVFSALIEFATVNYF
TKSQPARAAKIDRLSRIAFPLLFGIFNLVYWATYLNREPQLKAPTPHQGTTETSQVAPA
;
B
#
loop_
_chem_comp.id
_chem_comp.type
_chem_comp.name
_chem_comp.formula
DMU D-saccharide DECYL-BETA-D-MALTOPYRANOSIDE 'C22 H42 O11'
NAG D-saccharide, beta linking 2-acetamido-2-deoxy-beta-D-glucopyranose 'C8 H15 N O6'
NO3 non-polymer 'NITRATE ION' 'N O3 -1'
QMU non-polymer Bretazenil 'C19 H20 Br N3 O3'
#
# COMPACT_ATOMS: atom_id res chain seq x y z
N ASN A 14 44.43 -30.58 5.48
CA ASN A 14 43.04 -30.56 6.03
C ASN A 14 42.12 -29.71 5.16
N ILE A 15 42.36 -28.40 5.14
CA ILE A 15 41.58 -27.52 4.30
C ILE A 15 41.87 -27.78 2.83
N THR A 16 43.16 -27.93 2.49
CA THR A 16 43.53 -28.19 1.10
C THR A 16 42.95 -29.51 0.62
N ILE A 17 42.77 -30.49 1.53
CA ILE A 17 42.21 -31.77 1.13
C ILE A 17 40.78 -31.59 0.63
N PHE A 18 39.97 -30.80 1.35
CA PHE A 18 38.58 -30.62 0.94
C PHE A 18 38.51 -29.82 -0.35
N THR A 19 39.41 -28.85 -0.54
CA THR A 19 39.41 -28.11 -1.80
C THR A 19 39.61 -29.03 -2.99
N ARG A 20 40.51 -30.00 -2.86
CA ARG A 20 40.74 -30.95 -3.95
C ARG A 20 39.57 -31.90 -4.11
N ILE A 21 38.94 -32.31 -3.00
CA ILE A 21 37.76 -33.17 -3.10
C ILE A 21 36.68 -32.47 -3.92
N LEU A 22 36.38 -31.21 -3.58
CA LEU A 22 35.38 -30.46 -4.33
C LEU A 22 35.76 -30.37 -5.80
N ASP A 23 37.02 -30.03 -6.09
CA ASP A 23 37.45 -29.90 -7.48
C ASP A 23 37.27 -31.22 -8.23
N GLY A 24 37.56 -32.34 -7.56
CA GLY A 24 37.40 -33.64 -8.21
C GLY A 24 35.95 -33.96 -8.53
N LEU A 25 35.04 -33.58 -7.63
CA LEU A 25 33.63 -33.87 -7.85
C LEU A 25 33.05 -33.00 -8.96
N LEU A 26 33.39 -31.71 -8.96
CA LEU A 26 32.86 -30.80 -9.97
C LEU A 26 33.60 -30.87 -11.29
N ASP A 27 34.78 -31.50 -11.32
CA ASP A 27 35.52 -31.67 -12.56
C ASP A 27 34.75 -32.57 -13.52
N GLY A 28 34.36 -32.02 -14.66
CA GLY A 28 33.57 -32.77 -15.61
C GLY A 28 32.15 -33.02 -15.21
N TYR A 29 31.64 -32.31 -14.21
CA TYR A 29 30.27 -32.46 -13.74
C TYR A 29 29.34 -31.58 -14.57
N ASP A 30 28.30 -32.19 -15.13
CA ASP A 30 27.32 -31.47 -15.95
C ASP A 30 26.05 -31.31 -15.11
N ASN A 31 25.85 -30.10 -14.56
CA ASN A 31 24.66 -29.85 -13.75
C ASN A 31 23.40 -29.69 -14.60
N ARG A 32 23.52 -29.68 -15.93
CA ARG A 32 22.33 -29.60 -16.77
C ARG A 32 21.54 -30.90 -16.78
N LEU A 33 22.13 -32.00 -16.32
CA LEU A 33 21.51 -33.32 -16.35
C LEU A 33 21.22 -33.77 -14.93
N ARG A 34 20.01 -34.30 -14.71
CA ARG A 34 19.65 -34.81 -13.40
C ARG A 34 20.44 -36.09 -13.12
N PRO A 35 20.72 -36.38 -11.84
CA PRO A 35 21.45 -37.62 -11.52
C PRO A 35 20.62 -38.85 -11.87
N GLY A 36 21.26 -39.80 -12.56
CA GLY A 36 20.59 -41.01 -12.95
C GLY A 36 19.80 -40.91 -14.25
N LEU A 37 20.06 -39.90 -15.07
CA LEU A 37 19.36 -39.75 -16.32
C LEU A 37 19.62 -40.96 -17.22
N GLY A 38 18.56 -41.64 -17.62
CA GLY A 38 18.65 -42.82 -18.45
C GLY A 38 18.90 -44.12 -17.71
N GLU A 39 19.05 -44.08 -16.39
CA GLU A 39 19.24 -45.28 -15.59
C GLU A 39 18.22 -45.38 -14.46
N ARG A 40 18.10 -44.35 -13.64
CA ARG A 40 17.20 -44.34 -12.49
C ARG A 40 16.54 -42.97 -12.36
N ILE A 41 15.32 -42.97 -11.85
CA ILE A 41 14.62 -41.73 -11.56
C ILE A 41 15.14 -41.17 -10.24
N THR A 42 15.33 -39.86 -10.19
CA THR A 42 15.83 -39.21 -8.97
C THR A 42 14.66 -39.06 -7.99
N GLN A 43 14.74 -39.76 -6.87
CA GLN A 43 13.74 -39.65 -5.82
C GLN A 43 14.17 -38.55 -4.84
N VAL A 44 13.25 -37.66 -4.50
CA VAL A 44 13.54 -36.49 -3.69
C VAL A 44 12.69 -36.60 -2.44
N ARG A 45 13.31 -36.98 -1.32
CA ARG A 45 12.65 -36.98 -0.02
C ARG A 45 12.66 -35.58 0.56
N THR A 46 11.50 -35.10 0.97
CA THR A 46 11.34 -33.71 1.40
C THR A 46 10.78 -33.65 2.82
N ASP A 47 11.33 -32.72 3.61
CA ASP A 47 10.85 -32.42 4.94
C ASP A 47 10.59 -30.91 5.01
N MET A 48 9.81 -30.50 6.00
CA MET A 48 9.43 -29.09 6.11
C MET A 48 9.28 -28.71 7.56
N TYR A 49 9.73 -27.50 7.89
CA TYR A 49 9.61 -26.92 9.22
C TYR A 49 9.13 -25.49 9.07
N VAL A 50 7.94 -25.21 9.57
CA VAL A 50 7.32 -23.88 9.43
C VAL A 50 7.88 -22.99 10.54
N ASN A 51 8.80 -22.10 10.18
CA ASN A 51 9.36 -21.18 11.16
C ASN A 51 8.29 -20.22 11.68
N SER A 52 7.38 -19.79 10.83
CA SER A 52 6.25 -18.98 11.27
C SER A 52 5.15 -19.05 10.24
N PHE A 53 3.90 -19.09 10.71
CA PHE A 53 2.73 -19.04 9.84
C PHE A 53 2.32 -17.59 9.68
N GLY A 54 2.49 -17.07 8.46
CA GLY A 54 2.34 -15.66 8.22
C GLY A 54 0.91 -15.18 8.35
N PRO A 55 0.74 -13.87 8.33
CA PRO A 55 -0.62 -13.30 8.45
C PRO A 55 -1.55 -13.89 7.39
N VAL A 56 -2.77 -14.20 7.80
CA VAL A 56 -3.80 -14.70 6.89
C VAL A 56 -4.65 -13.53 6.43
N SER A 57 -4.80 -13.38 5.11
CA SER A 57 -5.55 -12.29 4.51
C SER A 57 -6.85 -12.84 3.94
N ASP A 58 -7.94 -12.64 4.67
CA ASP A 58 -9.24 -13.07 4.19
C ASP A 58 -9.64 -12.33 2.92
N THR A 59 -9.46 -11.00 2.93
CA THR A 59 -9.82 -10.20 1.75
C THR A 59 -9.11 -10.69 0.50
N GLU A 60 -7.84 -11.03 0.61
CA GLU A 60 -7.06 -11.49 -0.53
C GLU A 60 -7.09 -13.00 -0.72
N MET A 61 -7.77 -13.72 0.18
CA MET A 61 -7.89 -15.17 0.09
C MET A 61 -6.51 -15.82 -0.02
N GLU A 62 -5.60 -15.40 0.85
CA GLU A 62 -4.25 -15.91 0.82
C GLU A 62 -3.71 -15.97 2.24
N TYR A 63 -2.52 -16.57 2.38
CA TYR A 63 -1.83 -16.67 3.66
C TYR A 63 -0.34 -16.72 3.37
N THR A 64 0.46 -16.27 4.33
CA THR A 64 1.90 -16.26 4.22
C THR A 64 2.50 -17.27 5.19
N ILE A 65 3.69 -17.77 4.84
CA ILE A 65 4.34 -18.81 5.64
C ILE A 65 5.84 -18.71 5.43
N ASP A 66 6.59 -18.83 6.53
CA ASP A 66 8.05 -18.81 6.51
C ASP A 66 8.53 -20.19 6.93
N ILE A 67 9.09 -20.94 5.99
CA ILE A 67 9.41 -22.34 6.22
C ILE A 67 10.89 -22.59 5.94
N PHE A 68 11.38 -23.70 6.49
CA PHE A 68 12.66 -24.30 6.08
C PHE A 68 12.32 -25.50 5.21
N PHE A 69 12.60 -25.41 3.92
CA PHE A 69 12.22 -26.43 2.95
C PHE A 69 13.44 -27.25 2.57
N ALA A 70 13.45 -28.51 2.97
CA ALA A 70 14.58 -29.40 2.74
C ALA A 70 14.24 -30.44 1.70
N GLN A 71 15.22 -30.75 0.84
CA GLN A 71 15.11 -31.79 -0.16
C GLN A 71 16.40 -32.60 -0.12
N THR A 72 16.28 -33.92 -0.19
CA THR A 72 17.44 -34.80 -0.19
C THR A 72 17.30 -35.84 -1.29
N TRP A 73 18.34 -35.99 -2.09
CA TRP A 73 18.40 -36.96 -3.17
C TRP A 73 19.83 -37.47 -3.25
N LYS A 74 20.05 -38.46 -4.10
CA LYS A 74 21.35 -39.07 -4.28
C LYS A 74 21.88 -38.74 -5.67
N ASP A 75 23.14 -38.33 -5.74
CA ASP A 75 23.81 -38.00 -7.00
C ASP A 75 25.02 -38.92 -7.12
N GLU A 76 24.95 -39.88 -8.04
CA GLU A 76 26.03 -40.84 -8.22
C GLU A 76 27.35 -40.16 -8.54
N ARG A 77 27.31 -38.94 -9.07
CA ARG A 77 28.52 -38.26 -9.51
C ARG A 77 29.26 -37.58 -8.37
N LEU A 78 28.60 -37.34 -7.23
CA LEU A 78 29.22 -36.68 -6.09
C LEU A 78 29.79 -37.66 -5.07
N ARG A 79 29.97 -38.93 -5.44
CA ARG A 79 30.56 -39.90 -4.54
C ARG A 79 32.02 -39.56 -4.28
N PHE A 80 32.41 -39.52 -3.01
CA PHE A 80 33.78 -39.21 -2.65
C PHE A 80 34.19 -40.01 -1.42
N LYS A 81 35.50 -40.24 -1.30
CA LYS A 81 36.08 -40.88 -0.12
C LYS A 81 37.02 -39.88 0.55
N GLY A 82 36.80 -39.66 1.85
CA GLY A 82 37.60 -38.71 2.59
C GLY A 82 37.55 -39.00 4.09
N PRO A 83 38.17 -38.12 4.87
CA PRO A 83 38.18 -38.33 6.33
C PRO A 83 36.80 -38.17 6.96
N MET A 84 36.25 -36.96 6.92
CA MET A 84 34.92 -36.74 7.47
C MET A 84 33.85 -37.24 6.50
N GLN A 85 32.68 -37.59 7.06
CA GLN A 85 31.65 -38.25 6.28
C GLN A 85 30.75 -37.26 5.53
N ARG A 86 30.64 -36.04 6.02
CA ARG A 86 29.81 -35.02 5.41
C ARG A 86 30.69 -33.90 4.86
N LEU A 87 30.07 -33.03 4.06
CA LEU A 87 30.75 -31.87 3.47
C LEU A 87 29.94 -30.62 3.74
N PRO A 88 30.17 -29.95 4.87
CA PRO A 88 29.50 -28.66 5.12
C PRO A 88 29.99 -27.61 4.13
N LEU A 89 29.06 -27.10 3.32
CA LEU A 89 29.37 -26.17 2.25
C LEU A 89 28.38 -25.01 2.29
N ASP A 90 28.63 -24.02 1.45
CA ASP A 90 27.78 -22.84 1.37
C ASP A 90 26.78 -23.00 0.22
N ASN A 91 26.06 -21.92 -0.09
CA ASN A 91 25.18 -21.91 -1.25
C ASN A 91 25.95 -21.84 -2.56
N ARG A 92 27.21 -21.41 -2.52
CA ARG A 92 27.99 -21.26 -3.75
C ARG A 92 27.98 -22.54 -4.57
N VAL A 93 28.02 -23.69 -3.89
CA VAL A 93 28.07 -24.97 -4.61
C VAL A 93 26.70 -25.38 -5.13
N ALA A 94 25.61 -24.90 -4.52
CA ALA A 94 24.29 -25.30 -4.96
C ALA A 94 24.06 -24.94 -6.43
N ASP A 95 24.61 -23.82 -6.87
CA ASP A 95 24.45 -23.41 -8.27
C ASP A 95 25.31 -24.25 -9.21
N GLN A 96 26.40 -24.84 -8.71
CA GLN A 96 27.31 -25.58 -9.58
C GLN A 96 26.87 -27.01 -9.83
N ILE A 97 26.01 -27.57 -8.98
CA ILE A 97 25.53 -28.92 -9.15
C ILE A 97 24.07 -28.89 -9.58
N TRP A 98 23.53 -30.05 -9.88
CA TRP A 98 22.12 -30.17 -10.22
C TRP A 98 21.28 -30.21 -8.96
N THR A 99 20.16 -29.48 -8.96
CA THR A 99 19.20 -29.48 -7.88
C THR A 99 17.80 -29.55 -8.48
N PRO A 100 16.84 -30.12 -7.75
CA PRO A 100 15.47 -30.19 -8.30
C PRO A 100 14.89 -28.81 -8.53
N ASP A 101 14.02 -28.73 -9.53
CA ASP A 101 13.33 -27.48 -9.86
C ASP A 101 11.94 -27.43 -9.22
N THR A 102 11.89 -27.72 -7.91
CA THR A 102 10.62 -27.74 -7.21
C THR A 102 9.96 -26.36 -7.27
N PHE A 103 8.65 -26.35 -7.47
CA PHE A 103 7.89 -25.11 -7.49
C PHE A 103 6.54 -25.36 -6.84
N PHE A 104 6.02 -24.30 -6.20
CA PHE A 104 4.76 -24.36 -5.46
C PHE A 104 3.63 -23.95 -6.39
N HIS A 105 2.73 -24.89 -6.69
CA HIS A 105 1.70 -24.64 -7.70
C HIS A 105 0.81 -23.46 -7.31
N ASN A 106 0.26 -23.48 -6.11
CA ASN A 106 -0.66 -22.44 -5.66
C ASN A 106 0.07 -21.20 -5.13
N ASP A 107 1.33 -21.01 -5.49
CA ASP A 107 2.10 -19.86 -5.02
C ASP A 107 1.64 -18.59 -5.72
N LYS A 108 1.41 -17.54 -4.93
CA LYS A 108 1.16 -16.20 -5.47
C LYS A 108 2.46 -15.43 -5.65
N LYS A 109 3.15 -15.15 -4.55
CA LYS A 109 4.47 -14.52 -4.59
C LYS A 109 5.26 -14.96 -3.38
N SER A 110 6.56 -15.21 -3.60
CA SER A 110 7.43 -15.73 -2.54
C SER A 110 8.84 -15.21 -2.78
N PHE A 111 9.71 -15.47 -1.81
CA PHE A 111 11.10 -15.01 -1.90
C PHE A 111 11.94 -15.81 -0.91
N ALA A 112 13.23 -15.91 -1.22
CA ALA A 112 14.19 -16.61 -0.38
C ALA A 112 15.02 -15.60 0.41
N HIS A 113 15.09 -15.80 1.72
CA HIS A 113 15.84 -14.89 2.57
C HIS A 113 17.30 -14.85 2.15
N GLY A 114 17.91 -13.66 2.21
CA GLY A 114 19.24 -13.49 1.68
C GLY A 114 20.28 -12.92 2.63
N MET A 115 19.85 -12.43 3.78
CA MET A 115 20.74 -11.80 4.77
C MET A 115 20.98 -12.75 5.94
N THR A 116 22.23 -12.78 6.42
CA THR A 116 23.38 -12.02 5.93
C THR A 116 23.87 -12.63 4.62
N THR A 117 23.79 -13.96 4.54
CA THR A 117 24.04 -14.69 3.30
C THR A 117 22.75 -15.41 2.91
N PRO A 118 22.65 -15.92 1.68
CA PRO A 118 21.46 -16.70 1.30
C PRO A 118 21.15 -17.80 2.31
N ASN A 119 19.90 -17.86 2.76
CA ASN A 119 19.47 -18.86 3.74
C ASN A 119 19.34 -20.20 3.02
N LYS A 120 20.48 -20.87 2.85
CA LYS A 120 20.55 -22.14 2.13
C LYS A 120 21.74 -22.92 2.70
N MET A 121 21.67 -24.23 2.53
CA MET A 121 22.68 -25.12 3.10
C MET A 121 22.81 -26.33 2.18
N LEU A 122 24.06 -26.66 1.83
CA LEU A 122 24.36 -27.81 0.99
C LEU A 122 25.28 -28.74 1.76
N ARG A 123 24.89 -30.02 1.86
CA ARG A 123 25.68 -31.03 2.55
C ARG A 123 25.77 -32.25 1.65
N ILE A 124 27.00 -32.68 1.35
CA ILE A 124 27.25 -33.82 0.48
C ILE A 124 27.96 -34.90 1.30
N TRP A 125 27.56 -36.15 1.07
CA TRP A 125 28.09 -37.29 1.80
C TRP A 125 28.93 -38.17 0.89
N ASN A 126 29.72 -39.05 1.52
CA ASN A 126 30.51 -40.00 0.75
C ASN A 126 29.63 -40.78 -0.22
N ASP A 127 28.46 -41.19 0.25
CA ASP A 127 27.53 -41.95 -0.59
C ASP A 127 27.17 -41.19 -1.86
N GLY A 128 27.25 -39.86 -1.81
CA GLY A 128 26.74 -39.02 -2.87
C GLY A 128 25.40 -38.39 -2.56
N ARG A 129 24.76 -38.80 -1.47
CA ARG A 129 23.50 -38.20 -1.06
C ARG A 129 23.70 -36.72 -0.76
N VAL A 130 22.76 -35.91 -1.23
CA VAL A 130 22.80 -34.46 -1.04
C VAL A 130 21.64 -34.05 -0.14
N LEU A 131 21.91 -33.11 0.77
CA LEU A 131 20.88 -32.47 1.57
C LEU A 131 20.85 -31.00 1.19
N TYR A 132 19.70 -30.52 0.73
CA TYR A 132 19.53 -29.18 0.17
C TYR A 132 18.32 -28.56 0.84
N THR A 133 18.57 -27.68 1.81
CA THR A 133 17.53 -27.01 2.57
C THR A 133 17.66 -25.50 2.41
N MET A 134 16.52 -24.82 2.49
CA MET A 134 16.46 -23.39 2.26
C MET A 134 15.31 -22.79 3.05
N ARG A 135 15.43 -21.50 3.35
CA ARG A 135 14.39 -20.76 4.06
C ARG A 135 13.59 -19.96 3.05
N LEU A 136 12.27 -20.12 3.08
CA LEU A 136 11.40 -19.45 2.12
C LEU A 136 10.21 -18.85 2.84
N THR A 137 9.84 -17.63 2.45
CA THR A 137 8.58 -17.02 2.84
C THR A 137 7.67 -17.02 1.61
N ILE A 138 6.53 -17.68 1.71
CA ILE A 138 5.63 -17.89 0.58
C ILE A 138 4.25 -17.39 0.94
N SER A 139 3.65 -16.62 0.04
CA SER A 139 2.23 -16.26 0.11
C SER A 139 1.50 -17.08 -0.94
N ALA A 140 0.54 -17.88 -0.50
CA ALA A 140 -0.16 -18.82 -1.36
C ALA A 140 -1.66 -18.60 -1.27
N GLU A 141 -2.38 -19.08 -2.28
CA GLU A 141 -3.83 -18.91 -2.32
C GLU A 141 -4.49 -19.86 -1.34
N CYS A 142 -5.45 -19.33 -0.57
CA CYS A 142 -6.27 -20.12 0.34
C CYS A 142 -7.73 -19.74 0.10
N PRO A 143 -8.37 -20.31 -0.92
CA PRO A 143 -9.78 -20.01 -1.17
C PRO A 143 -10.63 -20.43 0.02
N MET A 144 -11.59 -19.58 0.38
CA MET A 144 -12.38 -19.77 1.58
C MET A 144 -13.86 -19.72 1.22
N ASP A 145 -14.64 -20.52 1.93
CA ASP A 145 -16.10 -20.43 1.92
C ASP A 145 -16.49 -19.86 3.28
N LEU A 146 -17.13 -18.69 3.27
CA LEU A 146 -17.33 -17.91 4.49
C LEU A 146 -18.79 -17.91 4.92
N GLU A 147 -19.51 -18.99 4.62
CA GLU A 147 -20.90 -19.09 5.04
C GLU A 147 -21.01 -18.99 6.55
N ASP A 148 -20.15 -19.68 7.28
CA ASP A 148 -20.21 -19.70 8.73
C ASP A 148 -19.43 -18.54 9.36
N PHE A 149 -18.98 -17.57 8.56
CA PHE A 149 -18.28 -16.42 9.12
C PHE A 149 -19.18 -15.72 10.13
N PRO A 150 -18.65 -15.28 11.28
CA PRO A 150 -17.23 -15.32 11.68
C PRO A 150 -16.85 -16.61 12.38
N MET A 151 -17.78 -17.55 12.43
CA MET A 151 -17.58 -18.85 13.06
C MET A 151 -17.27 -19.90 11.98
N ASP A 152 -16.18 -19.69 11.26
CA ASP A 152 -15.85 -20.53 10.12
C ASP A 152 -14.51 -21.22 10.34
N GLU A 153 -14.36 -22.36 9.68
CA GLU A 153 -13.10 -23.12 9.65
C GLU A 153 -12.58 -23.15 8.22
N GLN A 154 -11.28 -22.92 8.07
CA GLN A 154 -10.65 -22.83 6.76
C GLN A 154 -9.44 -23.76 6.69
N ASN A 155 -9.21 -24.30 5.50
CA ASN A 155 -8.10 -25.19 5.22
C ASN A 155 -7.30 -24.61 4.05
N CYS A 156 -6.02 -24.31 4.31
CA CYS A 156 -5.17 -23.65 3.33
C CYS A 156 -4.16 -24.64 2.78
N PRO A 157 -4.15 -24.90 1.47
CA PRO A 157 -3.23 -25.90 0.91
C PRO A 157 -1.87 -25.30 0.58
N LEU A 158 -0.93 -26.19 0.23
CA LEU A 158 0.41 -25.80 -0.20
C LEU A 158 0.91 -26.91 -1.13
N LYS A 159 0.51 -26.83 -2.39
CA LYS A 159 0.90 -27.81 -3.39
C LYS A 159 2.26 -27.43 -3.98
N PHE A 160 3.13 -28.42 -4.13
CA PHE A 160 4.44 -28.20 -4.73
C PHE A 160 4.91 -29.47 -5.43
N GLY A 161 5.81 -29.28 -6.38
CA GLY A 161 6.36 -30.38 -7.14
C GLY A 161 7.33 -29.85 -8.18
N SER A 162 7.88 -30.77 -8.96
CA SER A 162 8.78 -30.35 -10.02
C SER A 162 8.00 -29.72 -11.16
N TYR A 163 8.67 -28.84 -11.90
CA TYR A 163 8.06 -28.15 -13.03
C TYR A 163 8.40 -28.81 -14.37
N ALA A 164 9.63 -29.30 -14.52
CA ALA A 164 10.11 -29.81 -15.79
C ALA A 164 10.28 -31.33 -15.81
N TYR A 165 10.20 -32.00 -14.67
CA TYR A 165 10.42 -33.44 -14.60
C TYR A 165 9.16 -34.17 -14.13
N PRO A 166 8.47 -34.91 -15.01
CA PRO A 166 7.31 -35.69 -14.55
C PRO A 166 7.71 -36.81 -13.60
N ASN A 167 6.74 -37.66 -13.23
CA ASN A 167 7.06 -38.76 -12.33
C ASN A 167 8.00 -39.77 -12.97
N SER A 168 8.03 -39.83 -14.30
CA SER A 168 8.95 -40.72 -15.00
C SER A 168 10.41 -40.29 -14.86
N GLU A 169 10.67 -39.08 -14.39
CA GLU A 169 12.02 -38.56 -14.25
C GLU A 169 12.37 -38.14 -12.84
N VAL A 170 11.44 -37.50 -12.14
CA VAL A 170 11.64 -37.08 -10.76
C VAL A 170 10.37 -37.38 -9.97
N VAL A 171 10.54 -37.86 -8.74
CA VAL A 171 9.42 -38.18 -7.86
C VAL A 171 9.74 -37.64 -6.48
N TYR A 172 8.71 -37.15 -5.80
CA TYR A 172 8.83 -36.58 -4.47
C TYR A 172 8.13 -37.49 -3.46
N VAL A 173 8.68 -37.52 -2.25
CA VAL A 173 8.12 -38.32 -1.17
C VAL A 173 8.43 -37.65 0.15
N TRP A 174 7.53 -37.81 1.11
CA TRP A 174 7.71 -37.24 2.44
C TRP A 174 8.61 -38.13 3.28
N THR A 175 9.22 -37.53 4.30
CA THR A 175 10.13 -38.25 5.16
C THR A 175 9.35 -39.15 6.12
N ASN A 176 10.07 -40.06 6.77
CA ASN A 176 9.46 -40.96 7.74
C ASN A 176 9.05 -40.17 8.98
N GLY A 177 8.47 -40.88 9.95
CA GLY A 177 7.91 -40.21 11.11
C GLY A 177 8.95 -39.50 11.95
N SER A 178 10.11 -40.13 12.15
CA SER A 178 11.14 -39.54 13.00
C SER A 178 11.43 -38.09 12.61
N THR A 179 11.77 -37.88 11.33
CA THR A 179 11.88 -36.53 10.78
C THR A 179 10.49 -36.13 10.31
N LYS A 180 9.70 -35.58 11.24
CA LYS A 180 8.32 -35.21 10.97
C LYS A 180 8.21 -34.48 9.63
N SER A 181 7.21 -34.88 8.83
CA SER A 181 7.10 -34.30 7.48
C SER A 181 6.80 -32.81 7.55
N VAL A 182 5.90 -32.40 8.44
CA VAL A 182 5.57 -31.00 8.64
C VAL A 182 5.69 -30.69 10.12
N VAL A 183 6.51 -29.69 10.45
CA VAL A 183 6.66 -29.21 11.82
C VAL A 183 6.33 -27.73 11.80
N VAL A 184 5.81 -27.23 12.92
CA VAL A 184 5.44 -25.83 13.04
C VAL A 184 5.98 -25.32 14.37
N ALA A 185 6.82 -24.29 14.31
CA ALA A 185 7.39 -23.70 15.52
C ALA A 185 6.31 -23.03 16.36
N GLU A 186 6.31 -23.33 17.66
CA GLU A 186 5.39 -22.65 18.56
C GLU A 186 5.62 -21.15 18.52
N ASP A 187 6.84 -20.73 18.19
CA ASP A 187 7.15 -19.30 18.11
C ASP A 187 6.44 -18.62 16.95
N GLY A 188 6.20 -19.36 15.87
CA GLY A 188 5.70 -18.75 14.65
C GLY A 188 4.23 -18.85 14.31
N SER A 189 3.53 -19.82 14.88
CA SER A 189 2.15 -20.05 14.46
C SER A 189 1.15 -19.07 15.05
N ARG A 190 1.52 -18.31 16.08
CA ARG A 190 0.57 -17.40 16.72
C ARG A 190 0.00 -16.43 15.68
N LEU A 191 -1.32 -16.38 15.62
CA LEU A 191 -2.05 -15.47 14.73
C LEU A 191 -3.09 -14.72 15.55
N ASN A 192 -3.26 -13.43 15.24
CA ASN A 192 -4.21 -12.61 16.00
C ASN A 192 -5.65 -13.04 15.76
N GLN A 193 -5.95 -13.58 14.56
CA GLN A 193 -7.33 -13.80 14.16
C GLN A 193 -7.70 -15.27 13.97
N TYR A 194 -6.73 -16.18 13.90
CA TYR A 194 -7.01 -17.57 13.63
C TYR A 194 -6.27 -18.48 14.61
N HIS A 195 -6.85 -19.65 14.87
CA HIS A 195 -6.16 -20.75 15.53
C HIS A 195 -5.67 -21.73 14.47
N LEU A 196 -4.41 -22.14 14.58
CA LEU A 196 -3.84 -23.15 13.68
C LEU A 196 -4.10 -24.53 14.28
N MET A 197 -5.18 -25.18 13.83
CA MET A 197 -5.57 -26.47 14.40
C MET A 197 -4.48 -27.51 14.18
N GLY A 198 -4.14 -27.80 12.93
CA GLY A 198 -3.16 -28.82 12.65
C GLY A 198 -2.81 -28.84 11.17
N GLN A 199 -1.98 -29.82 10.81
CA GLN A 199 -1.48 -29.96 9.45
C GLN A 199 -1.54 -31.42 9.01
N THR A 200 -1.86 -31.62 7.74
CA THR A 200 -1.90 -32.96 7.15
C THR A 200 -1.26 -32.91 5.76
N VAL A 201 -0.43 -33.90 5.46
CA VAL A 201 0.31 -33.94 4.22
C VAL A 201 -0.37 -34.90 3.25
N GLY A 202 0.08 -34.87 1.99
CA GLY A 202 -0.48 -35.73 0.97
C GLY A 202 0.38 -35.76 -0.26
N THR A 203 0.18 -36.80 -1.07
CA THR A 203 0.91 -36.98 -2.32
C THR A 203 -0.03 -37.55 -3.37
N GLU A 204 0.08 -37.04 -4.60
CA GLU A 204 -0.81 -37.46 -5.66
C GLU A 204 -0.17 -37.20 -7.01
N ASN A 205 -0.44 -38.08 -7.97
CA ASN A 205 -0.03 -37.88 -9.36
C ASN A 205 -1.17 -37.22 -10.13
N ILE A 206 -0.80 -36.32 -11.05
CA ILE A 206 -1.77 -35.65 -11.91
C ILE A 206 -1.26 -35.76 -13.34
N SER A 207 -2.08 -36.32 -14.23
CA SER A 207 -1.72 -36.46 -15.62
C SER A 207 -1.99 -35.15 -16.34
N THR A 208 -0.94 -34.57 -16.94
CA THR A 208 -1.04 -33.31 -17.66
C THR A 208 -0.49 -33.51 -19.06
N SER A 209 -0.84 -32.56 -19.95
CA SER A 209 -0.41 -32.65 -21.34
C SER A 209 1.10 -32.57 -21.48
N THR A 210 1.83 -32.25 -20.41
CA THR A 210 3.28 -32.25 -20.41
C THR A 210 3.86 -33.37 -19.55
N GLY A 211 3.04 -34.33 -19.15
CA GLY A 211 3.49 -35.44 -18.34
C GLY A 211 2.66 -35.60 -17.08
N GLU A 212 2.94 -36.68 -16.36
CA GLU A 212 2.28 -36.99 -15.10
C GLU A 212 3.23 -36.62 -13.97
N TYR A 213 2.94 -35.51 -13.30
CA TYR A 213 3.77 -35.02 -12.21
C TYR A 213 3.20 -35.48 -10.87
N THR A 214 4.08 -35.61 -9.88
CA THR A 214 3.69 -35.97 -8.52
C THR A 214 3.77 -34.72 -7.66
N ILE A 215 2.62 -34.15 -7.34
CA ILE A 215 2.55 -32.96 -6.49
C ILE A 215 2.32 -33.41 -5.06
N MET A 216 3.04 -32.78 -4.13
CA MET A 216 2.89 -33.05 -2.71
C MET A 216 2.27 -31.83 -2.02
N THR A 217 1.31 -32.08 -1.15
CA THR A 217 0.50 -31.03 -0.55
C THR A 217 0.67 -31.01 0.96
N ALA A 218 0.61 -29.82 1.54
CA ALA A 218 0.63 -29.61 2.98
C ALA A 218 -0.53 -28.71 3.36
N HIS A 219 -1.56 -29.28 3.97
CA HIS A 219 -2.77 -28.56 4.32
C HIS A 219 -2.70 -28.04 5.74
N PHE A 220 -3.10 -26.78 5.93
CA PHE A 220 -3.10 -26.14 7.24
C PHE A 220 -4.54 -25.76 7.58
N HIS A 221 -5.11 -26.42 8.57
CA HIS A 221 -6.50 -26.17 8.99
C HIS A 221 -6.55 -25.15 10.11
N LEU A 222 -7.50 -24.22 10.01
CA LEU A 222 -7.64 -23.11 10.95
C LEU A 222 -9.11 -22.78 11.17
N LYS A 223 -9.42 -22.36 12.40
CA LYS A 223 -10.74 -21.84 12.76
C LYS A 223 -10.61 -20.42 13.28
N ARG A 224 -11.52 -19.54 12.84
CA ARG A 224 -11.39 -18.13 13.18
C ARG A 224 -11.73 -17.90 14.65
N LYS A 225 -11.08 -16.88 15.23
CA LYS A 225 -11.31 -16.47 16.60
C LYS A 225 -12.47 -15.49 16.64
N ILE A 226 -13.48 -15.78 17.47
CA ILE A 226 -14.68 -14.95 17.52
C ILE A 226 -14.54 -13.74 18.40
N GLY A 227 -13.48 -13.66 19.21
CA GLY A 227 -13.37 -12.58 20.17
C GLY A 227 -13.48 -11.21 19.55
N TYR A 228 -12.76 -11.00 18.43
CA TYR A 228 -12.72 -9.68 17.83
C TYR A 228 -14.10 -9.21 17.40
N PHE A 229 -14.88 -10.09 16.76
CA PHE A 229 -16.17 -9.68 16.23
C PHE A 229 -17.22 -9.52 17.32
N VAL A 230 -17.09 -10.25 18.43
CA VAL A 230 -17.97 -10.02 19.57
C VAL A 230 -17.89 -8.57 20.02
N ILE A 231 -16.68 -8.02 20.03
CA ILE A 231 -16.49 -6.66 20.55
C ILE A 231 -16.84 -5.61 19.50
N GLN A 232 -16.58 -5.89 18.22
CA GLN A 232 -16.70 -4.87 17.19
C GLN A 232 -18.07 -4.84 16.52
N THR A 233 -18.79 -5.97 16.49
CA THR A 233 -20.03 -6.03 15.73
C THR A 233 -21.20 -6.54 16.54
N TYR A 234 -21.03 -7.65 17.27
CA TYR A 234 -22.16 -8.26 17.94
C TYR A 234 -22.67 -7.41 19.09
N LEU A 235 -21.78 -6.99 19.98
CA LEU A 235 -22.22 -6.15 21.10
C LEU A 235 -22.85 -4.85 20.62
N PRO A 236 -22.23 -4.08 19.71
CA PRO A 236 -22.92 -2.88 19.20
C PRO A 236 -24.30 -3.18 18.64
N CYS A 237 -24.48 -4.33 17.99
CA CYS A 237 -25.79 -4.69 17.45
C CYS A 237 -26.75 -5.06 18.57
N ILE A 238 -26.28 -5.87 19.52
CA ILE A 238 -27.16 -6.31 20.61
C ILE A 238 -27.55 -5.13 21.49
N MET A 239 -26.61 -4.20 21.71
CA MET A 239 -26.93 -3.03 22.52
C MET A 239 -27.81 -2.05 21.78
N THR A 240 -27.75 -2.04 20.44
CA THR A 240 -28.59 -1.14 19.66
C THR A 240 -30.03 -1.64 19.58
N VAL A 241 -30.23 -2.96 19.55
CA VAL A 241 -31.59 -3.48 19.58
C VAL A 241 -32.19 -3.28 20.97
N ILE A 242 -31.40 -3.50 22.01
CA ILE A 242 -31.87 -3.24 23.37
C ILE A 242 -32.18 -1.75 23.54
N LEU A 243 -31.35 -0.89 22.93
CA LEU A 243 -31.61 0.54 22.97
C LEU A 243 -32.95 0.86 22.32
N SER A 244 -33.21 0.26 21.15
CA SER A 244 -34.48 0.52 20.46
C SER A 244 -35.67 0.08 21.30
N GLN A 245 -35.51 -0.98 22.09
CA GLN A 245 -36.61 -1.48 22.90
C GLN A 245 -36.90 -0.61 24.11
N VAL A 246 -35.94 0.23 24.51
CA VAL A 246 -36.20 1.19 25.58
C VAL A 246 -37.33 2.13 25.20
N SER A 247 -37.57 2.31 23.89
CA SER A 247 -38.66 3.17 23.44
C SER A 247 -39.98 2.75 24.06
N PHE A 248 -40.15 1.46 24.35
CA PHE A 248 -41.40 0.99 24.91
C PHE A 248 -41.66 1.59 26.29
N TRP A 249 -40.61 1.98 27.00
CA TRP A 249 -40.76 2.55 28.33
C TRP A 249 -41.17 4.01 28.32
N LEU A 250 -41.46 4.59 27.15
CA LEU A 250 -41.92 5.97 27.05
C LEU A 250 -43.39 6.01 26.67
N ASN A 251 -44.02 7.15 26.93
CA ASN A 251 -45.42 7.34 26.61
C ASN A 251 -45.60 7.75 25.17
N ARG A 252 -46.75 7.37 24.60
CA ARG A 252 -47.06 7.77 23.22
C ARG A 252 -47.15 9.28 23.09
N GLU A 253 -47.47 9.98 24.17
CA GLU A 253 -47.51 11.44 24.11
C GLU A 253 -46.17 12.01 23.65
N SER A 254 -45.07 11.36 24.02
CA SER A 254 -43.73 11.78 23.62
C SER A 254 -43.44 11.21 22.22
N VAL A 255 -44.20 11.71 21.25
CA VAL A 255 -44.09 11.20 19.89
C VAL A 255 -42.68 11.42 19.35
N ALA A 256 -42.17 12.64 19.46
CA ALA A 256 -40.83 12.92 18.97
C ALA A 256 -39.79 12.03 19.65
N ALA A 257 -39.90 11.88 20.96
CA ALA A 257 -38.97 11.03 21.69
C ALA A 257 -38.99 9.60 21.17
N ARG A 258 -40.18 9.00 21.11
CA ARG A 258 -40.29 7.63 20.59
C ARG A 258 -39.70 7.54 19.19
N THR A 259 -39.93 8.54 18.34
CA THR A 259 -39.38 8.53 17.00
C THR A 259 -37.85 8.55 17.04
N VAL A 260 -37.28 9.43 17.88
CA VAL A 260 -35.84 9.52 17.99
C VAL A 260 -35.24 8.16 18.29
N PHE A 261 -35.86 7.41 19.20
CA PHE A 261 -35.37 6.06 19.50
C PHE A 261 -35.33 5.21 18.24
N GLY A 262 -36.47 5.08 17.56
CA GLY A 262 -36.53 4.20 16.41
C GLY A 262 -35.70 4.71 15.25
N VAL A 263 -35.92 5.97 14.87
CA VAL A 263 -35.21 6.52 13.71
C VAL A 263 -33.70 6.41 13.90
N THR A 264 -33.23 6.64 15.12
CA THR A 264 -31.79 6.61 15.37
C THR A 264 -31.26 5.18 15.42
N THR A 265 -31.99 4.28 16.10
CA THR A 265 -31.50 2.92 16.25
C THR A 265 -31.53 2.14 14.94
N VAL A 266 -32.49 2.43 14.06
CA VAL A 266 -32.52 1.74 12.77
C VAL A 266 -31.30 2.13 11.95
N LEU A 267 -30.92 3.41 12.00
CA LEU A 267 -29.75 3.86 11.27
C LEU A 267 -28.46 3.46 11.97
N THR A 268 -28.45 3.50 13.31
CA THR A 268 -27.33 2.93 14.05
C THR A 268 -27.07 1.50 13.59
N MET A 269 -28.13 0.71 13.43
CA MET A 269 -27.98 -0.65 12.91
C MET A 269 -27.53 -0.62 11.46
N THR A 270 -28.03 0.33 10.67
CA THR A 270 -27.59 0.46 9.29
C THR A 270 -26.10 0.77 9.22
N THR A 271 -25.65 1.75 10.03
CA THR A 271 -24.25 2.13 10.01
C THR A 271 -23.38 0.99 10.50
N LEU A 272 -23.83 0.27 11.55
CA LEU A 272 -23.06 -0.87 12.02
C LEU A 272 -22.89 -1.90 10.92
N SER A 273 -23.93 -2.10 10.11
CA SER A 273 -23.81 -3.03 9.00
C SER A 273 -22.68 -2.55 8.10
N ILE A 274 -22.88 -1.42 7.43
CA ILE A 274 -21.90 -0.97 6.43
C ILE A 274 -20.49 -0.93 7.02
N SER A 275 -20.36 -0.47 8.27
CA SER A 275 -19.04 -0.47 8.91
C SER A 275 -18.49 -1.90 9.00
N ALA A 276 -19.29 -2.82 9.56
CA ALA A 276 -18.88 -4.20 9.65
C ALA A 276 -18.71 -4.82 8.26
N ARG A 277 -19.42 -4.27 7.27
CA ARG A 277 -19.44 -4.82 5.92
C ARG A 277 -18.26 -4.37 5.08
N ASN A 278 -17.61 -3.26 5.45
CA ASN A 278 -16.51 -2.74 4.65
C ASN A 278 -15.23 -3.57 4.81
N SER A 279 -14.95 -4.03 6.03
CA SER A 279 -13.67 -4.68 6.30
C SER A 279 -13.56 -6.10 5.76
N LEU A 280 -14.66 -6.71 5.35
CA LEU A 280 -14.61 -8.12 4.96
C LEU A 280 -14.45 -8.27 3.46
N PRO A 281 -14.08 -9.46 3.00
CA PRO A 281 -13.94 -9.69 1.55
C PRO A 281 -15.27 -9.50 0.83
N LYS A 282 -15.19 -8.98 -0.39
CA LYS A 282 -16.40 -8.69 -1.15
C LYS A 282 -17.00 -9.98 -1.71
N VAL A 283 -17.42 -10.87 -0.82
CA VAL A 283 -18.09 -12.10 -1.23
C VAL A 283 -19.55 -11.78 -1.52
N ALA A 284 -20.11 -12.46 -2.53
CA ALA A 284 -21.47 -12.22 -2.96
C ALA A 284 -22.48 -13.16 -2.30
N TYR A 285 -22.25 -13.55 -1.05
CA TYR A 285 -23.19 -14.38 -0.33
C TYR A 285 -23.18 -13.99 1.14
N ALA A 286 -24.29 -14.26 1.82
CA ALA A 286 -24.45 -13.88 3.21
C ALA A 286 -23.70 -14.84 4.14
N THR A 287 -23.17 -14.28 5.22
CA THR A 287 -22.47 -15.03 6.25
C THR A 287 -23.32 -15.09 7.52
N ALA A 288 -22.85 -15.90 8.48
CA ALA A 288 -23.56 -16.00 9.75
C ALA A 288 -23.67 -14.65 10.45
N MET A 289 -22.67 -13.78 10.24
CA MET A 289 -22.76 -12.43 10.80
C MET A 289 -23.80 -11.60 10.07
N ASP A 290 -23.90 -11.77 8.74
CA ASP A 290 -24.85 -10.98 7.98
C ASP A 290 -26.28 -11.24 8.44
N TRP A 291 -26.64 -12.51 8.63
CA TRP A 291 -27.98 -12.83 9.11
C TRP A 291 -28.22 -12.22 10.49
N PHE A 292 -27.24 -12.38 11.40
CA PHE A 292 -27.36 -11.78 12.72
C PHE A 292 -27.67 -10.29 12.62
N ILE A 293 -26.92 -9.57 11.79
CA ILE A 293 -27.19 -8.15 11.59
C ILE A 293 -28.59 -7.96 11.02
N ALA A 294 -29.01 -8.87 10.14
CA ALA A 294 -30.32 -8.75 9.52
C ALA A 294 -31.42 -8.84 10.57
N VAL A 295 -31.31 -9.80 11.50
CA VAL A 295 -32.34 -9.97 12.51
C VAL A 295 -32.34 -8.79 13.49
N CYS A 296 -31.15 -8.35 13.91
CA CYS A 296 -31.08 -7.17 14.77
C CYS A 296 -31.69 -5.95 14.10
N TYR A 297 -31.54 -5.82 12.78
CA TYR A 297 -32.21 -4.74 12.07
C TYR A 297 -33.73 -4.94 12.06
N ALA A 298 -34.18 -6.18 11.89
CA ALA A 298 -35.62 -6.44 11.93
C ALA A 298 -36.19 -6.12 13.31
N PHE A 299 -35.50 -6.52 14.37
CA PHE A 299 -35.98 -6.25 15.71
C PHE A 299 -36.01 -4.75 15.98
N VAL A 300 -34.97 -4.02 15.54
CA VAL A 300 -34.94 -2.59 15.75
C VAL A 300 -36.00 -1.91 14.89
N PHE A 301 -36.09 -2.30 13.61
CA PHE A 301 -37.10 -1.73 12.73
C PHE A 301 -38.50 -2.08 13.21
N SER A 302 -38.68 -3.31 13.72
CA SER A 302 -39.97 -3.70 14.27
C SER A 302 -40.35 -2.83 15.46
N ALA A 303 -39.39 -2.53 16.33
CA ALA A 303 -39.68 -1.67 17.48
C ALA A 303 -40.21 -0.32 17.04
N LEU A 304 -39.55 0.29 16.05
CA LEU A 304 -40.03 1.56 15.53
C LEU A 304 -41.40 1.41 14.88
N LEU A 305 -41.60 0.32 14.13
CA LEU A 305 -42.92 0.08 13.53
C LEU A 305 -43.98 -0.15 14.60
N GLU A 306 -43.59 -0.76 15.73
CA GLU A 306 -44.55 -0.96 16.82
C GLU A 306 -45.09 0.37 17.32
N PHE A 307 -44.22 1.34 17.54
CA PHE A 307 -44.68 2.65 17.99
C PHE A 307 -45.55 3.33 16.94
N ALA A 308 -45.17 3.23 15.67
CA ALA A 308 -45.97 3.85 14.61
C ALA A 308 -47.40 3.31 14.61
N PHE A 309 -47.56 2.01 14.88
CA PHE A 309 -48.90 1.43 14.95
C PHE A 309 -49.61 1.90 16.21
N VAL A 310 -48.93 1.85 17.35
CA VAL A 310 -49.54 2.29 18.61
C VAL A 310 -49.96 3.75 18.51
N ASN A 311 -49.08 4.60 17.98
CA ASN A 311 -49.41 6.01 17.85
C ASN A 311 -50.52 6.26 16.83
N TYR A 312 -50.73 5.33 15.90
CA TYR A 312 -51.78 5.51 14.90
C TYR A 312 -53.16 5.18 15.45
N ILE A 313 -53.24 4.27 16.43
CA ILE A 313 -54.52 3.86 17.00
C ILE A 313 -54.71 4.36 18.42
N THR A 314 -53.77 5.15 18.95
CA THR A 314 -53.90 5.63 20.31
C THR A 314 -55.12 6.54 20.46
N LYS A 315 -55.54 7.19 19.38
CA LYS A 315 -56.69 8.09 19.43
C LYS A 315 -58.00 7.31 19.37
N SER A 316 -58.04 6.25 18.56
CA SER A 316 -59.27 5.49 18.37
C SER A 316 -59.38 4.30 19.33
N GLN A 317 -58.27 3.65 19.65
CA GLN A 317 -58.26 2.47 20.50
C GLN A 317 -57.19 2.61 21.57
N PRO A 318 -57.31 3.61 22.43
CA PRO A 318 -56.28 3.82 23.46
C PRO A 318 -56.08 2.61 24.37
N ALA A 319 -57.12 1.80 24.59
CA ALA A 319 -56.95 0.60 25.40
C ALA A 319 -56.09 -0.43 24.69
N ARG A 320 -56.29 -0.60 23.39
CA ARG A 320 -55.48 -1.54 22.62
C ARG A 320 -54.07 -1.01 22.41
N ALA A 321 -53.95 0.27 22.04
CA ALA A 321 -52.64 0.85 21.80
C ALA A 321 -51.77 0.80 23.05
N ALA A 322 -52.33 1.12 24.22
CA ALA A 322 -51.53 1.11 25.44
C ALA A 322 -51.13 -0.30 25.84
N LYS A 323 -52.04 -1.27 25.72
CA LYS A 323 -51.74 -2.62 26.17
C LYS A 323 -50.61 -3.24 25.34
N ILE A 324 -50.61 -3.02 24.02
CA ILE A 324 -49.60 -3.67 23.19
C ILE A 324 -48.22 -3.10 23.50
N ASP A 325 -48.16 -1.85 23.97
CA ASP A 325 -46.89 -1.31 24.44
C ASP A 325 -46.41 -2.05 25.68
N LYS A 326 -47.34 -2.55 26.51
CA LYS A 326 -46.97 -3.26 27.72
C LYS A 326 -46.48 -4.66 27.42
N MET A 327 -47.01 -5.31 26.38
CA MET A 327 -46.53 -6.64 26.01
C MET A 327 -45.27 -6.56 25.15
N SER A 328 -45.14 -5.50 24.34
CA SER A 328 -43.95 -5.35 23.52
C SER A 328 -42.69 -5.33 24.38
N ARG A 329 -42.83 -4.92 25.64
CA ARG A 329 -41.67 -4.89 26.52
C ARG A 329 -41.17 -6.27 26.87
N ILE A 330 -42.03 -7.28 26.82
CA ILE A 330 -41.66 -8.63 27.22
C ILE A 330 -41.53 -9.58 26.04
N VAL A 331 -42.26 -9.34 24.95
CA VAL A 331 -42.13 -10.23 23.79
C VAL A 331 -40.88 -9.90 22.99
N PHE A 332 -40.58 -8.62 22.80
CA PHE A 332 -39.38 -8.26 22.04
C PHE A 332 -38.11 -8.77 22.70
N PRO A 333 -37.82 -8.44 23.97
CA PRO A 333 -36.58 -8.97 24.57
C PRO A 333 -36.52 -10.48 24.59
N ILE A 334 -37.61 -11.14 24.97
CA ILE A 334 -37.62 -12.60 25.00
C ILE A 334 -37.46 -13.16 23.58
N LEU A 335 -38.25 -12.62 22.64
CA LEU A 335 -38.16 -13.09 21.26
C LEU A 335 -36.78 -12.83 20.66
N PHE A 336 -36.10 -11.78 21.12
CA PHE A 336 -34.72 -11.56 20.70
C PHE A 336 -33.75 -12.40 21.52
N GLY A 337 -33.95 -12.46 22.84
CA GLY A 337 -33.11 -13.32 23.65
C GLY A 337 -33.16 -14.77 23.21
N THR A 338 -34.36 -15.23 22.81
CA THR A 338 -34.48 -16.58 22.28
C THR A 338 -33.77 -16.70 20.93
N PHE A 339 -33.77 -15.61 20.14
CA PHE A 339 -33.06 -15.63 18.87
C PHE A 339 -31.56 -15.77 19.08
N ASN A 340 -31.01 -15.02 20.04
CA ASN A 340 -29.59 -15.15 20.34
C ASN A 340 -29.26 -16.55 20.85
N LEU A 341 -30.12 -17.10 21.70
CA LEU A 341 -29.90 -18.45 22.21
C LEU A 341 -29.80 -19.46 21.08
N VAL A 342 -30.73 -19.41 20.13
CA VAL A 342 -30.69 -20.34 19.00
C VAL A 342 -29.53 -20.00 18.07
N TYR A 343 -29.26 -18.71 17.87
CA TYR A 343 -28.18 -18.31 16.97
C TYR A 343 -26.83 -18.83 17.48
N TRP A 344 -26.47 -18.45 18.70
CA TRP A 344 -25.15 -18.81 19.22
C TRP A 344 -25.00 -20.31 19.41
N ALA A 345 -26.09 -21.01 19.75
CA ALA A 345 -26.01 -22.46 19.89
C ALA A 345 -25.82 -23.15 18.54
N THR A 346 -26.45 -22.60 17.49
CA THR A 346 -26.38 -23.24 16.18
C THR A 346 -24.96 -23.27 15.64
N TYR A 347 -24.31 -22.10 15.60
CA TYR A 347 -23.01 -21.99 14.95
C TYR A 347 -21.83 -22.37 15.84
N LEU A 348 -22.07 -22.68 17.12
CA LEU A 348 -20.97 -23.06 18.00
C LEU A 348 -20.73 -24.57 17.99
N ASN A 349 -21.79 -25.37 17.94
CA ASN A 349 -21.66 -26.82 17.90
C ASN A 349 -20.92 -27.25 16.64
N PRO B 23 53.70 0.49 -1.61
CA PRO B 23 52.46 0.52 -0.82
C PRO B 23 51.27 -0.06 -1.56
N GLU B 24 50.84 0.59 -2.65
CA GLU B 24 49.73 0.06 -3.43
CA GLU B 24 49.73 0.06 -3.43
C GLU B 24 50.11 -1.25 -4.11
N GLY B 25 51.26 -1.28 -4.78
CA GLY B 25 51.68 -2.50 -5.44
C GLY B 25 51.91 -3.65 -4.47
N ASP B 26 52.53 -3.35 -3.32
CA ASP B 26 52.74 -4.37 -2.30
C ASP B 26 51.40 -4.99 -1.88
N VAL B 27 50.45 -4.14 -1.51
CA VAL B 27 49.16 -4.65 -1.03
C VAL B 27 48.47 -5.45 -2.12
N THR B 28 48.58 -5.01 -3.38
CA THR B 28 47.95 -5.74 -4.48
C THR B 28 48.48 -7.16 -4.54
N VAL B 29 49.77 -7.35 -4.31
CA VAL B 29 50.34 -8.69 -4.35
C VAL B 29 49.95 -9.49 -3.11
N ILE B 30 49.84 -8.83 -1.95
CA ILE B 30 49.42 -9.54 -0.74
C ILE B 30 48.02 -10.11 -0.91
N LEU B 31 47.14 -9.35 -1.58
CA LEU B 31 45.78 -9.83 -1.79
C LEU B 31 45.75 -10.96 -2.82
N ASN B 32 46.47 -10.79 -3.93
CA ASN B 32 46.48 -11.82 -4.95
C ASN B 32 47.09 -13.12 -4.43
N ASN B 33 48.08 -13.04 -3.54
CA ASN B 33 48.72 -14.22 -3.00
C ASN B 33 47.86 -14.92 -1.94
N LEU B 34 46.84 -14.26 -1.42
CA LEU B 34 45.94 -14.87 -0.45
C LEU B 34 44.66 -15.42 -1.08
N LEU B 35 44.44 -15.17 -2.38
CA LEU B 35 43.22 -15.60 -3.05
C LEU B 35 43.46 -16.63 -4.15
N GLU B 36 44.71 -16.93 -4.48
CA GLU B 36 44.97 -17.88 -5.56
C GLU B 36 44.46 -19.27 -5.20
N GLY B 37 44.92 -19.82 -4.08
CA GLY B 37 44.49 -21.13 -3.65
C GLY B 37 43.46 -21.10 -2.56
N TYR B 38 42.58 -20.11 -2.59
CA TYR B 38 41.55 -19.93 -1.57
C TYR B 38 40.23 -20.53 -2.03
N ASP B 39 39.47 -21.04 -1.06
CA ASP B 39 38.19 -21.70 -1.32
C ASP B 39 37.11 -20.97 -0.54
N ASN B 40 36.36 -20.11 -1.23
CA ASN B 40 35.23 -19.44 -0.61
C ASN B 40 34.22 -20.45 -0.07
N LYS B 41 34.07 -21.58 -0.74
CA LYS B 41 33.05 -22.57 -0.42
C LYS B 41 33.41 -23.42 0.79
N LEU B 42 34.48 -23.09 1.50
CA LEU B 42 34.98 -23.90 2.60
C LEU B 42 35.25 -23.00 3.80
N ARG B 43 34.72 -23.38 4.95
CA ARG B 43 34.92 -22.56 6.14
C ARG B 43 36.30 -22.82 6.73
N PRO B 44 36.90 -21.81 7.37
CA PRO B 44 38.16 -22.05 8.08
C PRO B 44 37.92 -22.91 9.31
N ASP B 45 38.98 -23.63 9.72
CA ASP B 45 38.89 -24.56 10.84
C ASP B 45 37.90 -25.67 10.55
N ILE B 46 37.84 -26.11 9.30
CA ILE B 46 36.96 -27.20 8.90
C ILE B 46 37.57 -28.51 9.39
N GLY B 47 36.86 -29.20 10.27
CA GLY B 47 37.36 -30.42 10.85
C GLY B 47 38.46 -30.25 11.87
N VAL B 48 38.89 -29.02 12.13
CA VAL B 48 39.98 -28.74 13.07
C VAL B 48 39.44 -28.19 14.38
N LYS B 49 38.62 -27.14 14.32
CA LYS B 49 38.12 -26.50 15.52
C LYS B 49 36.88 -25.70 15.14
N PRO B 50 36.14 -25.19 16.14
CA PRO B 50 34.98 -24.34 15.82
C PRO B 50 35.36 -22.87 15.71
N THR B 51 35.08 -22.27 14.56
CA THR B 51 35.40 -20.86 14.36
C THR B 51 34.61 -20.00 15.35
N LEU B 52 35.31 -19.15 16.09
CA LEU B 52 34.69 -18.26 17.06
C LEU B 52 34.41 -16.91 16.41
N ILE B 53 33.17 -16.45 16.52
CA ILE B 53 32.72 -15.22 15.91
C ILE B 53 32.33 -14.27 17.03
N HIS B 54 33.11 -13.22 17.22
CA HIS B 54 32.82 -12.18 18.21
C HIS B 54 31.92 -11.14 17.56
N THR B 55 30.66 -11.10 17.97
CA THR B 55 29.67 -10.24 17.33
C THR B 55 29.42 -8.98 18.14
N ASP B 56 29.07 -7.91 17.44
CA ASP B 56 28.71 -6.64 18.03
C ASP B 56 27.59 -6.04 17.19
N MET B 57 26.88 -5.06 17.76
CA MET B 57 25.73 -4.49 17.08
C MET B 57 25.55 -3.03 17.49
N TYR B 58 25.23 -2.19 16.51
CA TYR B 58 24.91 -0.78 16.73
C TYR B 58 23.58 -0.49 16.07
N VAL B 59 22.57 -0.18 16.88
CA VAL B 59 21.24 0.12 16.36
C VAL B 59 21.22 1.59 15.92
N ASN B 60 20.94 1.81 14.63
CA ASN B 60 20.80 3.17 14.13
C ASN B 60 19.44 3.75 14.52
N SER B 61 18.38 2.97 14.36
CA SER B 61 17.04 3.46 14.67
C SER B 61 16.16 2.27 14.98
N ILE B 62 15.05 2.54 15.67
CA ILE B 62 13.99 1.56 15.92
C ILE B 62 12.77 2.04 15.15
N GLY B 63 12.43 1.33 14.08
CA GLY B 63 11.38 1.76 13.19
C GLY B 63 10.00 1.57 13.77
N PRO B 64 8.98 1.73 12.93
CA PRO B 64 7.60 1.62 13.43
C PRO B 64 7.28 0.21 13.89
N VAL B 65 6.60 0.12 15.03
CA VAL B 65 6.10 -1.15 15.55
C VAL B 65 4.73 -1.40 14.92
N ASN B 66 4.54 -2.61 14.38
CA ASN B 66 3.31 -2.97 13.67
C ASN B 66 2.68 -4.16 14.38
N ALA B 67 1.91 -3.87 15.43
CA ALA B 67 1.20 -4.92 16.15
C ALA B 67 0.17 -5.63 15.28
N ILE B 68 -0.18 -5.06 14.13
CA ILE B 68 -1.13 -5.70 13.24
C ILE B 68 -0.55 -7.01 12.70
N ASN B 69 0.68 -6.96 12.18
CA ASN B 69 1.39 -8.16 11.76
C ASN B 69 2.37 -8.65 12.82
N MET B 70 2.31 -8.09 14.03
CA MET B 70 3.17 -8.51 15.14
C MET B 70 4.64 -8.52 14.70
N GLU B 71 5.12 -7.34 14.32
CA GLU B 71 6.49 -7.19 13.85
C GLU B 71 6.99 -5.80 14.23
N TYR B 72 8.23 -5.52 13.86
CA TYR B 72 8.82 -4.20 14.09
C TYR B 72 10.06 -4.07 13.22
N THR B 73 10.40 -2.83 12.88
CA THR B 73 11.54 -2.52 12.03
C THR B 73 12.72 -2.06 12.88
N ILE B 74 13.93 -2.35 12.39
CA ILE B 74 15.15 -2.01 13.11
C ILE B 74 16.27 -1.82 12.09
N ASP B 75 17.09 -0.79 12.32
CA ASP B 75 18.21 -0.45 11.46
C ASP B 75 19.48 -0.54 12.28
N ILE B 76 20.43 -1.36 11.84
CA ILE B 76 21.61 -1.68 12.62
C ILE B 76 22.85 -1.75 11.73
N PHE B 77 24.01 -1.58 12.37
CA PHE B 77 25.31 -1.97 11.81
C PHE B 77 25.71 -3.26 12.51
N PHE B 78 25.55 -4.40 11.84
CA PHE B 78 25.86 -5.70 12.41
C PHE B 78 27.26 -6.13 11.99
N ALA B 79 28.01 -6.71 12.93
CA ALA B 79 29.40 -7.05 12.71
C ALA B 79 29.70 -8.47 13.18
N GLN B 80 30.62 -9.12 12.47
CA GLN B 80 31.10 -10.45 12.81
C GLN B 80 32.62 -10.45 12.64
N THR B 81 33.32 -11.01 13.61
CA THR B 81 34.78 -11.06 13.58
C THR B 81 35.23 -12.48 13.91
N TRP B 82 35.81 -13.15 12.92
CA TRP B 82 36.35 -14.50 13.08
C TRP B 82 37.82 -14.50 12.67
N TYR B 83 38.50 -15.61 12.97
CA TYR B 83 39.88 -15.83 12.59
C TYR B 83 39.93 -16.83 11.43
N ASP B 84 40.63 -16.46 10.36
CA ASP B 84 40.83 -17.33 9.20
C ASP B 84 42.33 -17.51 8.99
N ARG B 85 42.80 -18.75 9.13
CA ARG B 85 44.22 -19.01 9.01
C ARG B 85 44.74 -18.63 7.63
N ARG B 86 43.96 -18.91 6.58
CA ARG B 86 44.42 -18.73 5.22
C ARG B 86 44.73 -17.28 4.88
N LEU B 87 44.40 -16.34 5.76
CA LEU B 87 44.55 -14.91 5.48
C LEU B 87 45.69 -14.29 6.29
N LYS B 88 46.71 -15.07 6.63
CA LYS B 88 47.87 -14.55 7.34
C LYS B 88 48.87 -14.01 6.34
N PHE B 89 49.35 -12.79 6.60
CA PHE B 89 50.30 -12.12 5.72
C PHE B 89 51.36 -11.41 6.55
N ASN B 90 52.60 -11.50 6.09
CA ASN B 90 53.72 -10.80 6.72
C ASN B 90 53.97 -9.51 5.95
N SER B 91 53.95 -8.38 6.66
CA SER B 91 54.18 -7.09 6.03
C SER B 91 54.37 -6.05 7.13
N THR B 92 54.73 -4.84 6.71
CA THR B 92 54.93 -3.75 7.66
C THR B 92 53.62 -3.11 8.09
N ILE B 93 52.62 -3.11 7.20
CA ILE B 93 51.35 -2.48 7.52
C ILE B 93 50.59 -3.32 8.54
N LYS B 94 49.74 -2.64 9.32
CA LYS B 94 48.98 -3.32 10.36
C LYS B 94 47.70 -3.94 9.82
N VAL B 95 46.86 -3.13 9.16
CA VAL B 95 45.55 -3.58 8.71
C VAL B 95 45.38 -3.25 7.24
N LEU B 96 44.51 -4.02 6.58
CA LEU B 96 44.15 -3.80 5.18
C LEU B 96 42.71 -3.28 5.14
N ARG B 97 42.57 -1.96 5.32
CA ARG B 97 41.25 -1.33 5.25
C ARG B 97 40.72 -1.43 3.82
N LEU B 98 39.72 -2.27 3.61
CA LEU B 98 39.18 -2.56 2.29
C LEU B 98 37.68 -2.32 2.28
N ASN B 99 37.09 -2.41 1.10
CA ASN B 99 35.67 -2.22 0.91
C ASN B 99 34.98 -3.59 0.77
N SER B 100 33.74 -3.58 0.30
CA SER B 100 32.93 -4.80 0.23
C SER B 100 33.34 -5.74 -0.90
N ASN B 101 34.16 -5.29 -1.84
CA ASN B 101 34.50 -6.11 -2.99
C ASN B 101 35.21 -7.40 -2.61
N MET B 102 35.70 -7.52 -1.37
CA MET B 102 36.42 -8.70 -0.92
C MET B 102 35.55 -9.68 -0.13
N VAL B 103 34.35 -9.27 0.29
CA VAL B 103 33.54 -10.16 1.11
C VAL B 103 33.10 -11.38 0.30
N GLY B 104 32.89 -11.22 -1.00
CA GLY B 104 32.50 -12.34 -1.83
C GLY B 104 33.63 -13.26 -2.21
N LYS B 105 34.87 -12.81 -2.05
CA LYS B 105 36.05 -13.61 -2.39
C LYS B 105 36.74 -14.18 -1.17
N ILE B 106 36.10 -14.13 0.00
CA ILE B 106 36.57 -14.82 1.19
C ILE B 106 35.38 -15.59 1.77
N TRP B 107 35.67 -16.42 2.78
CA TRP B 107 34.61 -17.14 3.47
C TRP B 107 33.88 -16.21 4.42
N ILE B 108 32.54 -16.30 4.41
CA ILE B 108 31.71 -15.45 5.26
C ILE B 108 30.72 -16.35 6.00
N PRO B 109 30.50 -16.13 7.30
CA PRO B 109 29.50 -16.93 8.01
C PRO B 109 28.14 -16.83 7.35
N ASP B 110 27.36 -17.91 7.48
CA ASP B 110 25.99 -17.95 6.95
C ASP B 110 24.99 -17.43 7.98
N THR B 111 25.34 -16.38 8.70
CA THR B 111 24.47 -15.87 9.76
C THR B 111 23.12 -15.47 9.19
N PHE B 112 22.05 -15.94 9.83
CA PHE B 112 20.69 -15.60 9.45
C PHE B 112 19.89 -15.33 10.71
N PHE B 113 18.77 -14.62 10.55
CA PHE B 113 17.95 -14.17 11.66
C PHE B 113 16.72 -15.05 11.76
N ARG B 114 16.52 -15.66 12.93
CA ARG B 114 15.53 -16.72 13.11
C ARG B 114 14.11 -16.20 13.23
N ASN B 115 13.91 -14.93 13.59
CA ASN B 115 12.57 -14.37 13.72
C ASN B 115 12.35 -13.18 12.78
N SER B 116 13.17 -13.05 11.76
CA SER B 116 13.05 -11.94 10.82
C SER B 116 11.98 -12.27 9.77
N LYS B 117 11.03 -11.35 9.57
CA LYS B 117 10.06 -11.52 8.50
C LYS B 117 10.69 -11.16 7.15
N LYS B 118 11.49 -10.11 7.11
CA LYS B 118 12.31 -9.80 5.94
C LYS B 118 13.54 -9.03 6.40
N ALA B 119 14.64 -9.21 5.69
CA ALA B 119 15.90 -8.54 5.99
C ALA B 119 16.47 -7.98 4.71
N ASP B 120 16.86 -6.69 4.75
CA ASP B 120 17.36 -6.00 3.58
C ASP B 120 18.71 -5.36 3.88
N ALA B 121 19.53 -5.24 2.84
CA ALA B 121 20.81 -4.57 2.90
C ALA B 121 20.72 -3.22 2.20
N HIS B 122 21.78 -2.43 2.32
CA HIS B 122 21.84 -1.08 1.78
C HIS B 122 22.88 -1.04 0.66
N TRP B 123 22.45 -0.64 -0.53
CA TRP B 123 23.28 -0.71 -1.72
C TRP B 123 23.68 0.66 -2.27
N ILE B 124 23.32 1.75 -1.60
CA ILE B 124 23.65 3.10 -2.03
C ILE B 124 24.64 3.70 -1.05
N THR B 125 25.74 4.28 -1.56
CA THR B 125 26.12 4.39 -2.97
C THR B 125 26.78 3.09 -3.43
N THR B 126 27.40 2.41 -2.49
CA THR B 126 28.02 1.10 -2.69
C THR B 126 27.44 0.15 -1.67
N PRO B 127 27.69 -1.16 -1.82
CA PRO B 127 27.23 -2.11 -0.78
C PRO B 127 27.73 -1.69 0.59
N ASN B 128 26.82 -1.47 1.54
CA ASN B 128 27.16 -0.87 2.82
C ASN B 128 27.79 -1.92 3.72
N ARG B 129 29.01 -2.32 3.35
CA ARG B 129 29.77 -3.33 4.06
C ARG B 129 31.23 -2.95 4.05
N MET B 130 31.96 -3.35 5.10
CA MET B 130 33.39 -3.13 5.18
C MET B 130 34.07 -4.43 5.59
N LEU B 131 35.29 -4.64 5.09
CA LEU B 131 36.10 -5.80 5.40
C LEU B 131 37.48 -5.33 5.82
N ARG B 132 37.91 -5.72 7.02
CA ARG B 132 39.21 -5.35 7.56
C ARG B 132 39.96 -6.64 7.91
N ILE B 133 41.23 -6.71 7.52
CA ILE B 133 42.04 -7.91 7.74
C ILE B 133 43.32 -7.50 8.43
N TRP B 134 43.71 -8.29 9.44
CA TRP B 134 44.91 -8.06 10.23
C TRP B 134 45.99 -9.08 9.84
N ASN B 135 47.23 -8.75 10.21
CA ASN B 135 48.33 -9.68 9.99
C ASN B 135 48.08 -11.02 10.65
N ASP B 136 47.31 -11.03 11.74
CA ASP B 136 47.10 -12.25 12.51
C ASP B 136 46.16 -13.22 11.80
N GLY B 137 45.41 -12.77 10.81
CA GLY B 137 44.35 -13.54 10.22
C GLY B 137 42.96 -13.18 10.71
N ARG B 138 42.86 -12.21 11.62
CA ARG B 138 41.56 -11.75 12.08
C ARG B 138 40.88 -10.92 11.01
N VAL B 139 39.56 -11.08 10.90
CA VAL B 139 38.76 -10.40 9.89
C VAL B 139 37.61 -9.69 10.58
N LEU B 140 37.40 -8.43 10.23
CA LEU B 140 36.25 -7.66 10.72
C LEU B 140 35.32 -7.41 9.54
N TYR B 141 34.10 -7.93 9.64
CA TYR B 141 33.09 -7.82 8.59
C TYR B 141 31.80 -7.31 9.20
N THR B 142 31.39 -6.10 8.84
CA THR B 142 30.17 -5.50 9.36
C THR B 142 29.39 -4.89 8.20
N LEU B 143 28.08 -5.15 8.18
CA LEU B 143 27.22 -4.69 7.09
C LEU B 143 26.00 -3.98 7.67
N ARG B 144 25.55 -2.94 6.98
CA ARG B 144 24.32 -2.26 7.35
C ARG B 144 23.11 -3.11 6.98
N LEU B 145 22.12 -3.14 7.87
CA LEU B 145 20.94 -3.95 7.66
C LEU B 145 19.70 -3.25 8.21
N THR B 146 18.56 -3.51 7.56
CA THR B 146 17.25 -3.16 8.07
C THR B 146 16.42 -4.43 8.12
N ILE B 147 15.78 -4.68 9.26
CA ILE B 147 15.13 -5.95 9.54
C ILE B 147 13.70 -5.71 9.99
N ASP B 148 12.79 -6.55 9.54
CA ASP B 148 11.40 -6.58 10.01
C ASP B 148 11.23 -7.86 10.83
N ALA B 149 11.50 -7.77 12.12
CA ALA B 149 11.46 -8.93 13.00
C ALA B 149 10.07 -9.14 13.56
N GLU B 150 9.68 -10.40 13.71
CA GLU B 150 8.39 -10.75 14.30
C GLU B 150 8.48 -10.66 15.81
N CYS B 151 7.55 -9.92 16.42
CA CYS B 151 7.44 -9.83 17.87
C CYS B 151 5.97 -9.96 18.24
N GLN B 152 5.58 -11.12 18.76
CA GLN B 152 4.21 -11.26 19.25
C GLN B 152 4.03 -10.39 20.48
N LEU B 153 2.92 -9.65 20.52
CA LEU B 153 2.68 -8.64 21.54
C LEU B 153 1.45 -9.02 22.34
N GLN B 154 1.61 -9.14 23.67
CA GLN B 154 0.49 -9.36 24.58
C GLN B 154 -0.05 -8.00 25.02
N LEU B 155 -0.74 -7.34 24.10
CA LEU B 155 -1.27 -6.00 24.36
C LEU B 155 -2.61 -6.12 25.07
N HIS B 156 -2.55 -6.63 26.32
CA HIS B 156 -3.72 -6.73 27.17
C HIS B 156 -3.88 -5.51 28.06
N ASN B 157 -2.77 -4.97 28.56
CA ASN B 157 -2.77 -3.72 29.31
C ASN B 157 -2.77 -2.50 28.40
N PHE B 158 -3.00 -2.69 27.10
CA PHE B 158 -2.97 -1.58 26.15
C PHE B 158 -3.98 -0.51 26.56
N PRO B 159 -3.61 0.79 26.50
CA PRO B 159 -2.33 1.36 26.05
C PRO B 159 -1.33 1.50 27.19
N MET B 160 -1.48 0.69 28.24
CA MET B 160 -0.62 0.74 29.41
C MET B 160 0.14 -0.57 29.49
N ASP B 161 0.68 -1.02 28.36
CA ASP B 161 1.30 -2.32 28.22
C ASP B 161 2.82 -2.19 28.11
N GLU B 162 3.52 -3.22 28.59
CA GLU B 162 4.97 -3.29 28.55
C GLU B 162 5.36 -4.54 27.76
N HIS B 163 6.30 -4.38 26.82
CA HIS B 163 6.70 -5.47 25.95
C HIS B 163 8.22 -5.52 25.81
N SER B 164 8.73 -6.72 25.56
CA SER B 164 10.13 -6.94 25.20
C SER B 164 10.15 -7.76 23.91
N CYS B 165 10.91 -7.32 22.92
CA CYS B 165 10.92 -7.94 21.60
C CYS B 165 12.31 -8.45 21.25
N PRO B 166 12.42 -9.68 20.74
CA PRO B 166 13.75 -10.25 20.49
C PRO B 166 14.22 -10.05 19.05
N LEU B 167 15.48 -10.44 18.81
CA LEU B 167 16.06 -10.45 17.48
C LEU B 167 17.06 -11.61 17.45
N GLU B 168 16.55 -12.80 17.13
CA GLU B 168 17.35 -14.02 17.15
C GLU B 168 18.14 -14.17 15.85
N PHE B 169 19.37 -14.66 15.96
CA PHE B 169 20.18 -14.94 14.79
C PHE B 169 21.18 -16.05 15.14
N SER B 170 21.36 -16.99 14.21
CA SER B 170 22.29 -18.08 14.39
C SER B 170 22.83 -18.48 13.04
N SER B 171 23.70 -19.49 13.02
CA SER B 171 24.16 -20.05 11.76
C SER B 171 23.06 -20.89 11.12
N TYR B 172 22.98 -20.85 9.80
CA TYR B 172 21.95 -21.60 9.10
C TYR B 172 22.37 -23.05 8.86
N GLY B 173 23.67 -23.30 8.69
CA GLY B 173 24.12 -24.62 8.28
C GLY B 173 25.31 -25.19 9.02
N TYR B 174 25.90 -24.42 9.93
CA TYR B 174 27.06 -24.84 10.70
C TYR B 174 26.68 -24.86 12.18
N PRO B 175 26.28 -26.03 12.70
CA PRO B 175 25.84 -26.09 14.11
C PRO B 175 26.95 -25.72 15.09
N ARG B 176 26.75 -26.10 16.35
CA ARG B 176 27.68 -25.71 17.40
C ARG B 176 29.08 -26.27 17.14
N GLU B 177 29.16 -27.50 16.63
CA GLU B 177 30.46 -28.11 16.43
C GLU B 177 31.31 -27.32 15.44
N GLU B 178 30.68 -26.74 14.42
CA GLU B 178 31.42 -26.06 13.35
C GLU B 178 31.54 -24.56 13.60
N ILE B 179 30.46 -23.90 14.01
CA ILE B 179 30.47 -22.46 14.25
C ILE B 179 29.90 -22.17 15.63
N VAL B 180 30.44 -21.13 16.27
CA VAL B 180 29.98 -20.67 17.57
C VAL B 180 30.02 -19.14 17.57
N TYR B 181 29.10 -18.55 18.34
CA TYR B 181 29.00 -17.10 18.45
C TYR B 181 29.16 -16.67 19.91
N GLN B 182 29.64 -15.44 20.08
CA GLN B 182 29.69 -14.80 21.40
C GLN B 182 29.88 -13.31 21.18
N TRP B 183 29.52 -12.53 22.18
CA TRP B 183 29.54 -11.08 22.05
C TRP B 183 30.86 -10.50 22.57
N LYS B 184 30.97 -9.18 22.51
CA LYS B 184 32.03 -8.43 23.16
C LYS B 184 31.49 -7.84 24.47
N ARG B 185 32.25 -6.93 25.08
CA ARG B 185 31.70 -6.13 26.16
C ARG B 185 30.88 -4.97 25.62
N SER B 186 31.20 -4.50 24.41
CA SER B 186 30.35 -3.56 23.69
C SER B 186 29.23 -4.33 22.99
N SER B 187 28.50 -5.15 23.74
CA SER B 187 27.53 -6.06 23.14
C SER B 187 26.60 -5.32 22.19
N VAL B 188 26.03 -4.20 22.64
CA VAL B 188 25.15 -3.39 21.80
C VAL B 188 25.43 -1.92 22.10
N GLU B 189 25.19 -1.08 21.10
CA GLU B 189 25.45 0.35 21.19
C GLU B 189 24.34 1.10 20.47
N VAL B 190 23.58 1.89 21.20
CA VAL B 190 22.42 2.60 20.65
C VAL B 190 22.86 3.98 20.19
N GLY B 191 22.17 4.49 19.18
CA GLY B 191 22.44 5.79 18.63
C GLY B 191 21.53 6.87 19.17
N ASP B 192 21.46 7.99 18.46
CA ASP B 192 20.63 9.10 18.89
C ASP B 192 19.16 8.69 18.91
N THR B 193 18.53 8.81 20.09
CA THR B 193 17.16 8.35 20.24
C THR B 193 16.14 9.27 19.60
N ARG B 194 16.50 10.53 19.33
CA ARG B 194 15.54 11.45 18.73
C ARG B 194 15.26 11.08 17.28
N SER B 195 16.29 10.65 16.55
CA SER B 195 16.08 10.22 15.17
C SER B 195 15.12 9.03 15.10
N TRP B 196 15.06 8.22 16.15
CA TRP B 196 14.25 7.02 16.14
C TRP B 196 12.78 7.38 16.01
N ARG B 197 12.10 6.71 15.06
CA ARG B 197 10.68 6.95 14.81
C ARG B 197 9.87 5.96 15.64
N LEU B 198 9.74 6.26 16.93
CA LEU B 198 8.89 5.50 17.84
C LEU B 198 7.95 6.50 18.52
N TYR B 199 6.74 6.63 17.99
CA TYR B 199 5.80 7.59 18.55
C TYR B 199 5.19 7.07 19.85
N GLN B 200 4.59 5.88 19.80
CA GLN B 200 3.81 5.36 20.91
C GLN B 200 4.64 4.62 21.94
N PHE B 201 5.92 4.37 21.67
CA PHE B 201 6.78 3.63 22.59
C PHE B 201 8.02 4.46 22.91
N SER B 202 8.70 4.08 23.99
CA SER B 202 9.91 4.76 24.45
C SER B 202 10.96 3.71 24.78
N PHE B 203 12.12 3.81 24.12
CA PHE B 203 13.19 2.83 24.32
C PHE B 203 13.75 2.94 25.73
N VAL B 204 13.76 1.81 26.45
CA VAL B 204 14.20 1.76 27.84
C VAL B 204 15.31 0.73 28.03
N GLY B 205 15.08 -0.50 27.58
CA GLY B 205 15.99 -1.59 27.89
C GLY B 205 16.61 -2.27 26.70
N LEU B 206 17.71 -3.01 26.94
CA LEU B 206 18.41 -3.73 25.87
C LEU B 206 19.27 -4.79 26.54
N ARG B 207 18.98 -6.06 26.26
CA ARG B 207 19.71 -7.16 26.88
C ARG B 207 20.05 -8.20 25.82
N ASN B 208 21.09 -8.98 26.13
CA ASN B 208 21.64 -9.98 25.23
C ASN B 208 21.59 -11.35 25.88
N THR B 209 21.51 -12.39 25.04
CA THR B 209 21.45 -13.76 25.53
C THR B 209 22.09 -14.70 24.53
N THR B 210 22.79 -15.70 25.04
CA THR B 210 23.37 -16.79 24.25
C THR B 210 22.74 -18.10 24.70
N GLU B 211 22.59 -19.02 23.76
CA GLU B 211 21.98 -20.31 24.07
C GLU B 211 22.21 -21.25 22.88
N VAL B 212 21.81 -22.50 23.08
CA VAL B 212 21.92 -23.54 22.06
C VAL B 212 20.58 -24.26 21.98
N VAL B 213 19.93 -24.17 20.83
CA VAL B 213 18.63 -24.80 20.61
C VAL B 213 18.84 -26.08 19.81
N LYS B 214 18.19 -27.15 20.24
CA LYS B 214 18.31 -28.44 19.58
C LYS B 214 17.22 -28.62 18.54
N THR B 215 17.59 -29.18 17.39
CA THR B 215 16.66 -29.40 16.30
C THR B 215 17.09 -30.66 15.56
N THR B 216 16.37 -30.98 14.47
CA THR B 216 16.69 -32.17 13.69
C THR B 216 17.99 -31.98 12.92
N SER B 217 18.14 -30.86 12.24
CA SER B 217 19.34 -30.59 11.46
C SER B 217 20.59 -30.43 12.33
N GLY B 218 20.43 -30.30 13.64
CA GLY B 218 21.55 -30.17 14.54
C GLY B 218 21.21 -29.28 15.71
N ASP B 219 22.23 -29.01 16.52
CA ASP B 219 22.12 -28.17 17.70
C ASP B 219 22.88 -26.87 17.42
N TYR B 220 22.15 -25.83 17.03
CA TYR B 220 22.75 -24.54 16.69
C TYR B 220 22.77 -23.63 17.91
N VAL B 221 23.83 -22.83 18.01
CA VAL B 221 23.95 -21.81 19.05
C VAL B 221 23.26 -20.55 18.54
N VAL B 222 22.20 -20.14 19.22
CA VAL B 222 21.40 -18.99 18.79
C VAL B 222 21.75 -17.79 19.66
N MET B 223 21.71 -16.61 19.05
CA MET B 223 22.08 -15.37 19.70
C MET B 223 20.91 -14.40 19.55
N SER B 224 20.37 -13.97 20.69
CA SER B 224 19.22 -13.07 20.70
C SER B 224 19.58 -11.78 21.42
N VAL B 225 18.88 -10.72 21.06
CA VAL B 225 19.05 -9.40 21.67
C VAL B 225 17.65 -8.82 21.85
N TYR B 226 17.21 -8.69 23.10
CA TYR B 226 15.89 -8.17 23.40
C TYR B 226 15.92 -6.65 23.50
N PHE B 227 14.88 -6.00 22.97
CA PHE B 227 14.67 -4.57 23.10
C PHE B 227 13.39 -4.36 23.88
N ASP B 228 13.45 -3.51 24.92
CA ASP B 228 12.33 -3.32 25.84
C ASP B 228 11.68 -1.96 25.57
N LEU B 229 10.37 -1.98 25.33
CA LEU B 229 9.62 -0.78 24.96
C LEU B 229 8.40 -0.63 25.86
N SER B 230 8.20 0.59 26.35
CA SER B 230 7.05 0.93 27.19
C SER B 230 6.19 1.94 26.45
N ARG B 231 4.89 1.67 26.37
CA ARG B 231 4.02 2.50 25.54
C ARG B 231 3.74 3.84 26.22
N ARG B 232 3.14 4.75 25.45
CA ARG B 232 2.76 6.07 25.93
C ARG B 232 1.26 6.23 25.75
N ILE B 233 0.63 6.93 26.71
CA ILE B 233 -0.81 7.14 26.66
C ILE B 233 -1.19 8.47 26.01
N GLY B 234 -0.24 9.39 25.84
CA GLY B 234 -0.50 10.71 25.32
C GLY B 234 -1.44 10.74 24.14
N TYR B 235 -1.14 9.94 23.10
CA TYR B 235 -2.01 9.91 21.94
C TYR B 235 -3.40 9.43 22.31
N PHE B 236 -3.49 8.26 22.94
CA PHE B 236 -4.79 7.68 23.25
C PHE B 236 -5.55 8.52 24.26
N VAL B 237 -4.85 9.17 25.18
CA VAL B 237 -5.52 10.08 26.11
C VAL B 237 -6.30 11.15 25.35
N ILE B 238 -5.65 11.75 24.37
CA ILE B 238 -6.31 12.79 23.58
C ILE B 238 -7.28 12.17 22.58
N GLN B 239 -6.96 11.00 22.05
CA GLN B 239 -7.76 10.43 20.98
C GLN B 239 -8.96 9.64 21.50
N THR B 240 -8.85 9.02 22.68
CA THR B 240 -9.91 8.14 23.14
C THR B 240 -10.40 8.48 24.54
N TYR B 241 -9.50 8.49 25.52
CA TYR B 241 -9.93 8.58 26.91
C TYR B 241 -10.66 9.89 27.17
N LEU B 242 -10.13 11.01 26.67
CA LEU B 242 -10.81 12.29 26.89
C LEU B 242 -12.18 12.32 26.25
N PRO B 243 -12.33 12.08 24.93
CA PRO B 243 -13.68 12.08 24.34
C PRO B 243 -14.63 11.10 25.03
N CYS B 244 -14.11 10.00 25.58
CA CYS B 244 -14.96 9.10 26.36
C CYS B 244 -15.35 9.75 27.68
N ILE B 245 -14.39 10.40 28.35
CA ILE B 245 -14.68 11.02 29.64
C ILE B 245 -15.65 12.18 29.49
N MET B 246 -15.60 12.90 28.37
CA MET B 246 -16.49 14.03 28.18
C MET B 246 -17.88 13.60 27.76
N THR B 247 -18.00 12.44 27.10
CA THR B 247 -19.32 11.99 26.65
C THR B 247 -20.18 11.55 27.83
N VAL B 248 -19.60 10.80 28.77
CA VAL B 248 -20.36 10.41 29.95
C VAL B 248 -20.82 11.63 30.71
N ILE B 249 -19.98 12.68 30.75
CA ILE B 249 -20.36 13.92 31.42
C ILE B 249 -21.56 14.55 30.72
N LEU B 250 -21.47 14.67 29.40
CA LEU B 250 -22.58 15.24 28.64
C LEU B 250 -23.88 14.50 28.92
N SER B 251 -23.82 13.18 28.96
CA SER B 251 -25.02 12.38 29.22
C SER B 251 -25.61 12.68 30.59
N GLN B 252 -24.80 13.16 31.55
CA GLN B 252 -25.28 13.46 32.88
C GLN B 252 -25.81 14.87 33.02
N VAL B 253 -25.51 15.75 32.07
CA VAL B 253 -26.16 17.06 32.04
C VAL B 253 -27.66 16.90 31.87
N SER B 254 -28.11 15.78 31.29
CA SER B 254 -29.53 15.53 31.13
C SER B 254 -30.27 15.55 32.46
N PHE B 255 -29.58 15.31 33.57
CA PHE B 255 -30.24 15.29 34.86
C PHE B 255 -30.77 16.67 35.26
N TRP B 256 -30.13 17.73 34.76
CA TRP B 256 -30.52 19.10 35.10
C TRP B 256 -31.57 19.67 34.15
N LEU B 257 -32.42 18.82 33.58
CA LEU B 257 -33.53 19.28 32.76
C LEU B 257 -34.82 18.69 33.29
N ASN B 258 -35.94 19.31 32.91
CA ASN B 258 -37.25 18.84 33.33
C ASN B 258 -37.66 17.61 32.52
N ARG B 259 -38.63 16.88 33.05
CA ARG B 259 -39.19 15.74 32.34
C ARG B 259 -40.25 16.17 31.34
N GLU B 260 -40.77 17.39 31.45
CA GLU B 260 -41.66 17.92 30.42
C GLU B 260 -41.02 17.83 29.05
N SER B 261 -39.76 18.25 28.94
CA SER B 261 -39.01 18.22 27.69
C SER B 261 -38.46 16.81 27.48
N VAL B 262 -39.38 15.87 27.26
CA VAL B 262 -39.00 14.47 27.08
C VAL B 262 -38.06 14.34 25.89
N ALA B 263 -38.42 14.96 24.77
CA ALA B 263 -37.58 14.87 23.57
C ALA B 263 -36.16 15.35 23.85
N ALA B 264 -36.04 16.43 24.63
CA ALA B 264 -34.72 16.97 24.95
C ALA B 264 -33.84 15.90 25.61
N ARG B 265 -34.27 15.41 26.78
CA ARG B 265 -33.48 14.41 27.49
C ARG B 265 -33.41 13.09 26.73
N THR B 266 -34.36 12.83 25.82
CA THR B 266 -34.25 11.65 24.98
C THR B 266 -33.12 11.80 23.98
N VAL B 267 -32.99 12.99 23.38
CA VAL B 267 -31.83 13.26 22.53
C VAL B 267 -30.55 13.06 23.31
N PHE B 268 -30.50 13.59 24.55
CA PHE B 268 -29.31 13.46 25.37
C PHE B 268 -28.83 12.01 25.45
N GLY B 269 -29.73 11.10 25.79
CA GLY B 269 -29.37 9.71 25.96
C GLY B 269 -29.14 8.97 24.65
N VAL B 270 -30.05 9.15 23.70
CA VAL B 270 -29.95 8.44 22.43
C VAL B 270 -28.66 8.80 21.70
N THR B 271 -28.31 10.09 21.69
CA THR B 271 -27.14 10.51 20.94
C THR B 271 -25.84 10.13 21.65
N THR B 272 -25.85 10.08 22.98
CA THR B 272 -24.63 9.78 23.72
C THR B 272 -24.30 8.29 23.64
N VAL B 273 -25.31 7.42 23.70
CA VAL B 273 -25.07 6.01 23.48
C VAL B 273 -24.63 5.78 22.03
N LEU B 274 -25.13 6.60 21.10
CA LEU B 274 -24.71 6.49 19.71
C LEU B 274 -23.22 6.79 19.56
N THR B 275 -22.76 7.88 20.19
CA THR B 275 -21.37 8.28 20.01
C THR B 275 -20.41 7.34 20.72
N MET B 276 -20.72 6.96 21.96
CA MET B 276 -19.87 5.99 22.64
C MET B 276 -19.74 4.69 21.84
N THR B 277 -20.76 4.37 21.03
CA THR B 277 -20.65 3.22 20.12
C THR B 277 -19.66 3.52 19.01
N THR B 278 -19.94 4.55 18.21
CA THR B 278 -19.03 4.91 17.12
C THR B 278 -17.61 5.12 17.64
N LEU B 279 -17.49 5.75 18.81
CA LEU B 279 -16.16 6.02 19.36
C LEU B 279 -15.40 4.73 19.61
N SER B 280 -16.09 3.68 20.06
CA SER B 280 -15.43 2.40 20.29
C SER B 280 -14.90 1.81 19.00
N ILE B 281 -15.73 1.80 17.95
CA ILE B 281 -15.29 1.24 16.68
C ILE B 281 -14.14 2.06 16.11
N SER B 282 -14.25 3.39 16.17
CA SER B 282 -13.17 4.25 15.68
C SER B 282 -11.87 3.96 16.43
N ALA B 283 -11.96 3.63 17.72
CA ALA B 283 -10.75 3.36 18.50
C ALA B 283 -10.12 2.04 18.11
N ARG B 284 -10.93 1.00 17.93
CA ARG B 284 -10.40 -0.33 17.64
C ARG B 284 -9.97 -0.49 16.18
N ASN B 285 -10.49 0.33 15.28
CA ASN B 285 -10.21 0.16 13.86
C ASN B 285 -8.71 0.26 13.58
N SER B 286 -8.04 1.25 14.17
CA SER B 286 -6.62 1.48 13.91
C SER B 286 -5.71 0.50 14.66
N LEU B 287 -6.26 -0.35 15.50
CA LEU B 287 -5.49 -1.26 16.33
C LEU B 287 -5.58 -2.69 15.81
N PRO B 288 -4.63 -3.54 16.19
CA PRO B 288 -4.68 -4.95 15.73
C PRO B 288 -5.99 -5.62 16.12
N LYS B 289 -6.37 -6.62 15.34
CA LYS B 289 -7.61 -7.36 15.58
C LYS B 289 -7.34 -8.53 16.53
N VAL B 290 -7.14 -8.20 17.79
CA VAL B 290 -6.93 -9.20 18.83
C VAL B 290 -8.29 -9.66 19.33
N ALA B 291 -8.37 -10.95 19.70
CA ALA B 291 -9.63 -11.49 20.20
C ALA B 291 -9.94 -10.99 21.60
N TYR B 292 -8.94 -11.01 22.49
CA TYR B 292 -9.16 -10.60 23.86
C TYR B 292 -9.43 -9.10 23.95
N ALA B 293 -9.71 -8.64 25.17
CA ALA B 293 -10.01 -7.24 25.43
C ALA B 293 -8.83 -6.58 26.12
N THR B 294 -8.57 -5.33 25.75
CA THR B 294 -7.47 -4.56 26.30
C THR B 294 -7.97 -3.64 27.41
N ALA B 295 -7.02 -2.98 28.07
CA ALA B 295 -7.39 -2.06 29.16
C ALA B 295 -8.25 -0.92 28.65
N MET B 296 -8.02 -0.47 27.41
CA MET B 296 -8.86 0.59 26.85
C MET B 296 -10.27 0.10 26.60
N ASP B 297 -10.40 -1.07 25.97
CA ASP B 297 -11.72 -1.63 25.71
C ASP B 297 -12.56 -1.66 26.98
N TRP B 298 -11.94 -1.94 28.13
CA TRP B 298 -12.65 -1.88 29.39
C TRP B 298 -13.09 -0.45 29.70
N PHE B 299 -12.17 0.50 29.58
CA PHE B 299 -12.53 1.90 29.81
C PHE B 299 -13.68 2.31 28.90
N ILE B 300 -13.63 1.90 27.63
CA ILE B 300 -14.70 2.23 26.70
C ILE B 300 -15.98 1.50 27.07
N ALA B 301 -15.85 0.27 27.58
CA ALA B 301 -17.03 -0.52 27.91
C ALA B 301 -17.79 0.09 29.07
N VAL B 302 -17.11 0.38 30.18
CA VAL B 302 -17.79 0.89 31.36
C VAL B 302 -18.32 2.30 31.11
N CYS B 303 -17.63 3.10 30.30
CA CYS B 303 -18.17 4.40 29.92
C CYS B 303 -19.47 4.24 29.17
N TYR B 304 -19.55 3.27 28.26
CA TYR B 304 -20.80 2.98 27.58
C TYR B 304 -21.90 2.65 28.58
N ALA B 305 -21.55 1.92 29.65
CA ALA B 305 -22.54 1.61 30.68
C ALA B 305 -22.97 2.87 31.43
N PHE B 306 -22.01 3.74 31.77
CA PHE B 306 -22.36 5.00 32.41
C PHE B 306 -23.33 5.81 31.56
N VAL B 307 -23.14 5.77 30.23
CA VAL B 307 -24.03 6.50 29.33
C VAL B 307 -25.35 5.77 29.20
N PHE B 308 -25.31 4.47 28.90
CA PHE B 308 -26.55 3.70 28.74
C PHE B 308 -27.37 3.73 30.03
N SER B 309 -26.69 3.65 31.18
CA SER B 309 -27.40 3.72 32.45
C SER B 309 -28.11 5.06 32.63
N ALA B 310 -27.56 6.13 32.06
CA ALA B 310 -28.18 7.44 32.19
C ALA B 310 -29.48 7.53 31.39
N LEU B 311 -29.55 6.85 30.25
CA LEU B 311 -30.77 6.88 29.44
C LEU B 311 -31.89 6.12 30.14
N ILE B 312 -31.67 4.85 30.45
CA ILE B 312 -32.68 4.05 31.12
C ILE B 312 -33.19 4.75 32.37
N GLU B 313 -32.30 5.48 33.06
CA GLU B 313 -32.72 6.28 34.21
C GLU B 313 -33.84 7.23 33.82
N PHE B 314 -33.71 7.89 32.66
CA PHE B 314 -34.74 8.82 32.22
C PHE B 314 -36.03 8.08 31.85
N ALA B 315 -35.90 6.93 31.19
CA ALA B 315 -37.08 6.14 30.86
C ALA B 315 -37.84 5.74 32.12
N THR B 316 -37.10 5.29 33.15
CA THR B 316 -37.75 4.97 34.43
C THR B 316 -38.42 6.19 35.01
N VAL B 317 -37.69 7.31 35.10
CA VAL B 317 -38.27 8.54 35.62
C VAL B 317 -39.48 8.96 34.79
N ASN B 318 -39.46 8.70 33.49
CA ASN B 318 -40.60 9.09 32.65
C ASN B 318 -41.79 8.20 32.90
N TYR B 319 -41.57 6.89 33.06
CA TYR B 319 -42.68 5.99 33.34
C TYR B 319 -43.32 6.27 34.69
N PHE B 320 -42.61 6.96 35.59
CA PHE B 320 -43.14 7.30 36.91
C PHE B 320 -43.67 8.72 36.99
N THR B 321 -43.13 9.64 36.18
CA THR B 321 -43.51 11.04 36.29
C THR B 321 -45.02 11.21 36.15
N LYS B 322 -45.61 10.63 35.12
CA LYS B 322 -47.01 10.88 34.82
C LYS B 322 -47.91 10.43 35.96
N SER B 323 -47.66 9.24 36.51
CA SER B 323 -48.49 8.71 37.58
C SER B 323 -47.96 9.10 38.95
N GLN B 324 -46.74 8.68 39.28
CA GLN B 324 -46.14 8.90 40.59
C GLN B 324 -44.96 9.84 40.48
N PRO B 325 -45.16 11.14 40.69
CA PRO B 325 -44.01 12.08 40.64
C PRO B 325 -43.15 12.05 41.90
N ALA B 326 -43.43 11.11 42.81
CA ALA B 326 -42.63 11.02 44.03
C ALA B 326 -41.23 10.49 43.73
N ARG B 327 -41.15 9.25 43.25
CA ARG B 327 -39.86 8.68 42.88
C ARG B 327 -39.27 9.41 41.68
N ALA B 328 -40.10 9.77 40.70
CA ALA B 328 -39.60 10.41 39.49
C ALA B 328 -38.83 11.70 39.78
N ALA B 329 -39.02 12.28 40.95
CA ALA B 329 -38.33 13.53 41.30
C ALA B 329 -37.04 13.29 42.06
N LYS B 330 -37.05 12.37 43.03
CA LYS B 330 -35.86 12.13 43.85
C LYS B 330 -34.80 11.33 43.12
N ILE B 331 -35.15 10.69 42.00
CA ILE B 331 -34.14 9.96 41.23
C ILE B 331 -33.11 10.93 40.65
N ASP B 332 -33.59 11.99 39.99
CA ASP B 332 -32.66 12.97 39.43
C ASP B 332 -31.82 13.63 40.52
N ARG B 333 -32.41 13.85 41.69
CA ARG B 333 -31.66 14.47 42.79
C ARG B 333 -30.47 13.60 43.18
N LEU B 334 -30.65 12.28 43.19
CA LEU B 334 -29.57 11.38 43.56
C LEU B 334 -28.62 11.09 42.40
N SER B 335 -29.15 11.04 41.17
CA SER B 335 -28.28 10.79 40.02
C SER B 335 -27.25 11.89 39.86
N ARG B 336 -27.67 13.15 40.04
CA ARG B 336 -26.75 14.27 39.91
C ARG B 336 -25.57 14.17 40.87
N ILE B 337 -25.67 13.33 41.89
CA ILE B 337 -24.59 13.12 42.85
C ILE B 337 -23.85 11.81 42.57
N ALA B 338 -24.60 10.73 42.33
CA ALA B 338 -23.98 9.42 42.16
C ALA B 338 -23.34 9.28 40.79
N PHE B 339 -24.13 9.46 39.72
CA PHE B 339 -23.61 9.29 38.37
C PHE B 339 -22.29 10.02 38.15
N PRO B 340 -22.14 11.30 38.50
CA PRO B 340 -20.83 11.94 38.34
C PRO B 340 -19.79 11.38 39.29
N LEU B 341 -20.17 11.14 40.55
CA LEU B 341 -19.20 10.68 41.54
C LEU B 341 -18.84 9.21 41.34
N LEU B 342 -19.74 8.41 40.79
CA LEU B 342 -19.43 7.02 40.50
C LEU B 342 -18.51 6.86 39.29
N PHE B 343 -18.50 7.83 38.38
CA PHE B 343 -17.57 7.77 37.26
C PHE B 343 -16.17 8.18 37.68
N GLY B 344 -16.06 9.20 38.55
CA GLY B 344 -14.75 9.65 38.99
C GLY B 344 -14.02 8.61 39.82
N ILE B 345 -14.74 7.94 40.72
CA ILE B 345 -14.13 6.85 41.49
C ILE B 345 -13.65 5.77 40.53
N PHE B 346 -14.45 5.46 39.51
CA PHE B 346 -14.03 4.47 38.53
C PHE B 346 -12.76 4.92 37.82
N ASN B 347 -12.66 6.21 37.48
CA ASN B 347 -11.46 6.69 36.82
C ASN B 347 -10.24 6.52 37.71
N LEU B 348 -10.38 6.82 39.01
CA LEU B 348 -9.27 6.60 39.93
C LEU B 348 -8.91 5.12 39.99
N VAL B 349 -9.91 4.25 40.04
CA VAL B 349 -9.66 2.80 40.06
C VAL B 349 -8.91 2.38 38.81
N TYR B 350 -9.33 2.90 37.65
CA TYR B 350 -8.73 2.50 36.38
C TYR B 350 -7.29 2.97 36.27
N TRP B 351 -7.07 4.29 36.39
CA TRP B 351 -5.75 4.84 36.22
C TRP B 351 -4.78 4.30 37.26
N ALA B 352 -5.12 4.44 38.55
CA ALA B 352 -4.20 4.01 39.59
C ALA B 352 -3.87 2.53 39.49
N THR B 353 -4.81 1.72 38.98
CA THR B 353 -4.52 0.29 38.81
C THR B 353 -3.36 0.08 37.85
N TYR B 354 -3.32 0.86 36.76
CA TYR B 354 -2.27 0.73 35.76
C TYR B 354 -1.16 1.75 35.91
N LEU B 355 -1.42 2.88 36.56
CA LEU B 355 -0.39 3.92 36.69
C LEU B 355 0.87 3.36 37.33
N ASN B 356 0.71 2.46 38.31
CA ASN B 356 1.85 1.83 38.96
C ASN B 356 1.60 0.34 39.16
N ASN C 14 41.53 8.22 -32.61
CA ASN C 14 40.83 7.02 -33.14
C ASN C 14 40.18 6.22 -32.02
N ILE C 15 39.10 5.50 -32.36
CA ILE C 15 38.44 4.64 -31.38
C ILE C 15 39.41 3.57 -30.88
N THR C 16 40.16 2.96 -31.79
CA THR C 16 41.10 1.93 -31.38
C THR C 16 42.16 2.48 -30.43
N ILE C 17 42.54 3.75 -30.59
CA ILE C 17 43.53 4.33 -29.71
C ILE C 17 43.00 4.36 -28.28
N PHE C 18 41.74 4.76 -28.10
CA PHE C 18 41.17 4.81 -26.76
C PHE C 18 40.99 3.41 -26.18
N THR C 19 40.67 2.42 -27.02
CA THR C 19 40.55 1.05 -26.54
C THR C 19 41.83 0.59 -25.88
N ARG C 20 42.98 0.92 -26.47
CA ARG C 20 44.25 0.51 -25.88
C ARG C 20 44.54 1.28 -24.61
N ILE C 21 44.17 2.57 -24.57
CA ILE C 21 44.37 3.39 -23.38
C ILE C 21 43.62 2.79 -22.20
N LEU C 22 42.33 2.49 -22.39
CA LEU C 22 41.53 1.91 -21.31
C LEU C 22 42.14 0.60 -20.83
N ASP C 23 42.50 -0.29 -21.76
CA ASP C 23 43.07 -1.57 -21.36
C ASP C 23 44.37 -1.39 -20.59
N GLY C 24 45.19 -0.41 -20.99
CA GLY C 24 46.43 -0.17 -20.29
C GLY C 24 46.22 0.32 -18.88
N LEU C 25 45.21 1.16 -18.66
CA LEU C 25 44.92 1.66 -17.33
C LEU C 25 44.35 0.56 -16.44
N LEU C 26 43.41 -0.23 -16.98
CA LEU C 26 42.76 -1.28 -16.20
C LEU C 26 43.60 -2.54 -16.11
N ASP C 27 44.60 -2.70 -16.97
CA ASP C 27 45.49 -3.85 -16.90
C ASP C 27 46.31 -3.80 -15.61
N GLY C 28 46.11 -4.79 -14.74
CA GLY C 28 46.79 -4.79 -13.47
C GLY C 28 46.28 -3.78 -12.48
N TYR C 29 45.10 -3.22 -12.73
CA TYR C 29 44.50 -2.23 -11.84
C TYR C 29 43.73 -2.95 -10.73
N ASP C 30 44.04 -2.60 -9.48
CA ASP C 30 43.39 -3.20 -8.32
C ASP C 30 42.40 -2.18 -7.76
N ASN C 31 41.12 -2.38 -8.08
CA ASN C 31 40.08 -1.49 -7.58
C ASN C 31 39.75 -1.72 -6.12
N ARG C 32 40.32 -2.77 -5.51
CA ARG C 32 40.13 -3.03 -4.09
C ARG C 32 40.89 -2.04 -3.20
N LEU C 33 41.82 -1.28 -3.77
CA LEU C 33 42.68 -0.37 -3.01
C LEU C 33 42.35 1.07 -3.37
N ARG C 34 42.23 1.92 -2.37
CA ARG C 34 41.96 3.33 -2.61
C ARG C 34 43.17 4.00 -3.25
N PRO C 35 42.95 5.05 -4.04
CA PRO C 35 44.09 5.77 -4.64
C PRO C 35 44.91 6.47 -3.56
N GLY C 36 46.23 6.29 -3.63
CA GLY C 36 47.11 6.89 -2.65
C GLY C 36 47.27 6.09 -1.38
N LEU C 37 46.95 4.81 -1.42
CA LEU C 37 47.04 3.96 -0.23
C LEU C 37 48.47 3.89 0.28
N GLY C 38 48.66 4.26 1.55
CA GLY C 38 49.97 4.26 2.17
C GLY C 38 50.81 5.48 1.93
N GLU C 39 50.34 6.44 1.15
CA GLU C 39 51.06 7.67 0.87
C GLU C 39 50.27 8.91 1.26
N ARG C 40 49.04 9.03 0.76
CA ARG C 40 48.20 10.19 0.98
C ARG C 40 46.76 9.74 1.22
N ILE C 41 46.04 10.55 1.99
CA ILE C 41 44.63 10.33 2.23
C ILE C 41 43.86 10.77 1.00
N THR C 42 42.86 9.97 0.62
CA THR C 42 42.07 10.25 -0.57
C THR C 42 41.06 11.35 -0.23
N GLN C 43 41.22 12.51 -0.86
CA GLN C 43 40.29 13.62 -0.68
C GLN C 43 39.19 13.52 -1.72
N VAL C 44 37.94 13.62 -1.27
CA VAL C 44 36.77 13.45 -2.13
C VAL C 44 35.96 14.73 -2.04
N ARG C 45 36.03 15.57 -3.08
CA ARG C 45 35.18 16.76 -3.16
C ARG C 45 33.82 16.36 -3.72
N THR C 46 32.75 16.77 -3.03
CA THR C 46 31.40 16.35 -3.35
C THR C 46 30.51 17.54 -3.68
N ASP C 47 29.68 17.38 -4.71
CA ASP C 47 28.68 18.37 -5.10
C ASP C 47 27.32 17.67 -5.18
N MET C 48 26.26 18.47 -5.16
CA MET C 48 24.91 17.92 -5.16
C MET C 48 23.95 18.88 -5.86
N TYR C 49 23.02 18.32 -6.62
CA TYR C 49 21.98 19.07 -7.30
C TYR C 49 20.65 18.37 -7.08
N VAL C 50 19.72 19.04 -6.39
CA VAL C 50 18.42 18.43 -6.08
C VAL C 50 17.52 18.64 -7.29
N ASN C 51 17.33 17.59 -8.09
CA ASN C 51 16.45 17.68 -9.24
C ASN C 51 15.01 17.93 -8.82
N SER C 52 14.60 17.37 -7.69
CA SER C 52 13.29 17.63 -7.12
C SER C 52 13.34 17.28 -5.63
N PHE C 53 12.67 18.07 -4.81
CA PHE C 53 12.54 17.77 -3.39
C PHE C 53 11.26 16.97 -3.18
N GLY C 54 11.41 15.69 -2.84
CA GLY C 54 10.30 14.78 -2.83
C GLY C 54 9.31 15.03 -1.72
N PRO C 55 8.17 14.36 -1.79
CA PRO C 55 7.15 14.53 -0.75
C PRO C 55 7.69 14.23 0.64
N VAL C 56 7.28 15.04 1.60
CA VAL C 56 7.60 14.84 3.02
C VAL C 56 6.43 14.10 3.65
N SER C 57 6.72 13.00 4.33
CA SER C 57 5.70 12.18 4.97
C SER C 57 5.80 12.44 6.47
N ASP C 58 4.91 13.29 6.99
CA ASP C 58 4.90 13.58 8.42
C ASP C 58 4.61 12.31 9.21
N THR C 59 3.63 11.52 8.77
CA THR C 59 3.29 10.29 9.47
C THR C 59 4.51 9.41 9.63
N GLU C 60 5.34 9.32 8.60
CA GLU C 60 6.54 8.49 8.63
C GLU C 60 7.78 9.23 9.07
N MET C 61 7.70 10.54 9.33
CA MET C 61 8.84 11.34 9.75
C MET C 61 10.00 11.17 8.77
N GLU C 62 9.69 11.30 7.48
CA GLU C 62 10.69 11.11 6.44
C GLU C 62 10.39 12.06 5.29
N TYR C 63 11.32 12.10 4.33
CA TYR C 63 11.17 12.93 3.14
C TYR C 63 11.92 12.27 1.99
N THR C 64 11.49 12.56 0.77
CA THR C 64 12.10 12.02 -0.43
C THR C 64 12.79 13.13 -1.20
N ILE C 65 13.81 12.76 -1.99
CA ILE C 65 14.62 13.72 -2.70
C ILE C 65 15.23 13.02 -3.91
N ASP C 66 15.24 13.71 -5.06
CA ASP C 66 15.82 13.21 -6.29
C ASP C 66 17.00 14.11 -6.63
N ILE C 67 18.21 13.58 -6.50
CA ILE C 67 19.42 14.39 -6.61
C ILE C 67 20.37 13.80 -7.65
N PHE C 68 21.28 14.65 -8.11
CA PHE C 68 22.49 14.23 -8.82
C PHE C 68 23.64 14.35 -7.83
N PHE C 69 24.19 13.21 -7.40
CA PHE C 69 25.22 13.18 -6.36
C PHE C 69 26.57 12.95 -7.03
N ALA C 70 27.43 13.97 -7.00
CA ALA C 70 28.72 13.93 -7.68
C ALA C 70 29.84 13.86 -6.65
N GLN C 71 30.86 13.06 -6.98
CA GLN C 71 32.07 12.95 -6.19
C GLN C 71 33.26 12.99 -7.14
N THR C 72 34.31 13.72 -6.76
CA THR C 72 35.50 13.83 -7.58
C THR C 72 36.74 13.63 -6.70
N TRP C 73 37.64 12.77 -7.17
CA TRP C 73 38.90 12.49 -6.49
C TRP C 73 39.96 12.28 -7.56
N LYS C 74 41.21 12.15 -7.12
CA LYS C 74 42.34 11.97 -8.01
C LYS C 74 42.92 10.58 -7.81
N ASP C 75 43.11 9.86 -8.91
CA ASP C 75 43.68 8.52 -8.90
C ASP C 75 44.90 8.52 -9.80
N GLU C 76 46.09 8.42 -9.20
CA GLU C 76 47.32 8.46 -9.98
C GLU C 76 47.37 7.31 -10.97
N ARG C 77 46.84 6.14 -10.59
CA ARG C 77 46.87 4.98 -11.46
C ARG C 77 46.11 5.22 -12.77
N LEU C 78 45.23 6.21 -12.80
CA LEU C 78 44.46 6.53 -14.00
C LEU C 78 45.12 7.61 -14.85
N ARG C 79 46.26 8.14 -14.43
CA ARG C 79 46.97 9.12 -15.23
C ARG C 79 47.29 8.54 -16.60
N PHE C 80 46.87 9.25 -17.65
CA PHE C 80 47.06 8.78 -19.02
C PHE C 80 47.40 9.96 -19.91
N LYS C 81 48.09 9.65 -21.01
CA LYS C 81 48.41 10.62 -22.06
C LYS C 81 47.72 10.18 -23.34
N GLY C 82 46.92 11.06 -23.91
CA GLY C 82 46.17 10.75 -25.11
C GLY C 82 45.75 11.97 -25.89
N PRO C 83 44.95 11.77 -26.95
CA PRO C 83 44.50 12.90 -27.75
C PRO C 83 43.52 13.79 -27.00
N MET C 84 42.35 13.24 -26.64
CA MET C 84 41.40 13.97 -25.80
C MET C 84 41.88 13.95 -24.36
N GLN C 85 41.75 15.10 -23.69
CA GLN C 85 42.26 15.22 -22.33
C GLN C 85 41.25 14.78 -21.27
N ARG C 86 39.99 14.57 -21.63
CA ARG C 86 38.99 13.98 -20.74
C ARG C 86 38.34 12.81 -21.46
N LEU C 87 37.86 11.85 -20.67
CA LEU C 87 37.32 10.59 -21.19
C LEU C 87 35.86 10.44 -20.81
N PRO C 88 34.93 10.91 -21.65
CA PRO C 88 33.50 10.67 -21.40
C PRO C 88 33.19 9.19 -21.53
N LEU C 89 32.74 8.59 -20.43
CA LEU C 89 32.51 7.15 -20.37
C LEU C 89 31.14 6.87 -19.76
N ASP C 90 30.77 5.59 -19.78
CA ASP C 90 29.51 5.12 -19.24
C ASP C 90 29.73 4.57 -17.83
N ASN C 91 28.72 3.90 -17.28
CA ASN C 91 28.88 3.22 -16.00
C ASN C 91 29.72 1.96 -16.13
N ARG C 92 29.88 1.42 -17.35
CA ARG C 92 30.60 0.16 -17.52
C ARG C 92 31.97 0.20 -16.86
N VAL C 93 32.67 1.32 -16.98
CA VAL C 93 34.01 1.42 -16.41
C VAL C 93 33.99 1.73 -14.92
N ALA C 94 32.90 2.34 -14.43
CA ALA C 94 32.84 2.71 -13.02
C ALA C 94 32.99 1.50 -12.10
N ASP C 95 32.47 0.34 -12.52
CA ASP C 95 32.59 -0.85 -11.69
C ASP C 95 34.00 -1.43 -11.70
N GLN C 96 34.78 -1.16 -12.76
CA GLN C 96 36.10 -1.76 -12.90
C GLN C 96 37.18 -0.98 -12.15
N ILE C 97 36.92 0.28 -11.81
CA ILE C 97 37.88 1.09 -11.09
C ILE C 97 37.39 1.28 -9.65
N TRP C 98 38.23 1.90 -8.83
CA TRP C 98 37.86 2.19 -7.46
C TRP C 98 37.04 3.48 -7.39
N THR C 99 35.97 3.46 -6.61
CA THR C 99 35.13 4.62 -6.35
C THR C 99 34.82 4.65 -4.86
N PRO C 100 34.55 5.83 -4.30
CA PRO C 100 34.26 5.90 -2.86
C PRO C 100 33.01 5.11 -2.50
N ASP C 101 32.99 4.57 -1.29
CA ASP C 101 31.85 3.83 -0.77
C ASP C 101 30.96 4.71 0.09
N THR C 102 30.63 5.89 -0.42
CA THR C 102 29.82 6.84 0.33
C THR C 102 28.46 6.24 0.62
N PHE C 103 27.95 6.49 1.83
CA PHE C 103 26.63 6.02 2.22
C PHE C 103 25.95 7.09 3.05
N PHE C 104 24.62 7.19 2.92
CA PHE C 104 23.83 8.20 3.59
C PHE C 104 23.36 7.62 4.92
N HIS C 105 23.86 8.18 6.02
CA HIS C 105 23.63 7.59 7.33
C HIS C 105 22.14 7.54 7.66
N ASN C 106 21.44 8.66 7.52
CA ASN C 106 20.03 8.76 7.86
C ASN C 106 19.12 8.23 6.76
N ASP C 107 19.65 7.38 5.88
CA ASP C 107 18.86 6.82 4.79
C ASP C 107 17.90 5.77 5.31
N LYS C 108 16.64 5.85 4.89
CA LYS C 108 15.66 4.80 5.15
C LYS C 108 15.67 3.76 4.04
N LYS C 109 15.31 4.16 2.83
CA LYS C 109 15.40 3.31 1.64
C LYS C 109 15.64 4.21 0.44
N SER C 110 16.51 3.77 -0.46
CA SER C 110 16.90 4.59 -1.60
C SER C 110 17.25 3.68 -2.77
N PHE C 111 17.45 4.30 -3.93
CA PHE C 111 17.79 3.56 -5.13
C PHE C 111 18.36 4.51 -6.17
N ALA C 112 19.17 3.95 -7.07
CA ALA C 112 19.74 4.71 -8.18
C ALA C 112 18.94 4.42 -9.44
N HIS C 113 18.51 5.47 -10.13
CA HIS C 113 17.70 5.30 -11.33
C HIS C 113 18.45 4.49 -12.37
N GLY C 114 17.71 3.66 -13.10
CA GLY C 114 18.31 2.71 -14.01
C GLY C 114 17.89 2.82 -15.45
N MET C 115 16.92 3.67 -15.77
CA MET C 115 16.39 3.78 -17.11
C MET C 115 16.92 5.03 -17.80
N THR C 116 17.28 4.89 -19.08
CA THR C 116 17.26 3.65 -19.87
C THR C 116 18.43 2.76 -19.44
N THR C 117 19.56 3.41 -19.11
CA THR C 117 20.72 2.73 -18.56
C THR C 117 20.94 3.27 -17.15
N PRO C 118 21.78 2.65 -16.34
CA PRO C 118 22.07 3.21 -15.01
C PRO C 118 22.43 4.69 -15.11
N ASN C 119 21.74 5.52 -14.33
CA ASN C 119 21.96 6.96 -14.40
C ASN C 119 23.27 7.29 -13.70
N LYS C 120 24.37 7.17 -14.44
CA LYS C 120 25.70 7.37 -13.89
C LYS C 120 26.60 7.93 -14.97
N MET C 121 27.66 8.61 -14.53
CA MET C 121 28.57 9.32 -15.43
C MET C 121 29.98 9.22 -14.87
N LEU C 122 30.92 8.77 -15.69
CA LEU C 122 32.33 8.68 -15.31
C LEU C 122 33.16 9.46 -16.32
N ARG C 123 33.98 10.38 -15.81
CA ARG C 123 34.85 11.21 -16.65
C ARG C 123 36.23 11.25 -16.02
N ILE C 124 37.24 10.87 -16.78
CA ILE C 124 38.62 10.80 -16.31
C ILE C 124 39.44 11.80 -17.10
N TRP C 125 40.43 12.39 -16.45
CA TRP C 125 41.31 13.38 -17.07
C TRP C 125 42.76 12.90 -17.03
N ASN C 126 43.60 13.57 -17.81
CA ASN C 126 45.01 13.22 -17.85
C ASN C 126 45.63 13.28 -16.47
N ASP C 127 45.28 14.32 -15.69
CA ASP C 127 45.81 14.47 -14.34
C ASP C 127 45.57 13.22 -13.50
N GLY C 128 44.53 12.47 -13.82
CA GLY C 128 44.07 11.39 -12.98
C GLY C 128 42.82 11.72 -12.19
N ARG C 129 42.42 12.98 -12.19
CA ARG C 129 41.20 13.38 -11.50
C ARG C 129 40.00 12.67 -12.12
N VAL C 130 39.13 12.16 -11.25
CA VAL C 130 37.93 11.43 -11.65
C VAL C 130 36.71 12.25 -11.27
N LEU C 131 35.72 12.27 -12.16
CA LEU C 131 34.40 12.83 -11.88
C LEU C 131 33.38 11.72 -11.98
N TYR C 132 32.66 11.46 -10.87
CA TYR C 132 31.72 10.35 -10.79
C TYR C 132 30.43 10.89 -10.19
N THR C 133 29.42 11.09 -11.04
CA THR C 133 28.13 11.60 -10.62
C THR C 133 27.05 10.59 -10.97
N MET C 134 25.99 10.59 -10.18
CA MET C 134 24.91 9.62 -10.33
C MET C 134 23.62 10.26 -9.87
N ARG C 135 22.51 9.74 -10.39
CA ARG C 135 21.18 10.20 -10.03
C ARG C 135 20.59 9.26 -8.99
N LEU C 136 20.10 9.81 -7.90
CA LEU C 136 19.57 9.03 -6.79
C LEU C 136 18.26 9.60 -6.30
N THR C 137 17.30 8.72 -6.01
CA THR C 137 16.10 9.05 -5.26
C THR C 137 16.27 8.46 -3.87
N ILE C 138 16.21 9.30 -2.84
CA ILE C 138 16.53 8.90 -1.48
C ILE C 138 15.37 9.25 -0.57
N SER C 139 14.94 8.29 0.25
CA SER C 139 14.03 8.53 1.36
C SER C 139 14.84 8.48 2.65
N ALA C 140 14.84 9.60 3.38
CA ALA C 140 15.67 9.73 4.56
C ALA C 140 14.82 10.16 5.75
N GLU C 141 15.37 9.94 6.95
CA GLU C 141 14.65 10.31 8.16
C GLU C 141 14.70 11.82 8.35
N CYS C 142 13.56 12.40 8.69
CA CYS C 142 13.46 13.81 9.04
C CYS C 142 12.70 13.87 10.35
N PRO C 143 13.39 13.67 11.47
CA PRO C 143 12.70 13.76 12.76
C PRO C 143 12.12 15.16 12.96
N MET C 144 10.87 15.21 13.43
CA MET C 144 10.14 16.46 13.53
C MET C 144 9.55 16.61 14.93
N ASP C 145 9.49 17.86 15.38
CA ASP C 145 8.76 18.24 16.58
C ASP C 145 7.54 19.06 16.17
N LEU C 146 6.35 18.59 16.55
CA LEU C 146 5.11 19.15 16.06
C LEU C 146 4.35 19.91 17.13
N GLU C 147 5.06 20.52 18.08
CA GLU C 147 4.39 21.32 19.10
C GLU C 147 3.60 22.46 18.47
N ASP C 148 4.22 23.19 17.56
CA ASP C 148 3.58 24.32 16.89
C ASP C 148 2.83 23.92 15.62
N PHE C 149 2.66 22.62 15.37
CA PHE C 149 1.88 22.20 14.23
C PHE C 149 0.48 22.81 14.31
N PRO C 150 -0.08 23.30 13.19
CA PRO C 150 0.42 23.31 11.81
C PRO C 150 1.21 24.58 11.46
N MET C 151 1.53 25.40 12.45
CA MET C 151 2.38 26.58 12.24
C MET C 151 3.80 26.28 12.68
N ASP C 152 4.39 25.26 12.07
CA ASP C 152 5.68 24.75 12.49
C ASP C 152 6.70 24.84 11.35
N GLU C 153 7.97 24.86 11.72
CA GLU C 153 9.11 24.82 10.81
C GLU C 153 9.93 23.56 11.11
N GLN C 154 10.31 22.85 10.06
CA GLN C 154 11.03 21.59 10.18
C GLN C 154 12.31 21.62 9.35
N ASN C 155 13.33 20.94 9.86
CA ASN C 155 14.61 20.81 9.19
C ASN C 155 14.95 19.35 8.98
N CYS C 156 15.16 18.98 7.71
CA CYS C 156 15.37 17.59 7.33
C CYS C 156 16.82 17.37 6.91
N PRO C 157 17.56 16.50 7.59
CA PRO C 157 18.98 16.32 7.26
C PRO C 157 19.20 15.26 6.17
N LEU C 158 20.47 15.18 5.73
CA LEU C 158 20.92 14.20 4.74
C LEU C 158 22.40 13.96 5.02
N LYS C 159 22.68 13.16 6.06
CA LYS C 159 24.05 12.84 6.43
C LYS C 159 24.59 11.77 5.50
N PHE C 160 25.81 11.97 5.00
CA PHE C 160 26.45 10.94 4.18
C PHE C 160 27.96 10.96 4.39
N GLY C 161 28.58 9.83 4.09
CA GLY C 161 30.02 9.68 4.22
C GLY C 161 30.40 8.27 3.84
N SER C 162 31.70 8.00 3.92
CA SER C 162 32.18 6.66 3.62
C SER C 162 31.84 5.70 4.75
N TYR C 163 31.74 4.41 4.39
CA TYR C 163 31.42 3.35 5.34
C TYR C 163 32.65 2.62 5.85
N ALA C 164 33.63 2.38 4.98
CA ALA C 164 34.78 1.57 5.33
C ALA C 164 36.08 2.35 5.45
N TYR C 165 36.09 3.62 5.05
CA TYR C 165 37.32 4.41 5.08
C TYR C 165 37.17 5.58 6.04
N PRO C 166 37.82 5.54 7.22
CA PRO C 166 37.77 6.70 8.13
C PRO C 166 38.50 7.89 7.54
N ASN C 167 38.63 8.96 8.34
CA ASN C 167 39.33 10.16 7.85
C ASN C 167 40.79 9.88 7.57
N SER C 168 41.38 8.87 8.23
CA SER C 168 42.76 8.51 7.98
C SER C 168 42.98 7.89 6.60
N GLU C 169 41.92 7.51 5.91
CA GLU C 169 41.99 6.88 4.60
C GLU C 169 41.26 7.66 3.52
N VAL C 170 40.08 8.18 3.83
CA VAL C 170 39.28 8.98 2.90
C VAL C 170 38.70 10.16 3.67
N VAL C 171 38.67 11.33 3.03
CA VAL C 171 38.10 12.54 3.63
C VAL C 171 37.22 13.22 2.61
N TYR C 172 36.11 13.80 3.08
CA TYR C 172 35.15 14.48 2.24
C TYR C 172 35.18 15.99 2.49
N VAL C 173 34.93 16.76 1.43
CA VAL C 173 34.88 18.21 1.51
C VAL C 173 33.91 18.70 0.43
N TRP C 174 33.25 19.83 0.70
CA TRP C 174 32.32 20.38 -0.27
C TRP C 174 33.06 21.19 -1.33
N THR C 175 32.46 21.28 -2.51
CA THR C 175 33.06 21.99 -3.63
C THR C 175 32.89 23.50 -3.50
N ASN C 176 33.93 24.23 -3.89
CA ASN C 176 33.91 25.70 -3.91
C ASN C 176 33.39 26.26 -2.59
N GLY C 177 33.90 25.70 -1.50
CA GLY C 177 33.42 26.07 -0.19
C GLY C 177 31.99 25.62 0.03
N SER C 178 31.41 26.10 1.14
CA SER C 178 30.03 25.75 1.45
C SER C 178 29.06 26.35 0.44
N THR C 179 29.33 27.58 0.00
CA THR C 179 28.43 28.25 -0.93
C THR C 179 28.28 27.46 -2.22
N LYS C 180 27.04 27.34 -2.68
CA LYS C 180 26.68 26.73 -3.96
C LYS C 180 26.93 25.23 -4.01
N SER C 181 27.26 24.61 -2.89
CA SER C 181 27.50 23.16 -2.89
C SER C 181 26.22 22.38 -3.17
N VAL C 182 25.08 22.88 -2.67
CA VAL C 182 23.79 22.23 -2.85
C VAL C 182 22.88 23.17 -3.61
N VAL C 183 22.32 22.70 -4.73
CA VAL C 183 21.42 23.47 -5.56
C VAL C 183 20.10 22.73 -5.68
N VAL C 184 19.02 23.49 -5.87
CA VAL C 184 17.67 22.95 -5.96
C VAL C 184 16.99 23.57 -7.18
N ALA C 185 16.50 22.73 -8.08
CA ALA C 185 15.80 23.21 -9.26
C ALA C 185 14.52 23.94 -8.85
N GLU C 186 14.31 25.14 -9.41
CA GLU C 186 13.09 25.89 -9.10
C GLU C 186 11.85 25.10 -9.47
N ASP C 187 11.93 24.28 -10.53
CA ASP C 187 10.82 23.39 -10.85
C ASP C 187 10.72 22.28 -9.82
N GLY C 188 11.81 21.98 -9.12
CA GLY C 188 11.92 20.80 -8.30
C GLY C 188 11.46 21.01 -6.87
N SER C 189 11.33 22.28 -6.45
CA SER C 189 10.87 22.60 -5.10
C SER C 189 9.37 22.34 -5.09
N ARG C 190 9.00 21.06 -4.94
CA ARG C 190 7.61 20.64 -5.09
C ARG C 190 7.09 20.06 -3.79
N LEU C 191 6.46 20.90 -2.98
CA LEU C 191 5.79 20.45 -1.76
C LEU C 191 4.42 21.09 -1.69
N ASN C 192 3.39 20.26 -1.45
CA ASN C 192 2.03 20.76 -1.33
C ASN C 192 1.80 21.45 0.01
N GLN C 193 2.49 20.98 1.06
CA GLN C 193 2.20 21.37 2.43
C GLN C 193 3.31 22.17 3.08
N TYR C 194 4.49 22.27 2.45
CA TYR C 194 5.65 22.90 3.04
C TYR C 194 6.25 23.92 2.08
N HIS C 195 6.88 24.94 2.66
CA HIS C 195 7.76 25.85 1.92
C HIS C 195 9.21 25.40 2.14
N LEU C 196 9.99 25.32 1.06
CA LEU C 196 11.42 25.01 1.17
C LEU C 196 12.16 26.33 1.33
N MET C 197 12.42 26.71 2.59
CA MET C 197 13.07 27.98 2.88
C MET C 197 14.46 28.04 2.24
N GLY C 198 15.33 27.12 2.63
CA GLY C 198 16.67 27.11 2.11
C GLY C 198 17.43 25.88 2.57
N GLN C 199 18.71 25.85 2.23
CA GLN C 199 19.57 24.72 2.56
C GLN C 199 20.89 25.22 3.10
N THR C 200 21.42 24.50 4.09
CA THR C 200 22.71 24.81 4.70
C THR C 200 23.49 23.51 4.88
N VAL C 201 24.77 23.56 4.54
CA VAL C 201 25.61 22.37 4.58
C VAL C 201 26.45 22.38 5.85
N GLY C 202 27.10 21.26 6.12
CA GLY C 202 27.96 21.15 7.29
C GLY C 202 28.83 19.92 7.20
N THR C 203 29.92 19.95 7.98
CA THR C 203 30.87 18.84 8.03
C THR C 203 31.34 18.67 9.45
N GLU C 204 31.48 17.41 9.88
CA GLU C 204 31.90 17.13 11.24
C GLU C 204 32.53 15.75 11.29
N ASN C 205 33.56 15.61 12.13
CA ASN C 205 34.18 14.33 12.41
C ASN C 205 33.52 13.72 13.63
N ILE C 206 33.29 12.42 13.60
CA ILE C 206 32.70 11.69 14.72
C ILE C 206 33.53 10.46 14.99
N SER C 207 33.99 10.30 16.22
CA SER C 207 34.78 9.15 16.62
C SER C 207 33.84 7.99 16.92
N THR C 208 34.01 6.88 16.20
CA THR C 208 33.20 5.69 16.37
C THR C 208 34.12 4.50 16.63
N SER C 209 33.53 3.43 17.16
CA SER C 209 34.30 2.24 17.51
C SER C 209 34.96 1.58 16.30
N THR C 210 34.64 2.00 15.08
CA THR C 210 35.30 1.51 13.89
C THR C 210 36.15 2.57 13.22
N GLY C 211 36.44 3.67 13.90
CA GLY C 211 37.26 4.73 13.36
C GLY C 211 36.56 6.08 13.46
N GLU C 212 37.32 7.11 13.10
CA GLU C 212 36.82 8.48 13.08
C GLU C 212 36.50 8.85 11.64
N TYR C 213 35.20 8.87 11.31
CA TYR C 213 34.73 9.18 9.98
C TYR C 213 34.33 10.65 9.88
N THR C 214 34.39 11.18 8.66
CA THR C 214 33.97 12.55 8.38
C THR C 214 32.62 12.47 7.67
N ILE C 215 31.55 12.76 8.39
CA ILE C 215 30.20 12.76 7.82
C ILE C 215 29.88 14.17 7.35
N MET C 216 29.29 14.28 6.17
CA MET C 216 28.87 15.56 5.61
C MET C 216 27.36 15.60 5.53
N THR C 217 26.77 16.71 5.97
CA THR C 217 25.33 16.84 6.11
C THR C 217 24.81 18.00 5.27
N ALA C 218 23.59 17.84 4.76
CA ALA C 218 22.90 18.87 4.01
C ALA C 218 21.51 19.03 4.62
N HIS C 219 21.30 20.15 5.31
CA HIS C 219 20.05 20.40 6.03
C HIS C 219 19.08 21.17 5.15
N PHE C 220 17.82 20.73 5.15
CA PHE C 220 16.75 21.36 4.37
C PHE C 220 15.69 21.89 5.32
N HIS C 221 15.60 23.22 5.42
CA HIS C 221 14.67 23.87 6.35
C HIS C 221 13.33 24.10 5.67
N LEU C 222 12.24 23.89 6.43
CA LEU C 222 10.89 23.95 5.89
C LEU C 222 9.98 24.67 6.86
N LYS C 223 9.02 25.42 6.31
CA LYS C 223 7.93 26.05 7.06
C LYS C 223 6.61 25.49 6.55
N ARG C 224 5.73 25.08 7.47
CA ARG C 224 4.49 24.45 7.05
C ARG C 224 3.51 25.49 6.50
N LYS C 225 2.71 25.08 5.53
CA LYS C 225 1.67 25.92 4.96
C LYS C 225 0.37 25.75 5.75
N ILE C 226 -0.19 26.85 6.23
CA ILE C 226 -1.40 26.80 7.06
C ILE C 226 -2.67 26.73 6.25
N GLY C 227 -2.60 26.97 4.94
CA GLY C 227 -3.81 27.05 4.14
C GLY C 227 -4.68 25.80 4.23
N TYR C 228 -4.05 24.63 4.11
CA TYR C 228 -4.83 23.39 4.10
C TYR C 228 -5.62 23.22 5.39
N PHE C 229 -4.99 23.50 6.53
CA PHE C 229 -5.63 23.28 7.82
C PHE C 229 -6.66 24.36 8.13
N VAL C 230 -6.49 25.56 7.58
CA VAL C 230 -7.53 26.58 7.71
C VAL C 230 -8.85 26.05 7.16
N ILE C 231 -8.79 25.34 6.03
CA ILE C 231 -10.01 24.89 5.38
C ILE C 231 -10.52 23.59 6.02
N GLN C 232 -9.62 22.73 6.48
CA GLN C 232 -10.01 21.41 6.93
C GLN C 232 -10.31 21.34 8.42
N THR C 233 -9.72 22.23 9.22
CA THR C 233 -9.85 22.11 10.68
C THR C 233 -10.31 23.41 11.33
N TYR C 234 -9.66 24.52 11.00
CA TYR C 234 -9.94 25.76 11.73
C TYR C 234 -11.32 26.31 11.38
N LEU C 235 -11.63 26.46 10.10
CA LEU C 235 -12.95 26.96 9.73
C LEU C 235 -14.06 26.05 10.24
N PRO C 236 -14.00 24.73 10.04
CA PRO C 236 -15.04 23.86 10.65
C PRO C 236 -15.18 24.07 12.15
N CYS C 237 -14.06 24.32 12.84
CA CYS C 237 -14.13 24.56 14.28
C CYS C 237 -14.70 25.94 14.57
N ILE C 238 -14.24 26.96 13.85
CA ILE C 238 -14.70 28.32 14.12
C ILE C 238 -16.19 28.47 13.80
N MET C 239 -16.64 27.83 12.73
CA MET C 239 -18.06 27.93 12.38
C MET C 239 -18.94 27.07 13.28
N THR C 240 -18.39 26.01 13.86
CA THR C 240 -19.20 25.17 14.74
C THR C 240 -19.38 25.81 16.12
N VAL C 241 -18.39 26.56 16.59
CA VAL C 241 -18.57 27.29 17.85
C VAL C 241 -19.56 28.43 17.66
N ILE C 242 -19.48 29.11 16.51
CA ILE C 242 -20.45 30.17 16.21
C ILE C 242 -21.84 29.59 16.13
N LEU C 243 -21.97 28.38 15.57
CA LEU C 243 -23.27 27.72 15.52
C LEU C 243 -23.81 27.47 16.92
N SER C 244 -22.95 26.99 17.83
CA SER C 244 -23.40 26.70 19.18
C SER C 244 -23.91 27.95 19.90
N GLN C 245 -23.33 29.11 19.60
CA GLN C 245 -23.72 30.34 20.28
C GLN C 245 -25.05 30.89 19.79
N VAL C 246 -25.53 30.45 18.62
CA VAL C 246 -26.86 30.84 18.17
C VAL C 246 -27.93 30.40 19.16
N SER C 247 -27.64 29.37 19.95
CA SER C 247 -28.62 28.90 20.93
C SER C 247 -29.05 30.00 21.89
N PHE C 248 -28.17 30.96 22.17
CA PHE C 248 -28.51 32.00 23.14
C PHE C 248 -29.69 32.85 22.67
N TRP C 249 -29.86 32.98 21.36
CA TRP C 249 -30.94 33.81 20.80
C TRP C 249 -32.28 33.10 20.77
N LEU C 250 -32.39 31.94 21.40
CA LEU C 250 -33.65 31.22 21.54
C LEU C 250 -34.13 31.32 22.98
N ASN C 251 -35.42 31.02 23.18
CA ASN C 251 -35.99 31.08 24.51
C ASN C 251 -35.70 29.79 25.28
N ARG C 252 -35.60 29.93 26.61
CA ARG C 252 -35.41 28.75 27.45
C ARG C 252 -36.60 27.80 27.31
N GLU C 253 -37.77 28.35 26.96
CA GLU C 253 -38.94 27.53 26.74
C GLU C 253 -38.71 26.47 25.67
N SER C 254 -37.88 26.79 24.68
CA SER C 254 -37.54 25.86 23.60
C SER C 254 -36.40 24.96 24.08
N VAL C 255 -36.72 24.15 25.09
CA VAL C 255 -35.70 23.29 25.71
C VAL C 255 -35.11 22.35 24.68
N ALA C 256 -35.97 21.63 23.95
CA ALA C 256 -35.48 20.68 22.94
C ALA C 256 -34.62 21.39 21.91
N ALA C 257 -35.10 22.54 21.41
CA ALA C 257 -34.32 23.30 20.43
C ALA C 257 -32.97 23.70 20.99
N ARG C 258 -32.96 24.34 22.17
CA ARG C 258 -31.69 24.71 22.79
C ARG C 258 -30.82 23.47 22.99
N THR C 259 -31.44 22.36 23.40
CA THR C 259 -30.69 21.13 23.59
C THR C 259 -30.09 20.65 22.27
N VAL C 260 -30.89 20.67 21.19
CA VAL C 260 -30.40 20.24 19.88
C VAL C 260 -29.14 20.99 19.51
N PHE C 261 -29.11 22.30 19.74
CA PHE C 261 -27.90 23.07 19.48
C PHE C 261 -26.71 22.50 20.25
N GLY C 262 -26.85 22.43 21.58
CA GLY C 262 -25.75 21.96 22.40
C GLY C 262 -25.40 20.51 22.13
N VAL C 263 -26.40 19.63 22.13
CA VAL C 263 -26.15 18.21 21.94
C VAL C 263 -25.39 17.99 20.64
N THR C 264 -25.74 18.74 19.59
CA THR C 264 -25.16 18.52 18.27
C THR C 264 -23.77 19.11 18.14
N THR C 265 -23.58 20.35 18.60
CA THR C 265 -22.29 21.01 18.40
C THR C 265 -21.19 20.38 19.24
N VAL C 266 -21.52 19.86 20.41
CA VAL C 266 -20.50 19.22 21.24
C VAL C 266 -19.98 17.96 20.57
N LEU C 267 -20.85 17.19 19.93
CA LEU C 267 -20.41 15.96 19.26
C LEU C 267 -19.73 16.27 17.93
N THR C 268 -20.22 17.27 17.20
CA THR C 268 -19.54 17.72 16.00
C THR C 268 -18.09 18.08 16.31
N MET C 269 -17.87 18.82 17.41
CA MET C 269 -16.51 19.21 17.79
C MET C 269 -15.70 17.98 18.17
N THR C 270 -16.33 17.01 18.84
CA THR C 270 -15.64 15.76 19.16
C THR C 270 -15.20 15.05 17.90
N THR C 271 -16.11 14.95 16.92
CA THR C 271 -15.79 14.25 15.68
C THR C 271 -14.67 14.94 14.91
N LEU C 272 -14.69 16.27 14.86
CA LEU C 272 -13.65 17.00 14.13
C LEU C 272 -12.26 16.71 14.70
N SER C 273 -12.15 16.61 16.03
CA SER C 273 -10.87 16.29 16.64
C SER C 273 -10.33 14.97 16.09
N ILE C 274 -11.08 13.89 16.29
CA ILE C 274 -10.64 12.58 15.83
C ILE C 274 -10.33 12.62 14.33
N SER C 275 -11.18 13.27 13.55
CA SER C 275 -10.94 13.39 12.11
C SER C 275 -9.63 14.12 11.84
N ALA C 276 -9.45 15.28 12.46
CA ALA C 276 -8.23 16.05 12.24
C ALA C 276 -7.00 15.32 12.75
N ARG C 277 -7.18 14.46 13.76
CA ARG C 277 -6.04 13.78 14.37
C ARG C 277 -5.64 12.51 13.63
N ASN C 278 -6.53 11.95 12.80
CA ASN C 278 -6.23 10.68 12.14
C ASN C 278 -5.11 10.83 11.13
N SER C 279 -5.08 11.94 10.40
CA SER C 279 -4.09 12.12 9.34
C SER C 279 -2.69 12.41 9.88
N LEU C 280 -2.56 12.73 11.16
CA LEU C 280 -1.30 13.16 11.72
C LEU C 280 -0.54 11.99 12.34
N PRO C 281 0.75 12.16 12.59
CA PRO C 281 1.50 11.11 13.29
C PRO C 281 0.96 10.93 14.70
N LYS C 282 0.93 9.68 15.16
CA LYS C 282 0.36 9.34 16.46
C LYS C 282 1.35 9.75 17.57
N VAL C 283 1.62 11.04 17.63
CA VAL C 283 2.52 11.60 18.63
C VAL C 283 1.78 11.73 19.96
N ALA C 284 2.53 11.53 21.05
CA ALA C 284 1.94 11.55 22.39
C ALA C 284 2.02 12.91 23.06
N TYR C 285 1.89 13.99 22.28
CA TYR C 285 1.85 15.33 22.84
C TYR C 285 0.92 16.19 21.98
N ALA C 286 0.36 17.23 22.60
CA ALA C 286 -0.60 18.09 21.92
C ALA C 286 0.12 19.10 21.03
N THR C 287 -0.53 19.45 19.93
CA THR C 287 -0.03 20.42 18.98
C THR C 287 -0.87 21.69 19.05
N ALA C 288 -0.41 22.73 18.36
CA ALA C 288 -1.15 23.99 18.34
C ALA C 288 -2.56 23.78 17.80
N MET C 289 -2.74 22.81 16.91
CA MET C 289 -4.08 22.50 16.43
C MET C 289 -4.92 21.85 17.53
N ASP C 290 -4.30 20.97 18.32
CA ASP C 290 -5.03 20.28 19.38
C ASP C 290 -5.58 21.28 20.39
N TRP C 291 -4.74 22.21 20.84
CA TRP C 291 -5.20 23.21 21.80
C TRP C 291 -6.33 24.05 21.23
N PHE C 292 -6.17 24.52 19.98
CA PHE C 292 -7.24 25.28 19.35
C PHE C 292 -8.55 24.50 19.38
N ILE C 293 -8.50 23.22 18.99
CA ILE C 293 -9.69 22.38 19.04
C ILE C 293 -10.15 22.22 20.49
N ALA C 294 -9.20 22.16 21.43
CA ALA C 294 -9.55 21.93 22.82
C ALA C 294 -10.41 23.06 23.37
N VAL C 295 -10.02 24.32 23.11
CA VAL C 295 -10.81 25.44 23.63
C VAL C 295 -12.15 25.53 22.90
N CYS C 296 -12.13 25.31 21.58
CA CYS C 296 -13.39 25.30 20.83
C CYS C 296 -14.35 24.27 21.39
N TYR C 297 -13.83 23.14 21.87
CA TYR C 297 -14.67 22.19 22.59
C TYR C 297 -15.15 22.76 23.91
N ALA C 298 -14.28 23.49 24.61
CA ALA C 298 -14.69 24.13 25.86
C ALA C 298 -15.75 25.19 25.60
N PHE C 299 -15.58 25.98 24.53
CA PHE C 299 -16.54 27.03 24.23
C PHE C 299 -17.91 26.46 23.91
N VAL C 300 -17.97 25.39 23.12
CA VAL C 300 -19.26 24.80 22.78
C VAL C 300 -19.86 24.10 23.99
N PHE C 301 -19.04 23.33 24.72
CA PHE C 301 -19.56 22.64 25.90
C PHE C 301 -20.04 23.62 26.95
N SER C 302 -19.32 24.74 27.10
CA SER C 302 -19.76 25.77 28.04
C SER C 302 -21.12 26.32 27.64
N ALA C 303 -21.33 26.55 26.34
CA ALA C 303 -22.62 27.05 25.87
C ALA C 303 -23.75 26.09 26.25
N LEU C 304 -23.54 24.79 26.03
CA LEU C 304 -24.54 23.81 26.43
C LEU C 304 -24.74 23.82 27.94
N LEU C 305 -23.65 23.93 28.70
CA LEU C 305 -23.80 24.02 30.15
C LEU C 305 -24.52 25.31 30.56
N GLU C 306 -24.33 26.39 29.81
CA GLU C 306 -25.04 27.63 30.12
C GLU C 306 -26.54 27.41 30.04
N PHE C 307 -27.00 26.76 28.96
CA PHE C 307 -28.43 26.52 28.82
C PHE C 307 -28.94 25.63 29.94
N ALA C 308 -28.17 24.61 30.32
CA ALA C 308 -28.58 23.74 31.41
C ALA C 308 -28.78 24.54 32.69
N PHE C 309 -27.93 25.54 32.93
CA PHE C 309 -28.07 26.36 34.13
C PHE C 309 -29.28 27.27 34.05
N VAL C 310 -29.40 28.03 32.96
CA VAL C 310 -30.55 28.93 32.83
C VAL C 310 -31.85 28.14 32.86
N ASN C 311 -31.89 27.03 32.12
CA ASN C 311 -33.10 26.20 32.08
C ASN C 311 -33.40 25.58 33.44
N TYR C 312 -32.39 25.45 34.30
CA TYR C 312 -32.59 24.91 35.65
C TYR C 312 -33.19 25.95 36.58
N ILE C 313 -32.90 27.23 36.34
CA ILE C 313 -33.38 28.33 37.18
C ILE C 313 -34.40 29.20 36.43
N THR C 314 -34.81 28.79 35.24
CA THR C 314 -35.71 29.62 34.44
C THR C 314 -37.03 29.87 35.15
N LYS C 315 -37.53 28.87 35.89
CA LYS C 315 -38.80 29.05 36.58
C LYS C 315 -38.62 29.77 37.91
N SER C 316 -37.52 29.51 38.60
CA SER C 316 -37.32 30.09 39.92
C SER C 316 -36.79 31.52 39.83
N GLN C 317 -35.90 31.78 38.87
CA GLN C 317 -35.28 33.10 38.71
C GLN C 317 -35.35 33.52 37.25
N PRO C 318 -36.56 33.67 36.71
CA PRO C 318 -36.67 34.04 35.28
C PRO C 318 -35.95 35.33 34.94
N ALA C 319 -35.84 36.27 35.88
CA ALA C 319 -35.07 37.48 35.62
C ALA C 319 -33.59 37.15 35.48
N ARG C 320 -33.08 36.26 36.33
CA ARG C 320 -31.67 35.85 36.22
C ARG C 320 -31.46 34.95 35.02
N ALA C 321 -32.35 33.99 34.80
CA ALA C 321 -32.22 33.11 33.65
C ALA C 321 -32.22 33.92 32.36
N ALA C 322 -33.10 34.92 32.25
CA ALA C 322 -33.10 35.79 31.08
C ALA C 322 -31.82 36.61 31.02
N LYS C 323 -31.33 37.05 32.18
CA LYS C 323 -30.11 37.86 32.22
C LYS C 323 -28.93 37.11 31.65
N ILE C 324 -28.80 35.83 31.99
CA ILE C 324 -27.64 35.05 31.54
C ILE C 324 -27.72 34.76 30.05
N ASP C 325 -28.92 34.69 29.48
CA ASP C 325 -29.04 34.56 28.03
C ASP C 325 -28.57 35.84 27.34
N LYS C 326 -29.11 36.98 27.73
CA LYS C 326 -28.69 38.25 27.15
C LYS C 326 -27.21 38.50 27.38
N MET C 327 -26.64 37.94 28.43
CA MET C 327 -25.21 38.12 28.70
C MET C 327 -24.36 37.18 27.85
N SER C 328 -24.83 35.95 27.63
CA SER C 328 -24.07 35.01 26.80
C SER C 328 -23.91 35.51 25.38
N ARG C 329 -24.86 36.31 24.90
CA ARG C 329 -24.83 36.79 23.53
C ARG C 329 -23.70 37.78 23.26
N ILE C 330 -23.01 38.24 24.31
CA ILE C 330 -21.94 39.23 24.11
C ILE C 330 -20.63 38.73 24.71
N VAL C 331 -20.73 37.96 25.80
CA VAL C 331 -19.50 37.50 26.45
C VAL C 331 -18.89 36.32 25.69
N PHE C 332 -19.71 35.38 25.23
CA PHE C 332 -19.18 34.24 24.49
C PHE C 332 -18.47 34.66 23.22
N PRO C 333 -19.10 35.43 22.31
CA PRO C 333 -18.37 35.83 21.09
C PRO C 333 -17.10 36.60 21.37
N ILE C 334 -17.12 37.54 22.33
CA ILE C 334 -15.92 38.31 22.64
C ILE C 334 -14.82 37.40 23.17
N LEU C 335 -15.16 36.52 24.12
CA LEU C 335 -14.15 35.63 24.67
C LEU C 335 -13.59 34.68 23.62
N PHE C 336 -14.39 34.34 22.60
CA PHE C 336 -13.85 33.52 21.51
C PHE C 336 -13.09 34.37 20.50
N GLY C 337 -13.66 35.53 20.13
CA GLY C 337 -12.94 36.42 19.22
C GLY C 337 -11.60 36.86 19.78
N THR C 338 -11.56 37.13 21.09
CA THR C 338 -10.30 37.49 21.72
C THR C 338 -9.33 36.32 21.75
N PHE C 339 -9.84 35.09 21.88
CA PHE C 339 -8.95 33.93 21.87
C PHE C 339 -8.27 33.78 20.51
N ASN C 340 -9.03 33.91 19.42
CA ASN C 340 -8.43 33.84 18.10
C ASN C 340 -7.42 34.96 17.91
N LEU C 341 -7.75 36.16 18.38
CA LEU C 341 -6.79 37.26 18.32
C LEU C 341 -5.50 36.87 19.02
N VAL C 342 -5.62 36.32 20.23
CA VAL C 342 -4.43 35.91 20.98
C VAL C 342 -3.83 34.66 20.36
N TYR C 343 -4.67 33.71 19.93
CA TYR C 343 -4.16 32.48 19.36
C TYR C 343 -3.40 32.75 18.07
N TRP C 344 -4.07 33.38 17.09
CA TRP C 344 -3.44 33.62 15.79
C TRP C 344 -2.29 34.61 15.91
N ALA C 345 -2.38 35.56 16.83
CA ALA C 345 -1.28 36.49 17.05
C ALA C 345 -0.06 35.80 17.64
N THR C 346 -0.29 34.78 18.49
CA THR C 346 0.83 34.11 19.15
C THR C 346 1.77 33.47 18.14
N TYR C 347 1.22 32.67 17.23
CA TYR C 347 2.03 31.90 16.29
C TYR C 347 2.41 32.75 15.08
N ILE D 15 22.54 -19.27 -42.17
CA ILE D 15 22.63 -19.02 -40.70
C ILE D 15 24.09 -18.88 -40.29
N THR D 16 24.93 -19.79 -40.81
CA THR D 16 26.35 -19.76 -40.49
C THR D 16 27.02 -18.48 -40.99
N ILE D 17 26.54 -17.94 -42.11
CA ILE D 17 27.14 -16.74 -42.66
C ILE D 17 26.97 -15.57 -41.69
N PHE D 18 25.77 -15.41 -41.13
CA PHE D 18 25.49 -14.28 -40.26
C PHE D 18 26.22 -14.40 -38.92
N THR D 19 26.43 -15.62 -38.43
CA THR D 19 27.20 -15.78 -37.20
C THR D 19 28.58 -15.15 -37.34
N ARG D 20 29.22 -15.32 -38.49
CA ARG D 20 30.54 -14.72 -38.70
C ARG D 20 30.44 -13.21 -38.82
N ILE D 21 29.37 -12.72 -39.44
CA ILE D 21 29.18 -11.27 -39.54
C ILE D 21 29.10 -10.65 -38.15
N LEU D 22 28.27 -11.23 -37.29
CA LEU D 22 28.14 -10.72 -35.92
C LEU D 22 29.50 -10.76 -35.21
N ASP D 23 30.19 -11.90 -35.31
CA ASP D 23 31.51 -12.01 -34.66
C ASP D 23 32.48 -11.01 -35.25
N GLY D 24 32.42 -10.78 -36.57
CA GLY D 24 33.32 -9.83 -37.18
C GLY D 24 33.07 -8.41 -36.73
N LEU D 25 31.79 -8.05 -36.54
CA LEU D 25 31.47 -6.71 -36.06
C LEU D 25 31.86 -6.56 -34.59
N LEU D 26 31.54 -7.56 -33.77
CA LEU D 26 31.84 -7.51 -32.35
C LEU D 26 33.27 -7.89 -32.03
N ASP D 27 33.99 -8.50 -32.96
CA ASP D 27 35.39 -8.83 -32.74
C ASP D 27 36.20 -7.54 -32.62
N GLY D 28 36.78 -7.32 -31.44
CA GLY D 28 37.52 -6.10 -31.21
C GLY D 28 36.66 -4.86 -31.07
N TYR D 29 35.35 -5.03 -30.88
CA TYR D 29 34.43 -3.92 -30.72
C TYR D 29 34.39 -3.50 -29.26
N ASP D 30 34.62 -2.20 -29.02
CA ASP D 30 34.62 -1.65 -27.67
C ASP D 30 33.33 -0.88 -27.48
N ASN D 31 32.36 -1.50 -26.79
CA ASN D 31 31.08 -0.84 -26.53
C ASN D 31 31.20 0.26 -25.48
N ARG D 32 32.35 0.39 -24.81
CA ARG D 32 32.55 1.44 -23.83
C ARG D 32 32.71 2.80 -24.47
N LEU D 33 32.96 2.88 -25.78
CA LEU D 33 33.19 4.13 -26.48
C LEU D 33 32.05 4.39 -27.44
N ARG D 34 31.55 5.63 -27.44
CA ARG D 34 30.48 6.00 -28.34
C ARG D 34 31.00 6.04 -29.78
N PRO D 35 30.14 5.78 -30.77
CA PRO D 35 30.58 5.88 -32.16
C PRO D 35 30.92 7.32 -32.51
N GLY D 36 32.09 7.53 -33.12
CA GLY D 36 32.51 8.86 -33.47
C GLY D 36 33.19 9.62 -32.35
N LEU D 37 33.71 8.94 -31.34
CA LEU D 37 34.38 9.60 -30.24
C LEU D 37 35.58 10.39 -30.74
N GLY D 38 35.54 11.71 -30.53
CA GLY D 38 36.62 12.57 -30.95
C GLY D 38 36.58 12.99 -32.41
N GLU D 39 35.60 12.50 -33.17
CA GLU D 39 35.48 12.82 -34.58
C GLU D 39 34.14 13.43 -34.93
N ARG D 40 33.03 12.78 -34.57
CA ARG D 40 31.71 13.26 -34.93
C ARG D 40 30.79 13.12 -33.74
N ILE D 41 29.78 13.98 -33.67
CA ILE D 41 28.75 13.87 -32.65
C ILE D 41 27.78 12.76 -33.02
N THR D 42 27.40 11.93 -32.05
CA THR D 42 26.45 10.85 -32.30
C THR D 42 25.05 11.44 -32.34
N GLN D 43 24.43 11.44 -33.52
CA GLN D 43 23.07 11.93 -33.66
C GLN D 43 22.08 10.79 -33.46
N VAL D 44 21.09 11.02 -32.61
CA VAL D 44 20.11 10.00 -32.25
C VAL D 44 18.72 10.55 -32.57
N ARG D 45 18.12 10.06 -33.64
CA ARG D 45 16.74 10.41 -33.95
C ARG D 45 15.82 9.52 -33.11
N THR D 46 14.86 10.13 -32.43
CA THR D 46 14.03 9.42 -31.47
C THR D 46 12.56 9.49 -31.87
N ASP D 47 11.87 8.36 -31.70
CA ASP D 47 10.43 8.27 -31.90
C ASP D 47 9.83 7.63 -30.65
N MET D 48 8.53 7.79 -30.48
CA MET D 48 7.85 7.28 -29.29
C MET D 48 6.43 6.88 -29.63
N TYR D 49 5.99 5.77 -29.03
CA TYR D 49 4.62 5.28 -29.17
C TYR D 49 4.11 4.91 -27.79
N VAL D 50 3.07 5.61 -27.33
CA VAL D 50 2.51 5.40 -26.00
C VAL D 50 1.54 4.22 -26.08
N ASN D 51 1.98 3.07 -25.56
CA ASN D 51 1.12 1.88 -25.57
C ASN D 51 -0.11 2.10 -24.70
N SER D 52 0.05 2.80 -23.58
CA SER D 52 -1.08 3.14 -22.72
C SER D 52 -0.67 4.31 -21.83
N PHE D 53 -1.63 5.22 -21.59
CA PHE D 53 -1.41 6.33 -20.67
C PHE D 53 -1.88 5.90 -19.28
N GLY D 54 -0.92 5.71 -18.37
CA GLY D 54 -1.18 5.09 -17.10
C GLY D 54 -2.02 5.94 -16.17
N PRO D 55 -2.44 5.35 -15.05
CA PRO D 55 -3.25 6.10 -14.09
C PRO D 55 -2.54 7.38 -13.66
N VAL D 56 -3.29 8.47 -13.62
CA VAL D 56 -2.78 9.75 -13.13
C VAL D 56 -3.16 9.89 -11.67
N SER D 57 -2.17 10.17 -10.82
CA SER D 57 -2.38 10.29 -9.39
C SER D 57 -2.29 11.77 -9.02
N ASP D 58 -3.45 12.41 -8.84
CA ASP D 58 -3.46 13.80 -8.42
C ASP D 58 -2.81 13.95 -7.05
N THR D 59 -3.18 13.07 -6.11
CA THR D 59 -2.63 13.14 -4.76
C THR D 59 -1.10 13.09 -4.77
N GLU D 60 -0.53 12.22 -5.60
CA GLU D 60 0.91 12.07 -5.68
C GLU D 60 1.54 12.98 -6.73
N MET D 61 0.73 13.76 -7.45
CA MET D 61 1.22 14.70 -8.46
C MET D 61 2.13 13.98 -9.45
N GLU D 62 1.67 12.82 -9.91
CA GLU D 62 2.46 12.00 -10.82
C GLU D 62 1.52 11.26 -11.77
N TYR D 63 2.13 10.60 -12.75
CA TYR D 63 1.39 9.82 -13.73
C TYR D 63 2.28 8.70 -14.24
N THR D 64 1.64 7.64 -14.72
CA THR D 64 2.34 6.48 -15.27
C THR D 64 2.09 6.42 -16.78
N ILE D 65 3.03 5.81 -17.49
CA ILE D 65 2.96 5.73 -18.95
C ILE D 65 3.75 4.52 -19.41
N ASP D 66 3.18 3.77 -20.35
CA ASP D 66 3.80 2.58 -20.93
C ASP D 66 4.05 2.85 -22.41
N ILE D 67 5.33 2.98 -22.79
CA ILE D 67 5.70 3.41 -24.12
C ILE D 67 6.64 2.41 -24.78
N PHE D 68 6.72 2.50 -26.11
CA PHE D 68 7.81 1.92 -26.89
C PHE D 68 8.75 3.07 -27.27
N PHE D 69 9.94 3.09 -26.69
CA PHE D 69 10.89 4.18 -26.85
C PHE D 69 11.98 3.75 -27.82
N ALA D 70 12.01 4.36 -29.00
CA ALA D 70 12.94 3.99 -30.05
C ALA D 70 14.00 5.06 -30.22
N GLN D 71 15.24 4.61 -30.47
CA GLN D 71 16.35 5.49 -30.77
C GLN D 71 17.13 4.91 -31.93
N THR D 72 17.54 5.77 -32.86
CA THR D 72 18.33 5.35 -34.01
C THR D 72 19.52 6.29 -34.15
N TRP D 73 20.71 5.72 -34.29
CA TRP D 73 21.93 6.47 -34.45
C TRP D 73 22.80 5.71 -35.44
N LYS D 74 23.94 6.30 -35.80
CA LYS D 74 24.83 5.70 -36.79
C LYS D 74 26.13 5.30 -36.10
N ASP D 75 26.50 4.03 -36.27
CA ASP D 75 27.71 3.45 -35.69
C ASP D 75 28.53 2.86 -36.84
N GLU D 76 29.65 3.48 -37.17
CA GLU D 76 30.43 3.02 -38.31
C GLU D 76 31.08 1.68 -38.04
N ARG D 77 31.41 1.38 -36.78
CA ARG D 77 32.02 0.10 -36.46
C ARG D 77 31.12 -1.08 -36.79
N LEU D 78 29.82 -0.84 -36.93
CA LEU D 78 28.86 -1.90 -37.24
C LEU D 78 28.58 -2.03 -38.73
N ARG D 79 29.25 -1.24 -39.57
CA ARG D 79 29.06 -1.37 -41.01
C ARG D 79 29.48 -2.76 -41.48
N PHE D 80 28.85 -3.23 -42.56
CA PHE D 80 29.13 -4.55 -43.09
C PHE D 80 28.47 -4.69 -44.45
N LYS D 81 29.02 -5.58 -45.27
CA LYS D 81 28.46 -5.90 -46.58
C LYS D 81 28.05 -7.37 -46.60
N GLY D 82 26.79 -7.62 -46.95
CA GLY D 82 26.29 -8.97 -47.01
C GLY D 82 25.06 -9.08 -47.88
N PRO D 83 24.48 -10.29 -47.96
CA PRO D 83 23.26 -10.44 -48.77
C PRO D 83 22.04 -9.77 -48.15
N MET D 84 21.94 -9.73 -46.83
CA MET D 84 20.80 -9.10 -46.19
C MET D 84 20.94 -7.58 -46.20
N GLN D 85 19.81 -6.91 -45.97
CA GLN D 85 19.78 -5.46 -45.91
C GLN D 85 19.98 -4.91 -44.51
N ARG D 86 19.60 -5.68 -43.49
CA ARG D 86 19.77 -5.28 -42.10
C ARG D 86 20.11 -6.51 -41.29
N LEU D 87 19.88 -6.45 -39.97
CA LEU D 87 20.19 -7.56 -39.07
C LEU D 87 19.17 -7.58 -37.94
N PRO D 88 18.05 -8.27 -38.13
CA PRO D 88 17.08 -8.42 -37.02
C PRO D 88 17.68 -9.26 -35.90
N LEU D 89 17.80 -8.66 -34.72
CA LEU D 89 18.45 -9.29 -33.59
C LEU D 89 17.61 -9.15 -32.34
N ASP D 90 18.05 -9.81 -31.28
CA ASP D 90 17.39 -9.79 -29.98
C ASP D 90 18.05 -8.77 -29.07
N ASN D 91 17.70 -8.81 -27.79
CA ASN D 91 18.39 -8.00 -26.80
C ASN D 91 19.81 -8.51 -26.55
N ARG D 92 20.08 -9.77 -26.91
CA ARG D 92 21.39 -10.36 -26.65
C ARG D 92 22.50 -9.49 -27.21
N VAL D 93 22.30 -8.93 -28.40
CA VAL D 93 23.35 -8.12 -29.02
C VAL D 93 23.35 -6.69 -28.48
N ALA D 94 22.20 -6.21 -27.98
CA ALA D 94 22.13 -4.83 -27.51
C ALA D 94 23.13 -4.57 -26.39
N ASP D 95 23.38 -5.56 -25.54
CA ASP D 95 24.35 -5.38 -24.46
C ASP D 95 25.79 -5.37 -24.96
N GLN D 96 26.04 -5.99 -26.11
CA GLN D 96 27.40 -6.13 -26.61
C GLN D 96 27.89 -4.91 -27.39
N ILE D 97 26.98 -4.07 -27.86
CA ILE D 97 27.34 -2.88 -28.61
C ILE D 97 27.08 -1.65 -27.74
N TRP D 98 27.49 -0.49 -28.26
CA TRP D 98 27.23 0.76 -27.57
C TRP D 98 25.83 1.26 -27.86
N THR D 99 25.16 1.75 -26.82
CA THR D 99 23.83 2.34 -26.94
C THR D 99 23.80 3.63 -26.13
N PRO D 100 22.94 4.58 -26.50
CA PRO D 100 22.87 5.84 -25.74
C PRO D 100 22.46 5.61 -24.30
N ASP D 101 22.95 6.47 -23.43
CA ASP D 101 22.60 6.43 -22.00
C ASP D 101 21.46 7.39 -21.68
N THR D 102 20.40 7.35 -22.48
CA THR D 102 19.27 8.23 -22.27
C THR D 102 18.65 8.00 -20.89
N PHE D 103 18.25 9.09 -20.24
CA PHE D 103 17.58 9.03 -18.95
C PHE D 103 16.51 10.10 -18.90
N PHE D 104 15.42 9.81 -18.18
CA PHE D 104 14.27 10.71 -18.09
C PHE D 104 14.45 11.59 -16.86
N HIS D 105 14.62 12.89 -17.08
CA HIS D 105 14.97 13.80 -16.00
C HIS D 105 13.90 13.81 -14.91
N ASN D 106 12.65 14.03 -15.29
CA ASN D 106 11.57 14.12 -14.33
C ASN D 106 11.04 12.74 -13.93
N ASP D 107 11.82 11.69 -14.11
CA ASP D 107 11.38 10.36 -13.76
C ASP D 107 11.35 10.18 -12.25
N LYS D 108 10.24 9.64 -11.74
CA LYS D 108 10.13 9.24 -10.35
C LYS D 108 10.58 7.79 -10.15
N LYS D 109 9.88 6.86 -10.79
CA LYS D 109 10.22 5.44 -10.78
C LYS D 109 9.79 4.82 -12.09
N SER D 110 10.65 3.99 -12.66
CA SER D 110 10.38 3.38 -13.96
C SER D 110 11.08 2.03 -14.03
N PHE D 111 10.75 1.28 -15.08
CA PHE D 111 11.32 -0.04 -15.31
C PHE D 111 11.05 -0.46 -16.74
N ALA D 112 11.90 -1.36 -17.23
CA ALA D 112 11.76 -1.92 -18.57
C ALA D 112 11.13 -3.31 -18.46
N HIS D 113 10.06 -3.55 -19.22
CA HIS D 113 9.38 -4.83 -19.18
C HIS D 113 10.34 -5.94 -19.60
N GLY D 114 10.21 -7.10 -18.95
CA GLY D 114 11.17 -8.17 -19.13
C GLY D 114 10.61 -9.51 -19.56
N MET D 115 9.28 -9.64 -19.59
CA MET D 115 8.64 -10.92 -19.91
C MET D 115 8.12 -10.88 -21.35
N THR D 116 8.29 -12.00 -22.06
CA THR D 116 8.94 -13.24 -21.64
C THR D 116 10.46 -13.08 -21.61
N THR D 117 10.97 -12.32 -22.58
CA THR D 117 12.38 -11.93 -22.63
C THR D 117 12.46 -10.42 -22.49
N PRO D 118 13.64 -9.84 -22.26
CA PRO D 118 13.73 -8.37 -22.26
C PRO D 118 13.08 -7.82 -23.51
N ASN D 119 12.12 -6.92 -23.33
CA ASN D 119 11.37 -6.32 -24.44
C ASN D 119 12.27 -5.29 -25.10
N LYS D 120 13.09 -5.78 -26.02
CA LYS D 120 14.09 -4.96 -26.68
C LYS D 120 14.26 -5.46 -28.11
N MET D 121 14.71 -4.55 -28.98
CA MET D 121 14.82 -4.84 -30.40
C MET D 121 16.06 -4.15 -30.94
N LEU D 122 16.92 -4.90 -31.61
CA LEU D 122 18.12 -4.35 -32.23
C LEU D 122 18.11 -4.73 -33.71
N ARG D 123 18.25 -3.73 -34.57
CA ARG D 123 18.31 -3.92 -36.02
C ARG D 123 19.47 -3.08 -36.54
N ILE D 124 20.39 -3.73 -37.24
CA ILE D 124 21.60 -3.08 -37.76
C ILE D 124 21.55 -3.13 -39.27
N TRP D 125 21.91 -2.01 -39.90
CA TRP D 125 21.95 -1.90 -41.36
C TRP D 125 23.39 -1.85 -41.85
N ASN D 126 23.57 -2.21 -43.13
CA ASN D 126 24.89 -2.09 -43.75
C ASN D 126 25.43 -0.67 -43.55
N ASP D 127 24.57 0.33 -43.64
CA ASP D 127 25.00 1.72 -43.46
C ASP D 127 25.71 1.92 -42.13
N GLY D 128 25.40 1.10 -41.14
CA GLY D 128 25.86 1.30 -39.79
C GLY D 128 24.80 1.88 -38.88
N ARG D 129 23.68 2.33 -39.43
CA ARG D 129 22.59 2.82 -38.61
C ARG D 129 22.06 1.71 -37.71
N VAL D 130 21.81 2.05 -36.46
CA VAL D 130 21.28 1.12 -35.48
C VAL D 130 19.86 1.57 -35.16
N LEU D 131 18.95 0.60 -35.03
CA LEU D 131 17.60 0.86 -34.55
C LEU D 131 17.44 0.12 -33.23
N TYR D 132 17.17 0.87 -32.16
CA TYR D 132 17.17 0.36 -30.79
C TYR D 132 15.91 0.87 -30.09
N THR D 133 14.90 -0.01 -29.98
CA THR D 133 13.65 0.33 -29.32
C THR D 133 13.39 -0.62 -28.17
N MET D 134 12.71 -0.11 -27.15
CA MET D 134 12.45 -0.87 -25.93
C MET D 134 11.12 -0.42 -25.37
N ARG D 135 10.50 -1.30 -24.57
CA ARG D 135 9.24 -1.00 -23.91
C ARG D 135 9.51 -0.58 -22.48
N LEU D 136 8.95 0.56 -22.08
CA LEU D 136 9.20 1.12 -20.76
C LEU D 136 7.88 1.56 -20.12
N THR D 137 7.74 1.26 -18.83
CA THR D 137 6.70 1.83 -17.98
C THR D 137 7.37 2.83 -17.04
N ILE D 138 6.93 4.08 -17.10
CA ILE D 138 7.58 5.16 -16.36
C ILE D 138 6.53 5.88 -15.53
N SER D 139 6.84 6.08 -14.25
CA SER D 139 6.07 6.95 -13.37
C SER D 139 6.84 8.24 -13.20
N ALA D 140 6.25 9.36 -13.61
CA ALA D 140 6.94 10.64 -13.61
C ALA D 140 6.11 11.68 -12.87
N GLU D 141 6.79 12.73 -12.41
CA GLU D 141 6.13 13.79 -11.68
C GLU D 141 5.38 14.72 -12.64
N CYS D 142 4.15 15.06 -12.28
CA CYS D 142 3.32 16.01 -13.02
C CYS D 142 2.74 17.03 -12.05
N PRO D 143 3.49 18.09 -11.74
CA PRO D 143 2.96 19.12 -10.84
C PRO D 143 1.72 19.78 -11.43
N MET D 144 0.73 20.01 -10.58
CA MET D 144 -0.57 20.50 -11.01
C MET D 144 -0.94 21.74 -10.22
N ASP D 145 -1.65 22.66 -10.88
CA ASP D 145 -2.29 23.80 -10.23
C ASP D 145 -3.79 23.56 -10.26
N LEU D 146 -4.41 23.49 -9.09
CA LEU D 146 -5.79 23.01 -8.97
C LEU D 146 -6.76 24.13 -8.62
N GLU D 147 -6.47 25.36 -9.07
CA GLU D 147 -7.39 26.46 -8.83
C GLU D 147 -8.76 26.19 -9.47
N ASP D 148 -8.76 25.76 -10.73
CA ASP D 148 -9.99 25.50 -11.46
C ASP D 148 -10.52 24.08 -11.28
N PHE D 149 -9.94 23.31 -10.36
CA PHE D 149 -10.47 21.99 -10.08
C PHE D 149 -11.94 22.09 -9.65
N PRO D 150 -12.82 21.19 -10.12
CA PRO D 150 -12.60 20.02 -10.99
C PRO D 150 -12.82 20.34 -12.47
N MET D 151 -12.98 21.61 -12.81
CA MET D 151 -13.06 22.04 -14.21
C MET D 151 -11.69 22.55 -14.65
N ASP D 152 -10.72 21.65 -14.54
CA ASP D 152 -9.31 21.98 -14.66
C ASP D 152 -8.63 21.25 -15.81
N GLU D 153 -7.58 21.87 -16.33
CA GLU D 153 -6.71 21.30 -17.36
C GLU D 153 -5.30 21.18 -16.83
N GLN D 154 -4.66 20.04 -17.11
CA GLN D 154 -3.30 19.78 -16.64
C GLN D 154 -2.41 19.37 -17.80
N ASN D 155 -1.13 19.71 -17.69
CA ASN D 155 -0.11 19.36 -18.68
C ASN D 155 1.02 18.62 -17.98
N CYS D 156 1.25 17.37 -18.38
CA CYS D 156 2.25 16.52 -17.75
C CYS D 156 3.45 16.34 -18.65
N PRO D 157 4.64 16.77 -18.24
CA PRO D 157 5.81 16.68 -19.12
C PRO D 157 6.52 15.33 -19.01
N LEU D 158 7.51 15.15 -19.89
CA LEU D 158 8.36 13.96 -19.89
C LEU D 158 9.71 14.36 -20.47
N LYS D 159 10.59 14.87 -19.62
CA LYS D 159 11.91 15.30 -20.04
C LYS D 159 12.85 14.11 -20.10
N PHE D 160 13.60 13.99 -21.19
CA PHE D 160 14.58 12.93 -21.31
C PHE D 160 15.77 13.41 -22.13
N GLY D 161 16.90 12.75 -21.92
CA GLY D 161 18.12 13.09 -22.63
C GLY D 161 19.25 12.22 -22.13
N SER D 162 20.44 12.48 -22.68
CA SER D 162 21.61 11.75 -22.24
C SER D 162 22.06 12.25 -20.86
N TYR D 163 22.71 11.37 -20.11
CA TYR D 163 23.17 11.71 -18.77
C TYR D 163 24.65 12.07 -18.73
N ALA D 164 25.48 11.38 -19.50
CA ALA D 164 26.92 11.56 -19.44
C ALA D 164 27.51 12.21 -20.69
N TYR D 165 26.76 12.33 -21.76
CA TYR D 165 27.27 12.86 -23.03
C TYR D 165 26.58 14.17 -23.36
N PRO D 166 27.27 15.32 -23.26
CA PRO D 166 26.60 16.59 -23.63
C PRO D 166 26.29 16.68 -25.11
N ASN D 167 25.80 17.84 -25.55
CA ASN D 167 25.46 18.04 -26.95
C ASN D 167 26.69 18.00 -27.85
N SER D 168 27.88 18.29 -27.31
CA SER D 168 29.09 18.25 -28.10
C SER D 168 29.47 16.83 -28.51
N GLU D 169 28.85 15.81 -27.91
CA GLU D 169 29.14 14.42 -28.20
C GLU D 169 27.93 13.63 -28.63
N VAL D 170 26.76 13.87 -28.02
CA VAL D 170 25.52 13.19 -28.39
C VAL D 170 24.41 14.22 -28.44
N VAL D 171 23.56 14.12 -29.47
CA VAL D 171 22.44 15.03 -29.65
C VAL D 171 21.20 14.23 -30.02
N TYR D 172 20.04 14.65 -29.53
CA TYR D 172 18.78 13.99 -29.79
C TYR D 172 17.91 14.87 -30.69
N VAL D 173 17.12 14.22 -31.54
CA VAL D 173 16.22 14.90 -32.46
C VAL D 173 15.02 14.01 -32.71
N TRP D 174 13.86 14.61 -32.95
CA TRP D 174 12.66 13.84 -33.21
C TRP D 174 12.59 13.39 -34.67
N THR D 175 11.94 12.24 -34.87
CA THR D 175 11.73 11.69 -36.19
C THR D 175 10.52 12.35 -36.87
N ASN D 176 10.49 12.27 -38.20
CA ASN D 176 9.36 12.68 -39.03
C ASN D 176 8.94 14.13 -38.81
N GLY D 177 9.71 14.91 -38.06
CA GLY D 177 9.30 16.24 -37.68
C GLY D 177 8.47 16.22 -36.41
N SER D 178 8.19 17.43 -35.91
CA SER D 178 7.47 17.57 -34.65
C SER D 178 6.03 17.08 -34.73
N THR D 179 5.55 16.69 -35.91
CA THR D 179 4.21 16.14 -36.08
C THR D 179 4.31 14.65 -36.38
N LYS D 180 3.54 13.84 -35.66
CA LYS D 180 3.54 12.39 -35.75
C LYS D 180 4.82 11.76 -35.20
N SER D 181 5.69 12.57 -34.60
CA SER D 181 6.85 12.02 -33.89
C SER D 181 6.41 11.15 -32.73
N VAL D 182 5.32 11.53 -32.05
CA VAL D 182 4.79 10.81 -30.91
C VAL D 182 3.37 10.37 -31.23
N VAL D 183 3.11 9.08 -31.07
CA VAL D 183 1.81 8.48 -31.32
C VAL D 183 1.32 7.83 -30.03
N VAL D 184 0.00 7.79 -29.88
CA VAL D 184 -0.65 7.24 -28.69
C VAL D 184 -1.78 6.32 -29.12
N ALA D 185 -1.75 5.08 -28.64
CA ALA D 185 -2.81 4.13 -28.96
C ALA D 185 -4.14 4.67 -28.43
N GLU D 186 -5.14 4.72 -29.30
CA GLU D 186 -6.45 5.21 -28.89
C GLU D 186 -7.08 4.36 -27.79
N ASP D 187 -6.82 3.05 -27.80
CA ASP D 187 -7.36 2.19 -26.76
C ASP D 187 -6.68 2.36 -25.42
N GLY D 188 -5.42 2.80 -25.41
CA GLY D 188 -4.64 2.74 -24.18
C GLY D 188 -4.71 4.00 -23.36
N SER D 189 -5.14 5.11 -23.98
CA SER D 189 -5.25 6.38 -23.28
C SER D 189 -6.49 6.36 -22.41
N ARG D 190 -6.59 5.36 -21.53
CA ARG D 190 -7.73 5.18 -20.66
C ARG D 190 -7.49 5.90 -19.34
N LEU D 191 -8.31 6.90 -19.05
CA LEU D 191 -8.27 7.60 -17.78
C LEU D 191 -9.69 7.76 -17.26
N ASN D 192 -9.89 7.47 -15.98
CA ASN D 192 -11.22 7.60 -15.39
C ASN D 192 -11.60 9.06 -15.20
N GLN D 193 -10.62 9.93 -14.98
CA GLN D 193 -10.86 11.29 -14.55
C GLN D 193 -10.44 12.35 -15.55
N TYR D 194 -9.70 12.00 -16.59
CA TYR D 194 -9.13 12.99 -17.49
C TYR D 194 -9.41 12.64 -18.94
N HIS D 195 -9.49 13.67 -19.78
CA HIS D 195 -9.44 13.54 -21.22
C HIS D 195 -8.02 13.85 -21.68
N LEU D 196 -7.46 13.02 -22.55
CA LEU D 196 -6.14 13.26 -23.12
C LEU D 196 -6.33 14.09 -24.39
N MET D 197 -6.20 15.42 -24.24
CA MET D 197 -6.45 16.32 -25.36
C MET D 197 -5.47 16.04 -26.51
N GLY D 198 -4.18 16.16 -26.24
CA GLY D 198 -3.20 15.96 -27.29
C GLY D 198 -1.80 15.96 -26.73
N GLN D 199 -0.83 15.92 -27.64
CA GLN D 199 0.58 15.84 -27.28
C GLN D 199 1.38 16.83 -28.10
N THR D 200 2.39 17.43 -27.47
CA THR D 200 3.29 18.36 -28.13
C THR D 200 4.71 18.04 -27.70
N VAL D 201 5.62 18.03 -28.67
CA VAL D 201 7.01 17.68 -28.41
C VAL D 201 7.84 18.96 -28.34
N GLY D 202 9.06 18.83 -27.87
CA GLY D 202 9.96 19.97 -27.78
C GLY D 202 11.37 19.53 -27.50
N THR D 203 12.31 20.42 -27.85
CA THR D 203 13.73 20.20 -27.63
C THR D 203 14.38 21.51 -27.25
N GLU D 204 15.32 21.45 -26.29
CA GLU D 204 16.01 22.64 -25.83
C GLU D 204 17.36 22.24 -25.26
N ASN D 205 18.35 23.10 -25.47
CA ASN D 205 19.66 22.93 -24.86
C ASN D 205 19.68 23.69 -23.54
N ILE D 206 20.29 23.08 -22.53
CA ILE D 206 20.41 23.68 -21.20
C ILE D 206 21.85 23.54 -20.73
N SER D 207 22.46 24.66 -20.37
CA SER D 207 23.83 24.65 -19.87
C SER D 207 23.82 24.26 -18.39
N THR D 208 24.52 23.19 -18.06
CA THR D 208 24.61 22.68 -16.69
C THR D 208 26.08 22.58 -16.30
N SER D 209 26.33 22.46 -15.00
CA SER D 209 27.70 22.45 -14.51
C SER D 209 28.48 21.23 -14.99
N THR D 210 27.83 20.25 -15.61
CA THR D 210 28.53 19.11 -16.20
C THR D 210 28.46 19.11 -17.72
N GLY D 211 28.05 20.23 -18.32
CA GLY D 211 27.95 20.36 -19.76
C GLY D 211 26.58 20.84 -20.18
N GLU D 212 26.47 21.11 -21.48
CA GLU D 212 25.22 21.58 -22.09
C GLU D 212 24.57 20.38 -22.77
N TYR D 213 23.54 19.83 -22.14
CA TYR D 213 22.82 18.69 -22.66
C TYR D 213 21.58 19.16 -23.41
N THR D 214 21.15 18.33 -24.36
CA THR D 214 19.93 18.60 -25.13
C THR D 214 18.84 17.67 -24.61
N ILE D 215 17.94 18.23 -23.82
CA ILE D 215 16.82 17.46 -23.27
C ILE D 215 15.63 17.62 -24.21
N MET D 216 14.93 16.52 -24.47
CA MET D 216 13.74 16.51 -25.30
C MET D 216 12.54 16.18 -24.43
N THR D 217 11.45 16.93 -24.64
CA THR D 217 10.27 16.86 -23.78
C THR D 217 9.07 16.43 -24.60
N ALA D 218 8.17 15.70 -23.94
CA ALA D 218 6.91 15.26 -24.53
C ALA D 218 5.79 15.66 -23.58
N HIS D 219 5.00 16.67 -23.95
CA HIS D 219 3.97 17.22 -23.10
C HIS D 219 2.64 16.53 -23.38
N PHE D 220 1.94 16.16 -22.31
CA PHE D 220 0.63 15.51 -22.39
C PHE D 220 -0.38 16.42 -21.71
N HIS D 221 -1.27 17.02 -22.50
CA HIS D 221 -2.27 17.93 -21.98
C HIS D 221 -3.54 17.16 -21.62
N LEU D 222 -4.15 17.53 -20.49
CA LEU D 222 -5.28 16.78 -19.97
C LEU D 222 -6.34 17.75 -19.46
N LYS D 223 -7.60 17.38 -19.63
CA LYS D 223 -8.72 18.09 -19.04
C LYS D 223 -9.47 17.16 -18.11
N ARG D 224 -9.81 17.65 -16.92
CA ARG D 224 -10.49 16.81 -15.94
C ARG D 224 -11.95 16.60 -16.30
N LYS D 225 -12.47 15.42 -15.96
CA LYS D 225 -13.87 15.09 -16.17
C LYS D 225 -14.70 15.49 -14.96
N ILE D 226 -15.76 16.27 -15.19
CA ILE D 226 -16.59 16.78 -14.10
C ILE D 226 -17.66 15.79 -13.66
N GLY D 227 -17.90 14.73 -14.44
CA GLY D 227 -18.99 13.83 -14.13
C GLY D 227 -18.89 13.25 -12.73
N TYR D 228 -17.71 12.78 -12.36
CA TYR D 228 -17.57 12.11 -11.06
C TYR D 228 -17.93 13.04 -9.91
N PHE D 229 -17.46 14.29 -9.96
CA PHE D 229 -17.69 15.21 -8.85
C PHE D 229 -19.12 15.73 -8.85
N VAL D 230 -19.76 15.78 -10.01
CA VAL D 230 -21.19 16.09 -10.04
C VAL D 230 -21.98 15.10 -9.20
N ILE D 231 -21.61 13.82 -9.27
CA ILE D 231 -22.36 12.80 -8.58
C ILE D 231 -21.95 12.71 -7.11
N GLN D 232 -20.67 12.95 -6.81
CA GLN D 232 -20.17 12.74 -5.45
C GLN D 232 -20.20 13.99 -4.60
N THR D 233 -20.15 15.18 -5.20
CA THR D 233 -20.02 16.39 -4.40
C THR D 233 -21.07 17.44 -4.72
N TYR D 234 -21.27 17.74 -6.00
CA TYR D 234 -22.16 18.84 -6.36
C TYR D 234 -23.61 18.50 -6.08
N LEU D 235 -24.07 17.36 -6.57
CA LEU D 235 -25.46 16.97 -6.30
C LEU D 235 -25.73 16.83 -4.81
N PRO D 236 -24.92 16.11 -4.03
CA PRO D 236 -25.16 16.09 -2.57
C PRO D 236 -25.21 17.46 -1.93
N CYS D 237 -24.41 18.41 -2.40
CA CYS D 237 -24.43 19.76 -1.83
C CYS D 237 -25.69 20.50 -2.24
N ILE D 238 -26.06 20.45 -3.52
CA ILE D 238 -27.23 21.17 -3.99
C ILE D 238 -28.50 20.61 -3.37
N MET D 239 -28.55 19.31 -3.13
CA MET D 239 -29.75 18.74 -2.51
C MET D 239 -29.82 19.09 -1.03
N THR D 240 -28.67 19.37 -0.40
CA THR D 240 -28.66 19.73 1.01
C THR D 240 -29.03 21.20 1.23
N VAL D 241 -28.67 22.09 0.30
CA VAL D 241 -29.04 23.49 0.47
C VAL D 241 -30.55 23.68 0.29
N ILE D 242 -31.14 23.00 -0.70
CA ILE D 242 -32.58 23.09 -0.88
C ILE D 242 -33.31 22.52 0.32
N LEU D 243 -32.77 21.46 0.92
CA LEU D 243 -33.37 20.89 2.12
C LEU D 243 -33.42 21.93 3.24
N SER D 244 -32.34 22.67 3.42
CA SER D 244 -32.30 23.69 4.47
C SER D 244 -33.38 24.75 4.25
N GLN D 245 -33.70 25.04 2.98
CA GLN D 245 -34.68 26.07 2.67
C GLN D 245 -36.11 25.61 2.93
N VAL D 246 -36.34 24.29 3.04
CA VAL D 246 -37.66 23.80 3.41
C VAL D 246 -38.07 24.34 4.77
N SER D 247 -37.11 24.70 5.61
CA SER D 247 -37.44 25.26 6.92
C SER D 247 -38.32 26.50 6.79
N PHE D 248 -38.16 27.27 5.71
CA PHE D 248 -38.94 28.49 5.56
C PHE D 248 -40.43 28.19 5.44
N TRP D 249 -40.78 27.02 4.90
CA TRP D 249 -42.18 26.64 4.70
C TRP D 249 -42.83 26.10 5.97
N LEU D 250 -42.15 26.16 7.11
CA LEU D 250 -42.73 25.81 8.39
C LEU D 250 -42.94 27.08 9.21
N ASN D 251 -43.81 26.98 10.21
CA ASN D 251 -44.10 28.12 11.06
C ASN D 251 -43.05 28.24 12.16
N ARG D 252 -42.85 29.48 12.63
CA ARG D 252 -41.93 29.71 13.74
C ARG D 252 -42.36 28.94 14.98
N GLU D 253 -43.65 28.60 15.08
CA GLU D 253 -44.13 27.80 16.21
C GLU D 253 -43.37 26.49 16.32
N SER D 254 -42.99 25.89 15.18
CA SER D 254 -42.24 24.63 15.17
C SER D 254 -40.75 24.95 15.34
N VAL D 255 -40.41 25.49 16.51
CA VAL D 255 -39.04 25.93 16.76
C VAL D 255 -38.07 24.76 16.64
N ALA D 256 -38.37 23.67 17.35
CA ALA D 256 -37.49 22.50 17.28
C ALA D 256 -37.35 21.99 15.85
N ALA D 257 -38.46 21.88 15.14
CA ALA D 257 -38.42 21.42 13.75
C ALA D 257 -37.55 22.33 12.91
N ARG D 258 -37.81 23.64 12.94
CA ARG D 258 -36.98 24.58 12.20
C ARG D 258 -35.52 24.45 12.59
N THR D 259 -35.24 24.24 13.88
CA THR D 259 -33.87 24.07 14.33
C THR D 259 -33.26 22.79 13.73
N VAL D 260 -34.00 21.69 13.78
CA VAL D 260 -33.50 20.44 13.22
C VAL D 260 -33.09 20.63 11.77
N PHE D 261 -33.90 21.34 11.00
CA PHE D 261 -33.55 21.62 9.61
C PHE D 261 -32.19 22.30 9.51
N GLY D 262 -32.04 23.44 10.20
CA GLY D 262 -30.81 24.21 10.07
C GLY D 262 -29.61 23.50 10.65
N VAL D 263 -29.71 23.05 11.90
CA VAL D 263 -28.56 22.43 12.57
C VAL D 263 -28.05 21.24 11.77
N THR D 264 -28.95 20.47 11.17
CA THR D 264 -28.53 19.27 10.47
C THR D 264 -27.92 19.62 9.12
N THR D 265 -28.53 20.54 8.38
CA THR D 265 -28.03 20.85 7.04
C THR D 265 -26.68 21.57 7.08
N VAL D 266 -26.43 22.38 8.11
CA VAL D 266 -25.13 23.04 8.20
C VAL D 266 -24.02 22.03 8.42
N LEU D 267 -24.28 21.02 9.25
CA LEU D 267 -23.27 20.00 9.50
C LEU D 267 -23.14 19.03 8.34
N THR D 268 -24.26 18.68 7.71
CA THR D 268 -24.19 17.92 6.47
C THR D 268 -23.28 18.62 5.47
N MET D 269 -23.40 19.95 5.37
CA MET D 269 -22.54 20.70 4.47
C MET D 269 -21.09 20.70 4.96
N THR D 270 -20.89 20.77 6.28
CA THR D 270 -19.53 20.68 6.82
C THR D 270 -18.92 19.32 6.51
N THR D 271 -19.68 18.24 6.73
CA THR D 271 -19.13 16.90 6.49
C THR D 271 -18.80 16.69 5.03
N LEU D 272 -19.65 17.19 4.13
CA LEU D 272 -19.38 17.06 2.70
C LEU D 272 -18.08 17.75 2.33
N SER D 273 -17.81 18.92 2.92
CA SER D 273 -16.56 19.62 2.65
C SER D 273 -15.36 18.75 3.01
N ILE D 274 -15.24 18.37 4.28
CA ILE D 274 -14.11 17.57 4.73
C ILE D 274 -14.01 16.30 3.89
N SER D 275 -15.14 15.64 3.64
CA SER D 275 -15.13 14.42 2.84
C SER D 275 -14.62 14.68 1.44
N ALA D 276 -15.16 15.70 0.77
CA ALA D 276 -14.76 15.98 -0.60
C ALA D 276 -13.27 16.33 -0.71
N ARG D 277 -12.69 16.92 0.33
CA ARG D 277 -11.28 17.29 0.29
C ARG D 277 -10.33 16.17 0.66
N ASN D 278 -10.82 15.12 1.33
CA ASN D 278 -9.89 14.06 1.77
C ASN D 278 -9.29 13.35 0.56
N SER D 279 -10.07 13.18 -0.50
CA SER D 279 -9.60 12.47 -1.69
C SER D 279 -8.61 13.28 -2.50
N LEU D 280 -8.51 14.60 -2.27
CA LEU D 280 -7.68 15.47 -3.07
C LEU D 280 -6.32 15.70 -2.44
N PRO D 281 -5.36 16.21 -3.21
CA PRO D 281 -4.04 16.53 -2.64
C PRO D 281 -4.17 17.61 -1.58
N LYS D 282 -3.36 17.50 -0.53
CA LYS D 282 -3.41 18.43 0.59
C LYS D 282 -2.76 19.77 0.20
N VAL D 283 -3.39 20.42 -0.78
CA VAL D 283 -2.92 21.71 -1.25
C VAL D 283 -3.39 22.79 -0.29
N ALA D 284 -2.57 23.82 -0.09
CA ALA D 284 -2.86 24.88 0.86
C ALA D 284 -3.58 26.07 0.23
N TYR D 285 -4.43 25.82 -0.77
CA TYR D 285 -5.21 26.89 -1.39
C TYR D 285 -6.56 26.33 -1.80
N ALA D 286 -7.54 27.22 -1.90
CA ALA D 286 -8.89 26.81 -2.23
C ALA D 286 -9.03 26.56 -3.73
N THR D 287 -9.88 25.59 -4.07
CA THR D 287 -10.16 25.24 -5.46
C THR D 287 -11.58 25.69 -5.82
N ALA D 288 -11.90 25.59 -7.11
CA ALA D 288 -13.24 25.95 -7.55
C ALA D 288 -14.29 25.10 -6.84
N MET D 289 -13.94 23.87 -6.46
CA MET D 289 -14.86 23.05 -5.68
C MET D 289 -15.01 23.60 -4.26
N ASP D 290 -13.91 24.08 -3.68
CA ASP D 290 -13.96 24.62 -2.33
C ASP D 290 -14.88 25.83 -2.26
N TRP D 291 -14.73 26.76 -3.20
CA TRP D 291 -15.58 27.96 -3.20
C TRP D 291 -17.06 27.59 -3.32
N PHE D 292 -17.39 26.71 -4.27
CA PHE D 292 -18.77 26.26 -4.40
C PHE D 292 -19.30 25.75 -3.07
N ILE D 293 -18.52 24.90 -2.40
CA ILE D 293 -18.92 24.38 -1.09
C ILE D 293 -19.02 25.53 -0.09
N ALA D 294 -18.14 26.52 -0.19
CA ALA D 294 -18.13 27.61 0.77
C ALA D 294 -19.45 28.37 0.75
N VAL D 295 -19.93 28.74 -0.44
CA VAL D 295 -21.16 29.50 -0.52
C VAL D 295 -22.34 28.62 -0.13
N CYS D 296 -22.33 27.35 -0.55
CA CYS D 296 -23.37 26.43 -0.12
C CYS D 296 -23.44 26.36 1.40
N TYR D 297 -22.30 26.47 2.07
CA TYR D 297 -22.31 26.58 3.53
C TYR D 297 -22.88 27.91 3.98
N ALA D 298 -22.59 28.99 3.24
CA ALA D 298 -23.16 30.29 3.58
C ALA D 298 -24.68 30.27 3.41
N PHE D 299 -25.17 29.65 2.33
CA PHE D 299 -26.61 29.62 2.09
C PHE D 299 -27.34 28.82 3.17
N VAL D 300 -26.79 27.68 3.57
CA VAL D 300 -27.44 26.90 4.63
C VAL D 300 -27.33 27.61 5.97
N PHE D 301 -26.15 28.15 6.28
CA PHE D 301 -25.98 28.89 7.52
C PHE D 301 -26.88 30.12 7.55
N SER D 302 -27.01 30.80 6.41
CA SER D 302 -27.92 31.94 6.34
C SER D 302 -29.35 31.52 6.60
N ALA D 303 -29.77 30.38 6.03
CA ALA D 303 -31.13 29.90 6.26
C ALA D 303 -31.39 29.68 7.74
N LEU D 304 -30.46 29.02 8.43
CA LEU D 304 -30.62 28.83 9.87
C LEU D 304 -30.60 30.16 10.60
N LEU D 305 -29.74 31.08 10.19
CA LEU D 305 -29.75 32.41 10.82
C LEU D 305 -31.06 33.13 10.55
N GLU D 306 -31.68 32.89 9.40
CA GLU D 306 -32.97 33.52 9.12
C GLU D 306 -34.02 33.08 10.14
N PHE D 307 -34.08 31.78 10.41
CA PHE D 307 -35.05 31.30 11.39
C PHE D 307 -34.76 31.86 12.77
N ALA D 308 -33.49 31.93 13.14
CA ALA D 308 -33.13 32.49 14.45
C ALA D 308 -33.63 33.92 14.57
N PHE D 309 -33.61 34.68 13.48
CA PHE D 309 -34.06 36.07 13.52
C PHE D 309 -35.58 36.14 13.66
N VAL D 310 -36.33 35.40 12.84
CA VAL D 310 -37.78 35.44 12.92
C VAL D 310 -38.24 35.00 14.31
N ASN D 311 -37.68 33.90 14.82
CA ASN D 311 -38.10 33.40 16.12
C ASN D 311 -37.76 34.36 17.26
N TYR D 312 -36.77 35.23 17.06
CA TYR D 312 -36.42 36.20 18.09
C TYR D 312 -37.38 37.38 18.10
N ILE D 313 -37.95 37.72 16.95
CA ILE D 313 -38.86 38.86 16.82
C ILE D 313 -40.29 38.43 16.55
N THR D 314 -40.57 37.13 16.53
CA THR D 314 -41.93 36.68 16.22
C THR D 314 -42.91 37.15 17.29
N LYS D 315 -42.45 37.31 18.53
CA LYS D 315 -43.34 37.71 19.61
C LYS D 315 -43.53 39.22 19.65
N SER D 316 -42.51 39.99 19.27
CA SER D 316 -42.60 41.45 19.29
C SER D 316 -43.05 42.02 17.95
N GLN D 317 -42.64 41.40 16.84
CA GLN D 317 -42.96 41.88 15.50
C GLN D 317 -43.46 40.72 14.65
N PRO D 318 -44.58 40.11 15.06
CA PRO D 318 -45.08 38.94 14.30
C PRO D 318 -45.35 39.24 12.83
N ALA D 319 -45.74 40.47 12.51
CA ALA D 319 -45.95 40.81 11.10
C ALA D 319 -44.64 40.82 10.32
N ARG D 320 -43.59 41.37 10.92
CA ARG D 320 -42.29 41.39 10.25
C ARG D 320 -41.66 40.00 10.24
N ALA D 321 -41.69 39.30 11.38
CA ALA D 321 -41.14 37.95 11.44
C ALA D 321 -41.85 37.03 10.46
N ALA D 322 -43.18 37.11 10.39
CA ALA D 322 -43.92 36.26 9.46
C ALA D 322 -43.61 36.65 8.03
N LYS D 323 -43.52 37.95 7.76
CA LYS D 323 -43.23 38.36 6.42
C LYS D 323 -41.92 37.69 5.99
N ILE D 324 -40.96 37.42 6.94
CA ILE D 324 -39.56 37.24 6.50
C ILE D 324 -39.43 35.77 6.10
N ASP D 325 -40.38 35.05 6.59
CA ASP D 325 -40.50 33.70 6.17
C ASP D 325 -41.01 33.61 4.75
N LYS D 326 -42.11 34.31 4.44
CA LYS D 326 -42.66 34.24 3.08
C LYS D 326 -41.65 34.73 2.04
N MET D 327 -40.85 35.71 2.40
CA MET D 327 -39.89 36.31 1.50
C MET D 327 -38.68 35.41 1.28
N SER D 328 -38.27 34.69 2.32
CA SER D 328 -37.14 33.76 2.22
C SER D 328 -37.44 32.61 1.28
N ARG D 329 -38.71 32.24 1.11
CA ARG D 329 -39.08 31.12 0.25
C ARG D 329 -38.82 31.39 -1.22
N ILE D 330 -38.55 32.64 -1.60
CA ILE D 330 -38.35 33.01 -2.99
C ILE D 330 -36.97 33.64 -3.22
N VAL D 331 -36.48 34.42 -2.26
CA VAL D 331 -35.20 35.09 -2.46
C VAL D 331 -34.05 34.12 -2.36
N PHE D 332 -34.10 33.20 -1.39
CA PHE D 332 -33.02 32.22 -1.24
C PHE D 332 -32.85 31.37 -2.48
N PRO D 333 -33.89 30.70 -2.99
CA PRO D 333 -33.69 29.89 -4.21
C PRO D 333 -33.17 30.70 -5.39
N ILE D 334 -33.72 31.90 -5.61
CA ILE D 334 -33.26 32.73 -6.72
C ILE D 334 -31.81 33.13 -6.51
N LEU D 335 -31.47 33.59 -5.31
CA LEU D 335 -30.10 34.00 -5.03
C LEU D 335 -29.14 32.83 -5.14
N PHE D 336 -29.61 31.61 -4.87
CA PHE D 336 -28.77 30.44 -5.08
C PHE D 336 -28.79 29.99 -6.54
N GLY D 337 -29.98 29.96 -7.14
CA GLY D 337 -30.06 29.61 -8.55
C GLY D 337 -29.25 30.53 -9.44
N THR D 338 -29.26 31.83 -9.13
CA THR D 338 -28.43 32.75 -9.90
C THR D 338 -26.95 32.50 -9.67
N PHE D 339 -26.57 32.05 -8.48
CA PHE D 339 -25.17 31.73 -8.22
C PHE D 339 -24.71 30.57 -9.09
N ASN D 340 -25.51 29.52 -9.19
CA ASN D 340 -25.14 28.39 -10.05
C ASN D 340 -25.01 28.83 -11.50
N LEU D 341 -25.90 29.70 -11.96
CA LEU D 341 -25.81 30.21 -13.33
C LEU D 341 -24.46 30.88 -13.55
N VAL D 342 -24.06 31.78 -12.65
CA VAL D 342 -22.78 32.46 -12.80
C VAL D 342 -21.63 31.51 -12.51
N TYR D 343 -21.79 30.62 -11.53
CA TYR D 343 -20.71 29.71 -11.16
C TYR D 343 -20.35 28.80 -12.32
N TRP D 344 -21.33 28.04 -12.82
CA TRP D 344 -21.04 27.09 -13.88
C TRP D 344 -20.64 27.78 -15.17
N ALA D 345 -21.18 28.97 -15.44
CA ALA D 345 -20.77 29.69 -16.64
C ALA D 345 -19.34 30.20 -16.54
N THR D 346 -18.94 30.67 -15.35
CA THR D 346 -17.59 31.21 -15.20
C THR D 346 -16.53 30.13 -15.38
N TYR D 347 -16.67 29.02 -14.66
CA TYR D 347 -15.65 27.98 -14.66
C TYR D 347 -15.75 27.04 -15.86
N LEU D 348 -16.84 27.13 -16.63
CA LEU D 348 -16.99 26.39 -17.88
C LEU D 348 -17.09 27.39 -19.03
N ASN D 349 -15.97 28.04 -19.32
CA ASN D 349 -15.93 29.07 -20.35
C ASN D 349 -14.55 29.12 -21.02
N ASN E 14 26.01 -43.53 -19.43
CA ASN E 14 24.75 -42.92 -19.96
C ASN E 14 24.77 -41.40 -19.76
N ILE E 15 25.05 -40.97 -18.54
CA ILE E 15 25.12 -39.54 -18.26
C ILE E 15 26.13 -38.87 -19.18
N THR E 16 27.30 -39.49 -19.35
CA THR E 16 28.31 -38.93 -20.24
C THR E 16 27.82 -38.87 -21.68
N ILE E 17 26.97 -39.81 -22.08
CA ILE E 17 26.45 -39.81 -23.44
C ILE E 17 25.61 -38.55 -23.68
N PHE E 18 24.75 -38.21 -22.72
CA PHE E 18 23.91 -37.03 -22.88
C PHE E 18 24.74 -35.75 -22.84
N THR E 19 25.81 -35.73 -22.03
CA THR E 19 26.70 -34.58 -22.03
C THR E 19 27.26 -34.31 -23.42
N ARG E 20 27.63 -35.38 -24.14
CA ARG E 20 28.15 -35.22 -25.49
C ARG E 20 27.06 -34.80 -26.47
N ILE E 21 25.84 -35.30 -26.29
CA ILE E 21 24.73 -34.89 -27.15
C ILE E 21 24.52 -33.38 -27.03
N LEU E 22 24.41 -32.89 -25.80
CA LEU E 22 24.22 -31.45 -25.59
C LEU E 22 25.36 -30.66 -26.22
N ASP E 23 26.60 -31.08 -25.99
CA ASP E 23 27.74 -30.36 -26.53
C ASP E 23 27.68 -30.33 -28.06
N GLY E 24 27.24 -31.43 -28.68
CA GLY E 24 27.16 -31.45 -30.14
C GLY E 24 26.13 -30.49 -30.67
N LEU E 25 25.00 -30.34 -29.97
CA LEU E 25 23.98 -29.41 -30.42
C LEU E 25 24.42 -27.97 -30.23
N LEU E 26 25.01 -27.66 -29.08
CA LEU E 26 25.44 -26.30 -28.78
C LEU E 26 26.78 -25.94 -29.41
N ASP E 27 27.54 -26.93 -29.87
CA ASP E 27 28.81 -26.65 -30.53
C ASP E 27 28.56 -25.88 -31.82
N GLY E 28 29.04 -24.64 -31.88
CA GLY E 28 28.79 -23.80 -33.03
C GLY E 28 27.37 -23.30 -33.13
N TYR E 29 26.59 -23.39 -32.06
CA TYR E 29 25.21 -22.92 -32.05
C TYR E 29 25.20 -21.44 -31.68
N ASP E 30 24.56 -20.64 -32.52
CA ASP E 30 24.43 -19.20 -32.30
C ASP E 30 23.01 -18.92 -31.83
N ASN E 31 22.84 -18.71 -30.53
CA ASN E 31 21.52 -18.43 -29.98
C ASN E 31 21.05 -17.02 -30.30
N ARG E 32 21.92 -16.17 -30.85
CA ARG E 32 21.50 -14.83 -31.23
C ARG E 32 20.62 -14.85 -32.49
N LEU E 33 20.61 -15.96 -33.22
CA LEU E 33 19.88 -16.06 -34.47
C LEU E 33 18.72 -17.04 -34.31
N ARG E 34 17.55 -16.64 -34.78
CA ARG E 34 16.39 -17.51 -34.72
C ARG E 34 16.54 -18.67 -35.71
N PRO E 35 15.91 -19.81 -35.43
CA PRO E 35 16.00 -20.94 -36.36
C PRO E 35 15.33 -20.62 -37.69
N GLY E 36 16.02 -20.94 -38.78
CA GLY E 36 15.52 -20.67 -40.10
C GLY E 36 15.81 -19.28 -40.64
N LEU E 37 16.79 -18.57 -40.08
CA LEU E 37 17.13 -17.26 -40.59
C LEU E 37 17.57 -17.38 -42.04
N GLY E 38 16.82 -16.76 -42.94
CA GLY E 38 17.15 -16.85 -44.35
C GLY E 38 16.70 -18.12 -45.03
N GLU E 39 16.09 -19.05 -44.30
CA GLU E 39 15.64 -20.32 -44.87
C GLU E 39 14.14 -20.53 -44.65
N ARG E 40 13.67 -20.47 -43.42
CA ARG E 40 12.26 -20.69 -43.13
C ARG E 40 11.83 -19.70 -42.06
N ILE E 41 10.56 -19.32 -42.09
CA ILE E 41 10.01 -18.48 -41.02
C ILE E 41 9.75 -19.36 -39.81
N THR E 42 10.11 -18.88 -38.63
CA THR E 42 9.95 -19.66 -37.41
C THR E 42 8.49 -19.60 -36.96
N GLN E 43 7.79 -20.72 -37.06
CA GLN E 43 6.42 -20.83 -36.59
C GLN E 43 6.43 -21.29 -35.14
N VAL E 44 5.71 -20.58 -34.28
CA VAL E 44 5.70 -20.86 -32.85
C VAL E 44 4.25 -21.15 -32.47
N ARG E 45 3.93 -22.42 -32.27
CA ARG E 45 2.63 -22.83 -31.76
C ARG E 45 2.61 -22.69 -30.25
N THR E 46 1.58 -22.01 -29.74
CA THR E 46 1.52 -21.65 -28.33
C THR E 46 0.28 -22.24 -27.68
N ASP E 47 0.44 -22.70 -26.44
CA ASP E 47 -0.65 -23.17 -25.61
C ASP E 47 -0.59 -22.42 -24.29
N MET E 48 -1.69 -22.43 -23.55
CA MET E 48 -1.78 -21.68 -22.31
C MET E 48 -2.67 -22.41 -21.32
N TYR E 49 -2.26 -22.40 -20.05
CA TYR E 49 -3.01 -22.99 -18.95
C TYR E 49 -3.02 -22.00 -17.80
N VAL E 50 -4.22 -21.53 -17.43
CA VAL E 50 -4.35 -20.54 -16.37
C VAL E 50 -4.39 -21.29 -15.04
N ASN E 51 -3.27 -21.28 -14.31
CA ASN E 51 -3.22 -21.95 -13.02
C ASN E 51 -4.14 -21.28 -12.02
N SER E 52 -4.30 -19.95 -12.11
CA SER E 52 -5.24 -19.22 -11.29
C SER E 52 -5.55 -17.90 -11.97
N PHE E 53 -6.81 -17.49 -11.95
CA PHE E 53 -7.22 -16.18 -12.45
C PHE E 53 -7.20 -15.23 -11.26
N GLY E 54 -6.25 -14.30 -11.24
CA GLY E 54 -5.99 -13.49 -10.08
C GLY E 54 -7.08 -12.50 -9.79
N PRO E 55 -7.00 -11.87 -8.61
CA PRO E 55 -8.02 -10.87 -8.25
C PRO E 55 -8.14 -9.78 -9.30
N VAL E 56 -9.39 -9.39 -9.57
CA VAL E 56 -9.72 -8.31 -10.49
C VAL E 56 -9.89 -7.02 -9.69
N SER E 57 -9.19 -5.98 -10.09
CA SER E 57 -9.22 -4.69 -9.42
C SER E 57 -10.01 -3.70 -10.29
N ASP E 58 -11.27 -3.47 -9.94
CA ASP E 58 -12.08 -2.52 -10.69
C ASP E 58 -11.50 -1.11 -10.58
N THR E 59 -11.13 -0.69 -9.37
CA THR E 59 -10.58 0.65 -9.18
C THR E 59 -9.37 0.89 -10.06
N GLU E 60 -8.49 -0.10 -10.17
CA GLU E 60 -7.27 0.03 -10.96
C GLU E 60 -7.44 -0.43 -12.40
N MET E 61 -8.63 -0.93 -12.76
CA MET E 61 -8.91 -1.37 -14.13
C MET E 61 -7.86 -2.38 -14.61
N GLU E 62 -7.59 -3.37 -13.76
CA GLU E 62 -6.59 -4.37 -14.06
C GLU E 62 -7.02 -5.71 -13.48
N TYR E 63 -6.25 -6.75 -13.81
CA TYR E 63 -6.51 -8.09 -13.31
C TYR E 63 -5.19 -8.84 -13.25
N THR E 64 -5.13 -9.85 -12.39
CA THR E 64 -3.96 -10.69 -12.22
C THR E 64 -4.25 -12.09 -12.75
N ILE E 65 -3.20 -12.78 -13.20
CA ILE E 65 -3.36 -14.09 -13.81
C ILE E 65 -2.05 -14.86 -13.65
N ASP E 66 -2.17 -16.13 -13.27
CA ASP E 66 -1.04 -17.04 -13.12
C ASP E 66 -1.17 -18.15 -14.15
N ILE E 67 -0.29 -18.17 -15.14
CA ILE E 67 -0.43 -19.08 -16.28
C ILE E 67 0.82 -19.92 -16.43
N PHE E 68 0.66 -21.04 -17.14
CA PHE E 68 1.76 -21.79 -17.72
C PHE E 68 1.74 -21.50 -19.21
N PHE E 69 2.74 -20.77 -19.70
CA PHE E 69 2.77 -20.29 -21.08
C PHE E 69 3.74 -21.15 -21.87
N ALA E 70 3.21 -21.95 -22.80
CA ALA E 70 4.00 -22.90 -23.58
C ALA E 70 4.15 -22.43 -25.01
N GLN E 71 5.34 -22.63 -25.57
CA GLN E 71 5.64 -22.33 -26.96
C GLN E 71 6.43 -23.49 -27.54
N THR E 72 6.11 -23.89 -28.77
CA THR E 72 6.84 -24.98 -29.43
C THR E 72 7.19 -24.58 -30.85
N TRP E 73 8.46 -24.78 -31.22
CA TRP E 73 8.94 -24.49 -32.56
C TRP E 73 10.01 -25.52 -32.92
N LYS E 74 10.51 -25.43 -34.15
CA LYS E 74 11.53 -26.31 -34.68
C LYS E 74 12.84 -25.57 -34.88
N ASP E 75 13.93 -26.14 -34.38
CA ASP E 75 15.28 -25.60 -34.58
C ASP E 75 16.12 -26.72 -35.18
N GLU E 76 16.55 -26.53 -36.43
CA GLU E 76 17.36 -27.55 -37.09
C GLU E 76 18.61 -27.87 -36.30
N ARG E 77 19.27 -26.86 -35.74
CA ARG E 77 20.53 -27.06 -35.04
C ARG E 77 20.37 -27.97 -33.83
N LEU E 78 19.15 -28.17 -33.34
CA LEU E 78 18.92 -29.01 -32.18
C LEU E 78 18.64 -30.46 -32.55
N ARG E 79 18.77 -30.82 -33.83
CA ARG E 79 18.65 -32.22 -34.22
C ARG E 79 19.75 -33.04 -33.55
N PHE E 80 19.35 -34.14 -32.90
CA PHE E 80 20.28 -35.06 -32.27
C PHE E 80 19.78 -36.47 -32.51
N LYS E 81 20.68 -37.44 -32.47
CA LYS E 81 20.34 -38.86 -32.55
C LYS E 81 20.83 -39.52 -31.28
N GLY E 82 19.92 -40.18 -30.55
CA GLY E 82 20.29 -40.83 -29.31
C GLY E 82 19.33 -41.91 -28.87
N PRO E 83 19.60 -42.49 -27.69
CA PRO E 83 18.71 -43.54 -27.16
C PRO E 83 17.36 -42.99 -26.73
N MET E 84 17.38 -41.91 -25.96
CA MET E 84 16.15 -41.27 -25.52
C MET E 84 15.62 -40.36 -26.64
N GLN E 85 14.30 -40.29 -26.76
CA GLN E 85 13.69 -39.50 -27.82
C GLN E 85 13.64 -38.01 -27.45
N ARG E 86 13.16 -37.71 -26.24
CA ARG E 86 13.07 -36.33 -25.77
C ARG E 86 14.27 -36.01 -24.87
N LEU E 87 14.27 -34.80 -24.32
CA LEU E 87 15.34 -34.35 -23.44
C LEU E 87 14.76 -33.47 -22.33
N PRO E 88 14.34 -34.08 -21.23
CA PRO E 88 13.87 -33.27 -20.08
C PRO E 88 15.03 -32.50 -19.47
N LEU E 89 14.94 -31.18 -19.52
CA LEU E 89 16.02 -30.31 -19.07
C LEU E 89 15.47 -29.19 -18.20
N ASP E 90 16.40 -28.41 -17.63
CA ASP E 90 16.08 -27.29 -16.77
C ASP E 90 16.10 -26.00 -17.58
N ASN E 91 16.07 -24.86 -16.87
CA ASN E 91 16.21 -23.56 -17.51
C ASN E 91 17.63 -23.30 -17.99
N ARG E 92 18.63 -24.02 -17.45
CA ARG E 92 20.01 -23.75 -17.82
C ARG E 92 20.22 -23.78 -19.33
N VAL E 93 19.54 -24.70 -20.02
CA VAL E 93 19.74 -24.80 -21.46
C VAL E 93 18.93 -23.75 -22.20
N ALA E 94 17.82 -23.27 -21.60
CA ALA E 94 17.00 -22.27 -22.28
C ALA E 94 17.79 -21.01 -22.59
N ASP E 95 18.74 -20.65 -21.71
CA ASP E 95 19.55 -19.46 -21.95
C ASP E 95 20.57 -19.69 -23.05
N GLN E 96 20.97 -20.94 -23.26
CA GLN E 96 22.02 -21.25 -24.23
C GLN E 96 21.51 -21.40 -25.65
N ILE E 97 20.22 -21.64 -25.83
CA ILE E 97 19.64 -21.79 -27.15
C ILE E 97 18.79 -20.55 -27.46
N TRP E 98 18.31 -20.48 -28.69
CA TRP E 98 17.42 -19.41 -29.08
C TRP E 98 15.99 -19.71 -28.66
N THR E 99 15.30 -18.71 -28.13
CA THR E 99 13.89 -18.81 -27.77
C THR E 99 13.19 -17.57 -28.27
N PRO E 100 11.90 -17.66 -28.58
CA PRO E 100 11.16 -16.48 -29.06
C PRO E 100 11.12 -15.40 -27.99
N ASP E 101 11.08 -14.15 -28.44
CA ASP E 101 11.00 -13.00 -27.54
C ASP E 101 9.56 -12.53 -27.39
N THR E 102 8.66 -13.49 -27.13
CA THR E 102 7.25 -13.18 -26.98
C THR E 102 7.04 -12.22 -25.81
N PHE E 103 6.12 -11.27 -25.99
CA PHE E 103 5.79 -10.30 -24.94
C PHE E 103 4.30 -10.00 -24.97
N PHE E 104 3.77 -9.70 -23.78
CA PHE E 104 2.36 -9.41 -23.60
C PHE E 104 2.15 -7.91 -23.73
N HIS E 105 1.45 -7.51 -24.78
CA HIS E 105 1.30 -6.08 -25.09
C HIS E 105 0.62 -5.35 -23.94
N ASN E 106 -0.52 -5.87 -23.48
CA ASN E 106 -1.34 -5.23 -22.46
C ASN E 106 -0.83 -5.48 -21.04
N ASP E 107 0.44 -5.82 -20.87
CA ASP E 107 0.99 -6.08 -19.56
C ASP E 107 1.19 -4.79 -18.77
N LYS E 108 0.78 -4.80 -17.50
CA LYS E 108 1.10 -3.71 -16.58
C LYS E 108 2.42 -3.99 -15.85
N LYS E 109 2.45 -5.05 -15.04
CA LYS E 109 3.69 -5.49 -14.41
C LYS E 109 3.60 -7.01 -14.28
N SER E 110 4.71 -7.69 -14.53
CA SER E 110 4.70 -9.16 -14.50
C SER E 110 6.08 -9.66 -14.07
N PHE E 111 6.15 -10.96 -13.80
CA PHE E 111 7.39 -11.60 -13.37
C PHE E 111 7.24 -13.11 -13.52
N ALA E 112 8.37 -13.78 -13.68
CA ALA E 112 8.43 -15.23 -13.77
C ALA E 112 8.85 -15.80 -12.42
N HIS E 113 8.09 -16.76 -11.91
CA HIS E 113 8.41 -17.36 -10.62
C HIS E 113 9.80 -17.98 -10.66
N GLY E 114 10.50 -17.85 -9.53
CA GLY E 114 11.90 -18.25 -9.48
C GLY E 114 12.25 -19.26 -8.41
N MET E 115 11.31 -19.57 -7.52
CA MET E 115 11.58 -20.46 -6.40
C MET E 115 11.06 -21.87 -6.66
N THR E 116 11.86 -22.88 -6.32
CA THR E 116 13.21 -22.69 -5.77
C THR E 116 14.16 -22.30 -6.90
N THR E 117 13.94 -22.86 -8.08
CA THR E 117 14.66 -22.48 -9.27
C THR E 117 13.69 -21.85 -10.25
N PRO E 118 14.16 -21.18 -11.29
CA PRO E 118 13.23 -20.63 -12.30
C PRO E 118 12.24 -21.67 -12.78
N ASN E 119 10.96 -21.34 -12.72
CA ASN E 119 9.91 -22.25 -13.13
C ASN E 119 9.87 -22.27 -14.66
N LYS E 120 10.71 -23.12 -15.23
CA LYS E 120 10.89 -23.19 -16.68
C LYS E 120 11.15 -24.64 -17.07
N MET E 121 10.82 -24.99 -18.31
CA MET E 121 10.93 -26.36 -18.78
C MET E 121 11.28 -26.36 -20.26
N LEU E 122 12.35 -27.07 -20.60
CA LEU E 122 12.82 -27.21 -21.98
C LEU E 122 12.89 -28.69 -22.33
N ARG E 123 12.27 -29.05 -23.46
CA ARG E 123 12.26 -30.42 -23.94
C ARG E 123 12.56 -30.41 -25.43
N ILE E 124 13.59 -31.15 -25.83
CA ILE E 124 14.04 -31.20 -27.22
C ILE E 124 13.85 -32.63 -27.72
N TRP E 125 13.25 -32.77 -28.91
CA TRP E 125 13.07 -34.06 -29.56
C TRP E 125 14.05 -34.16 -30.71
N ASN E 126 14.35 -35.41 -31.10
CA ASN E 126 15.30 -35.66 -32.18
C ASN E 126 15.01 -34.81 -33.41
N ASP E 127 13.72 -34.66 -33.74
CA ASP E 127 13.32 -33.88 -34.91
C ASP E 127 13.88 -32.46 -34.86
N GLY E 128 14.17 -31.96 -33.66
CA GLY E 128 14.50 -30.55 -33.48
C GLY E 128 13.37 -29.73 -32.90
N ARG E 129 12.16 -30.30 -32.82
CA ARG E 129 11.05 -29.58 -32.22
C ARG E 129 11.37 -29.25 -30.77
N VAL E 130 11.07 -28.03 -30.37
CA VAL E 130 11.32 -27.54 -29.01
C VAL E 130 9.98 -27.32 -28.33
N LEU E 131 9.90 -27.68 -27.06
CA LEU E 131 8.77 -27.33 -26.20
C LEU E 131 9.31 -26.44 -25.09
N TYR E 132 8.79 -25.22 -25.01
CA TYR E 132 9.32 -24.19 -24.09
C TYR E 132 8.15 -23.57 -23.36
N THR E 133 7.94 -24.00 -22.11
CA THR E 133 6.87 -23.48 -21.28
C THR E 133 7.45 -22.93 -19.99
N MET E 134 6.76 -21.93 -19.43
CA MET E 134 7.21 -21.28 -18.22
C MET E 134 6.00 -20.80 -17.44
N ARG E 135 6.21 -20.57 -16.14
CA ARG E 135 5.17 -20.08 -15.25
C ARG E 135 5.30 -18.57 -15.10
N LEU E 136 4.17 -17.87 -15.29
CA LEU E 136 4.14 -16.42 -15.26
C LEU E 136 2.97 -15.92 -14.42
N THR E 137 3.24 -14.91 -13.59
CA THR E 137 2.20 -14.12 -12.94
C THR E 137 2.21 -12.74 -13.59
N ILE E 138 1.08 -12.35 -14.18
CA ILE E 138 0.99 -11.13 -14.96
C ILE E 138 -0.16 -10.27 -14.46
N SER E 139 0.11 -8.98 -14.27
CA SER E 139 -0.93 -7.98 -14.04
C SER E 139 -1.11 -7.23 -15.35
N ALA E 140 -2.32 -7.29 -15.91
CA ALA E 140 -2.61 -6.68 -17.20
C ALA E 140 -3.84 -5.78 -17.09
N GLU E 141 -3.96 -4.85 -18.04
CA GLU E 141 -5.07 -3.94 -18.07
C GLU E 141 -6.33 -4.64 -18.55
N CYS E 142 -7.45 -4.31 -17.90
CA CYS E 142 -8.76 -4.81 -18.28
C CYS E 142 -9.66 -3.59 -18.35
N PRO E 143 -9.68 -2.87 -19.48
CA PRO E 143 -10.56 -1.70 -19.56
C PRO E 143 -12.00 -2.15 -19.35
N MET E 144 -12.73 -1.40 -18.53
CA MET E 144 -14.07 -1.81 -18.14
C MET E 144 -15.05 -0.69 -18.43
N ASP E 145 -16.26 -1.09 -18.83
CA ASP E 145 -17.39 -0.18 -18.95
C ASP E 145 -18.40 -0.51 -17.85
N LEU E 146 -18.70 0.48 -17.01
CA LEU E 146 -19.50 0.26 -15.81
C LEU E 146 -20.87 0.92 -15.90
N GLU E 147 -21.39 1.08 -17.12
CA GLU E 147 -22.73 1.63 -17.27
C GLU E 147 -23.76 0.75 -16.58
N ASP E 148 -23.70 -0.55 -16.82
CA ASP E 148 -24.62 -1.51 -16.21
C ASP E 148 -24.13 -2.01 -14.87
N PHE E 149 -23.09 -1.41 -14.31
CA PHE E 149 -22.63 -1.80 -12.99
C PHE E 149 -23.79 -1.71 -11.99
N PRO E 150 -23.94 -2.68 -11.09
CA PRO E 150 -23.13 -3.89 -10.88
C PRO E 150 -23.64 -5.09 -11.66
N MET E 151 -24.60 -4.90 -12.56
CA MET E 151 -25.09 -5.99 -13.41
C MET E 151 -24.51 -5.92 -14.83
N ASP E 152 -23.19 -5.90 -14.94
CA ASP E 152 -22.48 -5.73 -16.21
C ASP E 152 -21.57 -6.91 -16.49
N GLU E 153 -21.20 -7.07 -17.77
CA GLU E 153 -20.26 -8.07 -18.20
C GLU E 153 -19.01 -7.37 -18.71
N GLN E 154 -17.84 -7.84 -18.28
CA GLN E 154 -16.56 -7.23 -18.60
C GLN E 154 -15.67 -8.29 -19.22
N ASN E 155 -14.86 -7.90 -20.21
CA ASN E 155 -13.97 -8.84 -20.90
C ASN E 155 -12.54 -8.34 -20.76
N CYS E 156 -11.65 -9.18 -20.22
CA CYS E 156 -10.27 -8.78 -19.96
C CYS E 156 -9.34 -9.44 -20.97
N PRO E 157 -8.62 -8.68 -21.80
CA PRO E 157 -7.78 -9.30 -22.82
C PRO E 157 -6.40 -9.67 -22.29
N LEU E 158 -5.65 -10.40 -23.14
CA LEU E 158 -4.28 -10.79 -22.86
C LEU E 158 -3.56 -10.99 -24.20
N LYS E 159 -3.34 -9.89 -24.91
CA LYS E 159 -2.74 -9.95 -26.23
C LYS E 159 -1.21 -10.03 -26.10
N PHE E 160 -0.60 -10.94 -26.86
CA PHE E 160 0.82 -11.19 -26.74
C PHE E 160 1.39 -11.53 -28.11
N GLY E 161 2.70 -11.34 -28.24
CA GLY E 161 3.39 -11.62 -29.49
C GLY E 161 4.86 -11.28 -29.35
N SER E 162 5.58 -11.46 -30.45
CA SER E 162 7.01 -11.15 -30.46
C SER E 162 7.24 -9.65 -30.48
N TYR E 163 8.38 -9.24 -29.96
CA TYR E 163 8.76 -7.84 -29.89
C TYR E 163 9.69 -7.40 -31.02
N ALA E 164 10.63 -8.27 -31.41
CA ALA E 164 11.64 -7.91 -32.39
C ALA E 164 11.48 -8.61 -33.73
N TYR E 165 10.61 -9.60 -33.83
CA TYR E 165 10.44 -10.38 -35.06
C TYR E 165 9.05 -10.18 -35.63
N PRO E 166 8.90 -9.47 -36.77
CA PRO E 166 7.56 -9.33 -37.37
C PRO E 166 7.02 -10.66 -37.89
N ASN E 167 5.87 -10.61 -38.57
CA ASN E 167 5.29 -11.84 -39.10
C ASN E 167 6.12 -12.45 -40.20
N SER E 168 6.92 -11.65 -40.90
CA SER E 168 7.78 -12.18 -41.96
C SER E 168 8.91 -13.04 -41.43
N GLU E 169 9.18 -13.02 -40.12
CA GLU E 169 10.27 -13.78 -39.52
C GLU E 169 9.79 -14.74 -38.45
N VAL E 170 8.81 -14.35 -37.65
CA VAL E 170 8.24 -15.23 -36.62
C VAL E 170 6.72 -15.09 -36.69
N VAL E 171 6.03 -16.22 -36.54
CA VAL E 171 4.57 -16.25 -36.58
C VAL E 171 4.07 -17.10 -35.42
N TYR E 172 2.98 -16.67 -34.80
CA TYR E 172 2.37 -17.38 -33.69
C TYR E 172 1.02 -17.95 -34.11
N VAL E 173 0.69 -19.11 -33.55
CA VAL E 173 -0.57 -19.77 -33.84
C VAL E 173 -0.97 -20.58 -32.62
N TRP E 174 -2.28 -20.72 -32.41
CA TRP E 174 -2.81 -21.49 -31.31
C TRP E 174 -2.77 -22.98 -31.66
N THR E 175 -2.83 -23.80 -30.61
CA THR E 175 -2.74 -25.25 -30.79
C THR E 175 -4.00 -25.75 -31.47
N ASN E 176 -3.86 -26.27 -32.70
CA ASN E 176 -5.02 -26.54 -33.53
C ASN E 176 -5.89 -27.64 -32.93
N GLY E 177 -5.27 -28.71 -32.44
CA GLY E 177 -6.04 -29.86 -31.99
C GLY E 177 -5.41 -30.58 -30.82
N SER E 178 -6.27 -31.29 -30.09
CA SER E 178 -5.95 -32.19 -28.98
C SER E 178 -5.61 -31.42 -27.70
N THR E 179 -5.42 -30.11 -27.76
CA THR E 179 -5.24 -29.29 -26.56
C THR E 179 -6.10 -28.04 -26.73
N LYS E 180 -7.04 -27.83 -25.81
CA LYS E 180 -7.80 -26.58 -25.84
C LYS E 180 -6.82 -25.41 -25.73
N SER E 181 -6.88 -24.51 -26.72
CA SER E 181 -5.85 -23.47 -26.83
C SER E 181 -5.63 -22.75 -25.50
N VAL E 182 -6.71 -22.49 -24.77
CA VAL E 182 -6.66 -21.84 -23.47
C VAL E 182 -7.35 -22.76 -22.46
N VAL E 183 -6.66 -23.06 -21.36
CA VAL E 183 -7.20 -23.88 -20.30
C VAL E 183 -7.20 -23.06 -19.01
N VAL E 184 -8.17 -23.36 -18.14
CA VAL E 184 -8.33 -22.65 -16.87
C VAL E 184 -8.50 -23.70 -15.78
N ALA E 185 -7.62 -23.65 -14.78
CA ALA E 185 -7.72 -24.61 -13.68
C ALA E 185 -9.01 -24.41 -12.91
N GLU E 186 -9.74 -25.52 -12.72
CA GLU E 186 -10.97 -25.46 -11.94
C GLU E 186 -10.70 -25.04 -10.49
N ASP E 187 -9.51 -25.35 -9.98
CA ASP E 187 -9.16 -24.99 -8.61
C ASP E 187 -8.94 -23.49 -8.46
N GLY E 188 -8.49 -22.82 -9.52
CA GLY E 188 -8.06 -21.44 -9.43
C GLY E 188 -9.05 -20.40 -9.93
N SER E 189 -10.09 -20.84 -10.63
CA SER E 189 -10.95 -19.91 -11.33
C SER E 189 -11.88 -19.11 -10.42
N ARG E 190 -12.05 -19.52 -9.17
CA ARG E 190 -13.04 -18.86 -8.32
C ARG E 190 -12.63 -17.42 -8.00
N LEU E 191 -13.62 -16.54 -7.96
CA LEU E 191 -13.44 -15.11 -7.75
C LEU E 191 -14.52 -14.62 -6.81
N ASN E 192 -14.16 -13.75 -5.88
CA ASN E 192 -15.15 -13.28 -4.92
C ASN E 192 -16.21 -12.41 -5.57
N GLN E 193 -15.86 -11.68 -6.63
CA GLN E 193 -16.76 -10.67 -7.18
C GLN E 193 -17.24 -10.97 -8.59
N TYR E 194 -16.63 -11.91 -9.30
CA TYR E 194 -16.97 -12.15 -10.69
C TYR E 194 -17.18 -13.64 -10.95
N HIS E 195 -18.01 -13.93 -11.95
CA HIS E 195 -18.08 -15.26 -12.56
C HIS E 195 -17.20 -15.24 -13.81
N LEU E 196 -16.36 -16.26 -13.97
CA LEU E 196 -15.54 -16.37 -15.18
C LEU E 196 -16.37 -17.11 -16.21
N MET E 197 -17.06 -16.35 -17.08
CA MET E 197 -17.95 -16.94 -18.06
C MET E 197 -17.18 -17.88 -18.99
N GLY E 198 -16.18 -17.34 -19.70
CA GLY E 198 -15.44 -18.16 -20.63
C GLY E 198 -14.26 -17.42 -21.19
N GLN E 199 -13.59 -18.05 -22.15
CA GLN E 199 -12.39 -17.51 -22.78
C GLN E 199 -12.49 -17.70 -24.29
N THR E 200 -12.00 -16.71 -25.03
CA THR E 200 -11.98 -16.76 -26.48
C THR E 200 -10.62 -16.27 -26.96
N VAL E 201 -10.06 -16.96 -27.94
CA VAL E 201 -8.73 -16.68 -28.44
C VAL E 201 -8.84 -15.88 -29.74
N GLY E 202 -7.72 -15.35 -30.20
CA GLY E 202 -7.70 -14.59 -31.43
C GLY E 202 -6.29 -14.37 -31.91
N THR E 203 -6.18 -14.07 -33.20
CA THR E 203 -4.91 -13.79 -33.87
C THR E 203 -5.15 -12.65 -34.85
N GLU E 204 -4.21 -11.71 -34.92
CA GLU E 204 -4.39 -10.54 -35.77
C GLU E 204 -3.02 -9.99 -36.17
N ASN E 205 -2.94 -9.48 -37.40
CA ASN E 205 -1.76 -8.76 -37.86
C ASN E 205 -1.98 -7.25 -37.64
N ILE E 206 -0.92 -6.57 -37.25
CA ILE E 206 -0.95 -5.13 -37.01
C ILE E 206 0.23 -4.51 -37.74
N SER E 207 -0.03 -3.56 -38.62
CA SER E 207 1.03 -2.86 -39.35
C SER E 207 1.60 -1.76 -38.46
N THR E 208 2.89 -1.85 -38.17
CA THR E 208 3.57 -0.86 -37.34
C THR E 208 4.79 -0.32 -38.08
N SER E 209 5.28 0.83 -37.61
CA SER E 209 6.42 1.47 -38.24
C SER E 209 7.69 0.63 -38.13
N THR E 210 7.68 -0.43 -37.34
CA THR E 210 8.80 -1.35 -37.24
C THR E 210 8.49 -2.72 -37.82
N GLY E 211 7.39 -2.85 -38.56
CA GLY E 211 6.99 -4.11 -39.16
C GLY E 211 5.57 -4.48 -38.80
N GLU E 212 5.11 -5.55 -39.44
CA GLU E 212 3.77 -6.09 -39.22
C GLU E 212 3.89 -7.33 -38.33
N TYR E 213 3.51 -7.17 -37.06
CA TYR E 213 3.58 -8.25 -36.09
C TYR E 213 2.25 -8.97 -35.98
N THR E 214 2.30 -10.24 -35.59
CA THR E 214 1.12 -11.07 -35.38
C THR E 214 0.91 -11.22 -33.87
N ILE E 215 -0.06 -10.51 -33.34
CA ILE E 215 -0.38 -10.60 -31.91
C ILE E 215 -1.48 -11.64 -31.74
N MET E 216 -1.35 -12.45 -30.69
CA MET E 216 -2.33 -13.47 -30.35
C MET E 216 -3.04 -13.05 -29.07
N THR E 217 -4.35 -13.22 -29.05
CA THR E 217 -5.18 -12.67 -28.00
C THR E 217 -5.85 -13.77 -27.20
N ALA E 218 -6.01 -13.52 -25.90
CA ALA E 218 -6.73 -14.41 -25.00
C ALA E 218 -7.74 -13.55 -24.23
N HIS E 219 -9.01 -13.65 -24.60
CA HIS E 219 -10.07 -12.86 -23.99
C HIS E 219 -10.70 -13.67 -22.86
N PHE E 220 -10.86 -13.04 -21.70
CA PHE E 220 -11.47 -13.64 -20.52
C PHE E 220 -12.72 -12.83 -20.20
N HIS E 221 -13.88 -13.42 -20.41
CA HIS E 221 -15.16 -12.76 -20.20
C HIS E 221 -15.74 -13.02 -18.81
N LEU E 222 -16.26 -11.96 -18.19
CA LEU E 222 -16.76 -12.05 -16.81
C LEU E 222 -18.02 -11.20 -16.67
N LYS E 223 -18.94 -11.68 -15.82
CA LYS E 223 -20.13 -10.93 -15.43
C LYS E 223 -20.11 -10.77 -13.91
N ARG E 224 -20.39 -9.56 -13.43
CA ARG E 224 -20.24 -9.26 -12.02
C ARG E 224 -21.31 -9.93 -11.17
N LYS E 225 -20.93 -10.28 -9.93
CA LYS E 225 -21.82 -10.89 -8.97
C LYS E 225 -22.56 -9.80 -8.19
N ILE E 226 -23.89 -9.88 -8.17
CA ILE E 226 -24.71 -8.86 -7.54
C ILE E 226 -24.89 -9.06 -6.03
N GLY E 227 -24.50 -10.22 -5.51
CA GLY E 227 -24.78 -10.51 -4.11
C GLY E 227 -24.22 -9.45 -3.17
N TYR E 228 -22.96 -9.06 -3.37
CA TYR E 228 -22.34 -8.12 -2.45
C TYR E 228 -23.07 -6.78 -2.45
N PHE E 229 -23.43 -6.28 -3.64
CA PHE E 229 -24.06 -4.96 -3.74
C PHE E 229 -25.53 -4.99 -3.33
N VAL E 230 -26.20 -6.12 -3.49
CA VAL E 230 -27.57 -6.22 -3.00
C VAL E 230 -27.63 -5.89 -1.52
N ILE E 231 -26.69 -6.42 -0.75
CA ILE E 231 -26.72 -6.25 0.69
C ILE E 231 -26.09 -4.94 1.13
N GLN E 232 -25.10 -4.43 0.40
CA GLN E 232 -24.34 -3.27 0.82
C GLN E 232 -24.95 -1.95 0.37
N THR E 233 -25.70 -1.95 -0.73
CA THR E 233 -26.20 -0.69 -1.28
C THR E 233 -27.71 -0.76 -1.48
N TYR E 234 -28.19 -1.83 -2.09
CA TYR E 234 -29.60 -1.91 -2.47
C TYR E 234 -30.49 -2.06 -1.24
N LEU E 235 -30.20 -3.04 -0.39
CA LEU E 235 -31.02 -3.21 0.81
C LEU E 235 -30.95 -2.00 1.71
N PRO E 236 -29.78 -1.46 2.06
CA PRO E 236 -29.76 -0.21 2.87
C PRO E 236 -30.58 0.91 2.24
N CYS E 237 -30.58 1.02 0.91
CA CYS E 237 -31.37 2.05 0.25
C CYS E 237 -32.86 1.72 0.33
N ILE E 238 -33.22 0.48 0.04
CA ILE E 238 -34.63 0.08 0.05
C ILE E 238 -35.17 0.13 1.48
N MET E 239 -34.36 -0.21 2.47
CA MET E 239 -34.84 -0.16 3.84
C MET E 239 -34.93 1.28 4.34
N THR E 240 -34.15 2.19 3.75
CA THR E 240 -34.21 3.59 4.15
C THR E 240 -35.39 4.32 3.54
N VAL E 241 -35.81 3.92 2.33
CA VAL E 241 -36.96 4.57 1.72
C VAL E 241 -38.25 4.20 2.45
N ILE E 242 -38.39 2.94 2.85
CA ILE E 242 -39.57 2.55 3.62
C ILE E 242 -39.58 3.26 4.97
N LEU E 243 -38.40 3.46 5.56
CA LEU E 243 -38.33 4.17 6.83
C LEU E 243 -38.88 5.58 6.69
N SER E 244 -38.53 6.27 5.60
CA SER E 244 -39.04 7.62 5.40
C SER E 244 -40.56 7.62 5.28
N GLN E 245 -41.13 6.55 4.73
CA GLN E 245 -42.58 6.46 4.55
C GLN E 245 -43.32 6.17 5.84
N VAL E 246 -42.62 5.67 6.86
CA VAL E 246 -43.26 5.50 8.17
C VAL E 246 -43.76 6.83 8.71
N SER E 247 -43.20 7.94 8.24
CA SER E 247 -43.66 9.26 8.67
C SER E 247 -45.15 9.43 8.42
N PHE E 248 -45.68 8.76 7.39
CA PHE E 248 -47.09 8.90 7.06
C PHE E 248 -48.00 8.41 8.17
N TRP E 249 -47.53 7.47 8.99
CA TRP E 249 -48.33 6.92 10.08
C TRP E 249 -48.34 7.81 11.32
N LEU E 250 -47.78 9.01 11.24
CA LEU E 250 -47.80 9.96 12.36
C LEU E 250 -48.72 11.13 12.07
N ASN E 251 -49.07 11.84 13.14
CA ASN E 251 -49.97 12.99 13.03
C ASN E 251 -49.20 14.24 12.62
N ARG E 252 -49.88 15.13 11.91
CA ARG E 252 -49.27 16.40 11.52
C ARG E 252 -48.90 17.25 12.72
N GLU E 253 -49.62 17.08 13.84
CA GLU E 253 -49.28 17.83 15.05
C GLU E 253 -47.86 17.52 15.50
N SER E 254 -47.38 16.30 15.27
CA SER E 254 -46.02 15.91 15.64
C SER E 254 -45.06 16.37 14.53
N VAL E 255 -44.94 17.69 14.41
CA VAL E 255 -44.12 18.28 13.36
C VAL E 255 -42.67 17.82 13.52
N ALA E 256 -42.13 17.95 14.73
CA ALA E 256 -40.75 17.55 14.98
C ALA E 256 -40.54 16.08 14.61
N ALA E 257 -41.46 15.21 15.03
CA ALA E 257 -41.33 13.80 14.70
C ALA E 257 -41.31 13.59 13.19
N ARG E 258 -42.31 14.12 12.48
CA ARG E 258 -42.34 14.02 11.03
C ARG E 258 -41.07 14.61 10.42
N THR E 259 -40.61 15.74 10.96
CA THR E 259 -39.39 16.35 10.44
C THR E 259 -38.18 15.43 10.65
N VAL E 260 -38.06 14.86 11.85
CA VAL E 260 -36.95 13.95 12.12
C VAL E 260 -36.89 12.86 11.07
N PHE E 261 -38.05 12.30 10.72
CA PHE E 261 -38.10 11.26 9.69
C PHE E 261 -37.49 11.75 8.38
N GLY E 262 -38.00 12.86 7.85
CA GLY E 262 -37.58 13.28 6.53
C GLY E 262 -36.12 13.72 6.48
N VAL E 263 -35.75 14.67 7.36
CA VAL E 263 -34.38 15.17 7.34
C VAL E 263 -33.40 14.03 7.55
N THR E 264 -33.75 13.07 8.39
CA THR E 264 -32.82 12.00 8.73
C THR E 264 -32.66 11.03 7.58
N THR E 265 -33.78 10.63 6.97
CA THR E 265 -33.71 9.68 5.86
C THR E 265 -33.11 10.32 4.62
N VAL E 266 -33.32 11.63 4.44
CA VAL E 266 -32.74 12.32 3.29
C VAL E 266 -31.22 12.35 3.39
N LEU E 267 -30.69 12.56 4.60
CA LEU E 267 -29.25 12.59 4.77
C LEU E 267 -28.66 11.19 4.77
N THR E 268 -29.37 10.22 5.37
CA THR E 268 -28.95 8.84 5.28
C THR E 268 -28.78 8.41 3.82
N MET E 269 -29.70 8.81 2.95
CA MET E 269 -29.58 8.46 1.54
C MET E 269 -28.37 9.15 0.91
N THR E 270 -28.09 10.39 1.32
CA THR E 270 -26.89 11.07 0.83
C THR E 270 -25.64 10.30 1.22
N THR E 271 -25.56 9.87 2.49
CA THR E 271 -24.39 9.14 2.96
C THR E 271 -24.22 7.83 2.21
N LEU E 272 -25.32 7.11 1.96
CA LEU E 272 -25.24 5.86 1.24
C LEU E 272 -24.68 6.06 -0.17
N SER E 273 -25.07 7.15 -0.83
CA SER E 273 -24.56 7.43 -2.15
C SER E 273 -23.03 7.57 -2.13
N ILE E 274 -22.54 8.55 -1.38
CA ILE E 274 -21.09 8.79 -1.33
C ILE E 274 -20.36 7.54 -0.88
N SER E 275 -20.89 6.85 0.13
CA SER E 275 -20.24 5.64 0.63
C SER E 275 -20.15 4.58 -0.46
N ALA E 276 -21.26 4.32 -1.15
CA ALA E 276 -21.27 3.28 -2.18
C ALA E 276 -20.32 3.62 -3.33
N ARG E 277 -20.13 4.91 -3.62
CA ARG E 277 -19.24 5.30 -4.71
C ARG E 277 -17.78 5.40 -4.31
N ASN E 278 -17.46 5.51 -3.01
CA ASN E 278 -16.07 5.66 -2.62
C ASN E 278 -15.27 4.42 -2.97
N SER E 279 -15.87 3.24 -2.84
CA SER E 279 -15.18 1.99 -3.13
C SER E 279 -15.03 1.74 -4.62
N LEU E 280 -15.76 2.46 -5.46
CA LEU E 280 -15.79 2.20 -6.89
C LEU E 280 -14.82 3.11 -7.63
N PRO E 281 -14.50 2.78 -8.89
CA PRO E 281 -13.62 3.66 -9.67
C PRO E 281 -14.26 5.02 -9.89
N LYS E 282 -13.43 6.06 -9.88
CA LYS E 282 -13.88 7.44 -10.03
C LYS E 282 -14.21 7.75 -11.49
N VAL E 283 -15.21 7.02 -12.00
CA VAL E 283 -15.69 7.22 -13.37
C VAL E 283 -16.61 8.43 -13.41
N ALA E 284 -16.56 9.16 -14.53
CA ALA E 284 -17.34 10.39 -14.69
C ALA E 284 -18.69 10.15 -15.37
N TYR E 285 -19.32 9.01 -15.12
CA TYR E 285 -20.65 8.74 -15.66
C TYR E 285 -21.43 7.93 -14.65
N ALA E 286 -22.76 8.03 -14.73
CA ALA E 286 -23.63 7.34 -13.80
C ALA E 286 -23.78 5.87 -14.18
N THR E 287 -23.90 5.03 -13.16
CA THR E 287 -24.10 3.60 -13.33
C THR E 287 -25.52 3.22 -12.91
N ALA E 288 -25.88 1.97 -13.20
CA ALA E 288 -27.21 1.50 -12.82
C ALA E 288 -27.43 1.61 -11.32
N MET E 289 -26.38 1.46 -10.52
CA MET E 289 -26.52 1.67 -9.08
C MET E 289 -26.73 3.14 -8.76
N ASP E 290 -26.03 4.03 -9.46
CA ASP E 290 -26.18 5.46 -9.22
C ASP E 290 -27.61 5.91 -9.47
N TRP E 291 -28.18 5.49 -10.60
CA TRP E 291 -29.58 5.84 -10.89
C TRP E 291 -30.50 5.29 -9.80
N PHE E 292 -30.31 4.04 -9.42
CA PHE E 292 -31.10 3.44 -8.35
C PHE E 292 -31.02 4.32 -7.10
N ILE E 293 -29.81 4.72 -6.71
CA ILE E 293 -29.65 5.59 -5.55
C ILE E 293 -30.31 6.94 -5.82
N ALA E 294 -30.22 7.42 -7.06
CA ALA E 294 -30.78 8.73 -7.39
C ALA E 294 -32.28 8.77 -7.16
N VAL E 295 -33.01 7.77 -7.66
CA VAL E 295 -34.45 7.76 -7.49
C VAL E 295 -34.80 7.49 -6.03
N CYS E 296 -34.07 6.58 -5.38
CA CYS E 296 -34.29 6.35 -3.96
C CYS E 296 -34.12 7.63 -3.16
N TYR E 297 -33.21 8.51 -3.60
CA TYR E 297 -33.11 9.83 -2.97
C TYR E 297 -34.34 10.66 -3.29
N ALA E 298 -34.87 10.54 -4.51
CA ALA E 298 -36.09 11.27 -4.86
C ALA E 298 -37.27 10.82 -4.02
N PHE E 299 -37.40 9.51 -3.81
CA PHE E 299 -38.53 9.01 -3.03
C PHE E 299 -38.48 9.50 -1.58
N VAL E 300 -37.30 9.48 -0.96
CA VAL E 300 -37.20 9.95 0.41
C VAL E 300 -37.38 11.46 0.46
N PHE E 301 -36.74 12.18 -0.46
CA PHE E 301 -36.93 13.63 -0.49
C PHE E 301 -38.38 13.98 -0.77
N SER E 302 -39.03 13.22 -1.66
CA SER E 302 -40.45 13.43 -1.90
C SER E 302 -41.28 13.19 -0.65
N ALA E 303 -40.95 12.15 0.12
CA ALA E 303 -41.67 11.88 1.35
C ALA E 303 -41.57 13.06 2.31
N LEU E 304 -40.36 13.60 2.50
CA LEU E 304 -40.22 14.80 3.31
C LEU E 304 -40.97 15.96 2.69
N LEU E 305 -40.96 16.04 1.36
CA LEU E 305 -41.72 17.07 0.65
C LEU E 305 -43.22 16.87 0.87
N GLU E 306 -43.66 15.63 1.01
CA GLU E 306 -45.08 15.38 1.28
C GLU E 306 -45.51 15.98 2.60
N PHE E 307 -44.72 15.73 3.66
CA PHE E 307 -45.06 16.29 4.97
C PHE E 307 -44.99 17.81 4.94
N ALA E 308 -43.99 18.37 4.27
CA ALA E 308 -43.88 19.83 4.20
C ALA E 308 -45.13 20.43 3.58
N PHE E 309 -45.68 19.78 2.56
CA PHE E 309 -46.94 20.23 1.97
C PHE E 309 -48.09 19.98 2.92
N VAL E 310 -48.16 18.78 3.48
CA VAL E 310 -49.22 18.43 4.42
C VAL E 310 -49.21 19.38 5.61
N ASN E 311 -48.03 19.64 6.16
CA ASN E 311 -47.93 20.50 7.34
C ASN E 311 -48.29 21.95 7.04
N TYR E 312 -48.19 22.37 5.78
CA TYR E 312 -48.51 23.76 5.44
C TYR E 312 -50.02 24.00 5.33
N ILE E 313 -50.79 22.97 4.96
CA ILE E 313 -52.23 23.12 4.78
C ILE E 313 -53.01 22.39 5.87
N THR E 314 -52.35 21.84 6.87
CA THR E 314 -53.06 21.10 7.91
C THR E 314 -54.01 21.99 8.70
N LYS E 315 -53.73 23.30 8.75
CA LYS E 315 -54.58 24.22 9.48
C LYS E 315 -55.70 24.80 8.63
N SER E 316 -55.44 25.05 7.35
CA SER E 316 -56.45 25.60 6.46
C SER E 316 -57.32 24.52 5.83
N GLN E 317 -56.74 23.37 5.50
CA GLN E 317 -57.44 22.28 4.83
C GLN E 317 -57.14 20.96 5.55
N PRO E 318 -57.53 20.86 6.82
CA PRO E 318 -57.23 19.62 7.57
C PRO E 318 -57.79 18.36 6.92
N ALA E 319 -58.92 18.48 6.21
CA ALA E 319 -59.47 17.31 5.52
C ALA E 319 -58.58 16.88 4.37
N ARG E 320 -58.04 17.84 3.61
CA ARG E 320 -57.16 17.49 2.50
C ARG E 320 -55.81 17.03 3.02
N ALA E 321 -55.24 17.73 4.01
CA ALA E 321 -53.96 17.32 4.57
C ALA E 321 -54.03 15.91 5.14
N ALA E 322 -55.10 15.59 5.86
CA ALA E 322 -55.27 14.24 6.38
C ALA E 322 -55.50 13.24 5.26
N LYS E 323 -56.28 13.63 4.24
CA LYS E 323 -56.60 12.71 3.16
C LYS E 323 -55.34 12.29 2.40
N ILE E 324 -54.45 13.23 2.12
CA ILE E 324 -53.26 12.89 1.33
C ILE E 324 -52.29 12.04 2.14
N ASP E 325 -52.32 12.16 3.48
CA ASP E 325 -51.49 11.28 4.29
C ASP E 325 -51.93 9.84 4.19
N LYS E 326 -53.22 9.60 3.91
CA LYS E 326 -53.73 8.24 3.79
C LYS E 326 -53.41 7.63 2.43
N MET E 327 -53.49 8.43 1.37
CA MET E 327 -53.14 7.93 0.04
C MET E 327 -51.62 7.84 -0.12
N SER E 328 -50.87 8.76 0.48
CA SER E 328 -49.42 8.69 0.40
C SER E 328 -48.91 7.40 1.01
N ARG E 329 -49.66 6.83 1.95
CA ARG E 329 -49.29 5.57 2.60
C ARG E 329 -49.36 4.39 1.64
N ILE E 330 -50.06 4.53 0.52
CA ILE E 330 -50.25 3.40 -0.39
C ILE E 330 -49.71 3.73 -1.77
N VAL E 331 -49.66 5.01 -2.12
CA VAL E 331 -49.12 5.38 -3.42
C VAL E 331 -47.59 5.34 -3.40
N PHE E 332 -46.98 5.84 -2.33
CA PHE E 332 -45.52 5.83 -2.24
C PHE E 332 -44.97 4.40 -2.28
N PRO E 333 -45.41 3.47 -1.43
CA PRO E 333 -44.86 2.10 -1.52
C PRO E 333 -45.04 1.48 -2.89
N ILE E 334 -46.22 1.63 -3.48
CA ILE E 334 -46.46 1.10 -4.81
C ILE E 334 -45.57 1.80 -5.83
N LEU E 335 -45.52 3.13 -5.77
CA LEU E 335 -44.69 3.88 -6.71
C LEU E 335 -43.21 3.54 -6.55
N PHE E 336 -42.79 3.14 -5.34
CA PHE E 336 -41.43 2.65 -5.20
C PHE E 336 -41.34 1.18 -5.62
N GLY E 337 -42.31 0.37 -5.18
CA GLY E 337 -42.35 -1.02 -5.59
C GLY E 337 -42.44 -1.16 -7.10
N THR E 338 -43.18 -0.27 -7.76
CA THR E 338 -43.26 -0.31 -9.21
C THR E 338 -41.91 -0.01 -9.85
N PHE E 339 -41.11 0.86 -9.23
CA PHE E 339 -39.78 1.14 -9.75
C PHE E 339 -38.86 -0.08 -9.64
N ASN E 340 -38.89 -0.76 -8.50
CA ASN E 340 -38.04 -1.94 -8.32
C ASN E 340 -38.39 -3.03 -9.32
N LEU E 341 -39.69 -3.25 -9.56
CA LEU E 341 -40.09 -4.26 -10.53
C LEU E 341 -39.48 -3.98 -11.91
N VAL E 342 -39.58 -2.73 -12.36
CA VAL E 342 -39.02 -2.38 -13.67
C VAL E 342 -37.50 -2.35 -13.61
N TYR E 343 -36.94 -1.84 -12.51
CA TYR E 343 -35.48 -1.75 -12.42
C TYR E 343 -34.83 -3.12 -12.45
N TRP E 344 -35.19 -3.99 -11.51
CA TRP E 344 -34.55 -5.30 -11.42
C TRP E 344 -34.84 -6.16 -12.65
N ALA E 345 -36.02 -6.01 -13.24
CA ALA E 345 -36.31 -6.74 -14.47
C ALA E 345 -35.48 -6.22 -15.62
N THR E 346 -35.25 -4.89 -15.66
CA THR E 346 -34.53 -4.29 -16.77
C THR E 346 -33.10 -4.80 -16.85
N TYR E 347 -32.35 -4.65 -15.76
CA TYR E 347 -30.92 -4.97 -15.78
C TYR E 347 -30.61 -6.43 -15.49
N LEU E 348 -31.57 -7.21 -14.99
CA LEU E 348 -31.33 -8.61 -14.70
C LEU E 348 -31.87 -9.53 -15.79
N ASN E 349 -32.33 -8.97 -16.91
CA ASN E 349 -32.76 -9.77 -18.06
C ASN E 349 -32.01 -9.31 -19.31
C1 QMU F . 0.10 -26.13 -21.34
C2 QMU F . -1.26 -26.74 -21.08
C3 QMU F . -0.03 -24.65 -21.58
C4 QMU F . 2.15 -26.56 -20.02
C5 QMU F . 2.60 -26.79 -18.62
C6 QMU F . 2.15 -27.69 -17.67
C8 QMU F . 0.09 -28.79 -18.74
C9 QMU F . -1.31 -28.86 -18.14
C10 QMU F . -1.20 -27.96 -16.95
C12 QMU F . 1.81 -28.57 -14.71
C13 QMU F . 3.01 -28.28 -15.39
C15 QMU F . 4.23 -28.72 -14.89
C16 QMU F . 4.28 -29.46 -13.72
C17 QMU F . 3.11 -29.77 -13.04
C18 QMU F . 1.89 -29.34 -13.54
N QMU F . 0.13 -28.26 -16.44
C QMU F . 0.80 -26.78 -22.50
O QMU F . 0.85 -26.25 -20.06
C11 QMU F . 0.47 -28.11 -15.15
C14 QMU F . 3.89 -26.54 -16.94
C7 QMU F . 1.03 -28.69 -17.52
N1 QMU F . 3.01 -27.52 -16.59
N2 QMU F . 3.67 -26.06 -18.14
O1 QMU F . 2.89 -26.68 -20.97
O2 QMU F . -0.29 -27.59 -14.35
BR QMU F . 0.34 -29.83 -12.58
H5 QMU F . -1.27 -27.83 -21.19
H3 QMU F . -2.03 -26.38 -21.75
H4 QMU F . -1.64 -26.55 -20.09
H7 QMU F . 0.94 -24.19 -21.79
H6 QMU F . -0.45 -24.13 -20.71
H8 QMU F . -0.68 -24.43 -22.42
H10 QMU F . 0.26 -29.68 -19.35
H11 QMU F . 0.15 -27.94 -19.42
H13 QMU F . -1.60 -29.87 -17.87
H12 QMU F . -2.08 -28.53 -18.84
H15 QMU F . -1.30 -26.90 -17.18
H14 QMU F . -1.95 -28.15 -16.18
H17 QMU F . 5.16 -28.48 -15.41
H18 QMU F . 5.23 -29.80 -13.33
H19 QMU F . 3.15 -30.36 -12.13
H1 QMU F . 1.70 -26.23 -22.79
H2 QMU F . 0.15 -26.84 -23.37
H QMU F . 1.10 -27.80 -22.25
H16 QMU F . 4.67 -26.18 -16.29
H9 QMU F . 1.46 -29.67 -17.33
C1 DMU G . -15.08 0.46 9.01
C2 DMU G . -13.63 0.07 8.81
C3 DMU G . -13.27 0.04 7.32
C4 DMU G . -13.68 1.35 6.65
O5 DMU G . -15.07 1.60 6.89
C6 DMU G . -15.37 1.76 8.26
O7 DMU G . -11.84 -0.08 7.21
O16 DMU G . -16.73 2.06 8.43
C18 DMU G . -17.11 3.27 7.78
C19 DMU G . -18.58 3.18 7.43
C22 DMU G . -19.12 4.44 6.77
C25 DMU G . -20.60 4.38 6.45
C28 DMU G . -21.16 5.69 5.92
O49 DMU G . -15.35 0.63 10.40
O55 DMU G . -13.41 -1.21 9.41
C57 DMU G . -13.45 1.42 5.14
O61 DMU G . -12.07 1.46 4.84
C5 DMU G . -9.78 -1.13 7.66
C7 DMU G . -9.15 -0.49 6.43
C8 DMU G . -9.47 -1.30 5.18
C9 DMU G . -10.96 -1.58 5.06
O1 DMU G . -11.45 -2.16 6.28
C10 DMU G . -11.26 -1.35 7.42
O2 DMU G . -9.04 -0.58 4.02
O3 DMU G . -9.59 -0.30 8.79
O4 DMU G . -7.74 -0.37 6.60
C11 DMU G . -11.32 -2.57 3.96
O6 DMU G . -10.30 -3.55 3.81
H1 DMU G . -15.71 -0.34 8.62
H2 DMU G . -12.97 0.79 9.28
H3 DMU G . -13.78 -0.79 6.84
H4 DMU G . -13.08 2.16 7.08
H5 DMU G . -14.78 2.56 8.68
H6 DMU G . -16.92 4.11 8.45
H7 DMU G . -16.51 3.42 6.90
H8 DMU G . -18.75 2.33 6.77
H9 DMU G . -19.16 2.95 8.32
H10 DMU G . -18.92 5.30 7.41
H11 DMU G . -18.55 4.64 5.86
H12 DMU G . -20.79 3.59 5.74
H13 DMU G . -21.16 4.08 7.34
H14 DMU G . -20.73 6.53 6.46
H15 DMU G . -20.82 5.85 4.89
H27 DMU G . -16.32 0.81 10.47
H28 DMU G . -12.60 -1.13 9.97
H29 DMU G . -13.86 0.56 4.61
H30 DMU G . -13.89 2.31 4.69
H31 DMU G . -11.97 2.02 4.02
H32 DMU G . -9.30 -2.09 7.86
H33 DMU G . -9.57 0.51 6.30
H34 DMU G . -8.95 -2.26 5.23
H35 DMU G . -11.48 -0.64 4.85
H36 DMU G . -11.74 -1.95 8.20
H37 DMU G . -9.56 0.27 4.01
H38 DMU G . -10.47 0.07 9.05
H39 DMU G . -7.40 0.13 5.82
H40 DMU G . -11.41 -2.09 2.97
H41 DMU G . -12.24 -3.10 4.14
H42 DMU G . -10.05 -3.85 4.72
N NO3 H . -3.65 -13.45 11.18
O1 NO3 H . -3.22 -12.38 11.72
O2 NO3 H . -4.90 -13.69 11.15
O3 NO3 H . -2.84 -14.28 10.68
C1 NAG I . 1.79 -42.09 -8.44
C2 NAG I . 0.58 -42.95 -8.13
C3 NAG I . 1.02 -44.27 -7.50
C4 NAG I . 2.05 -44.93 -8.41
C5 NAG I . 3.20 -43.97 -8.71
C6 NAG I . 4.18 -44.61 -9.70
C7 NAG I . -1.54 -41.86 -7.67
C8 NAG I . -2.40 -41.14 -6.68
N2 NAG I . -0.34 -42.26 -7.25
O3 NAG I . -0.09 -45.12 -7.32
O4 NAG I . 2.56 -46.09 -7.77
O5 NAG I . 2.71 -42.77 -9.26
O6 NAG I . 3.52 -44.87 -10.91
O7 NAG I . -1.95 -42.06 -8.81
C1 QMU J . 14.24 -29.61 7.83
C2 QMU J . 13.22 -29.07 6.85
C3 QMU J . 15.16 -30.59 7.17
C4 QMU J . 15.42 -27.44 7.73
C5 QMU J . 16.24 -26.49 8.52
C6 QMU J . 16.43 -26.26 9.86
C8 QMU J . 14.92 -28.03 10.96
C9 QMU J . 14.32 -28.16 12.33
C10 QMU J . 14.26 -26.73 12.86
C12 QMU J . 17.03 -24.37 12.24
C13 QMU J . 17.84 -24.59 11.12
C15 QMU J . 19.16 -24.17 11.09
C16 QMU J . 19.70 -23.51 12.18
C17 QMU J . 18.93 -23.27 13.31
C18 QMU J . 17.62 -23.70 13.33
N QMU J . 15.32 -26.04 12.12
C QMU J . 13.57 -30.24 9.02
O QMU J . 15.11 -28.55 8.41
C11 QMU J . 15.62 -24.75 12.33
C14 QMU J . 17.61 -24.85 8.65
C7 QMU J . 15.97 -26.92 11.14
N1 QMU J . 17.31 -25.21 9.93
N2 QMU J . 16.99 -25.59 7.76
O1 QMU J . 15.07 -27.21 6.60
O2 QMU J . 14.77 -23.92 12.60
BR QMU J . 16.63 -23.38 14.91
H5 QMU J . 13.64 -28.84 5.87
H3 QMU J . 12.75 -28.14 7.17
H4 QMU J . 12.40 -29.75 6.64
H7 QMU J . 15.68 -31.21 7.90
H6 QMU J . 15.92 -30.09 6.57
H8 QMU J . 14.63 -31.26 6.50
H10 QMU J . 15.35 -28.98 10.65
H11 QMU J . 14.15 -27.79 10.23
H13 QMU J . 14.91 -28.79 12.99
H12 QMU J . 13.33 -28.62 12.31
H15 QMU J . 13.30 -26.24 12.69
H14 QMU J . 14.43 -26.65 13.93
H17 QMU J . 19.79 -24.35 10.22
H18 QMU J . 20.74 -23.16 12.15
H19 QMU J . 19.35 -22.75 14.17
H1 QMU J . 14.30 -30.58 9.75
H2 QMU J . 12.96 -31.10 8.73
H QMU J . 12.91 -29.53 9.53
H16 QMU J . 18.29 -24.03 8.39
H9 QMU J . 16.88 -27.31 11.61
C1 QMU K . 29.91 -2.14 15.75
C2 QMU K . 28.43 -2.28 16.06
C3 QMU K . 30.50 -3.49 15.40
C4 QMU K . 29.44 -1.49 13.44
C5 QMU K . 29.70 -0.45 12.40
C6 QMU K . 29.94 0.91 12.50
C8 QMU K . 29.99 1.30 15.02
C9 QMU K . 29.83 2.53 15.88
C10 QMU K . 29.01 3.48 15.02
C12 QMU K . 29.70 3.79 11.38
C13 QMU K . 30.24 2.67 10.71
C15 QMU K . 30.97 2.84 9.54
C16 QMU K . 31.17 4.10 9.02
C17 QMU K . 30.66 5.22 9.67
C18 QMU K . 29.94 5.05 10.85
N QMU K . 29.32 3.06 13.64
C QMU K . 30.67 -1.51 16.89
O QMU K . 30.12 -1.29 14.56
C11 QMU K . 28.84 3.71 12.57
C14 QMU K . 29.84 0.23 10.39
C7 QMU K . 30.19 1.88 13.61
N1 QMU K . 30.02 1.35 11.16
N2 QMU K . 29.65 -0.86 11.08
O1 QMU K . 28.67 -2.40 13.26
O2 QMU K . 27.75 4.23 12.58
BR QMU K . 29.32 6.62 11.71
H5 QMU K . 27.81 -1.61 15.48
H3 QMU K . 28.19 -2.06 17.10
H4 QMU K . 28.04 -3.28 15.88
H7 QMU K . 31.22 -3.82 16.15
H6 QMU K . 31.03 -3.47 14.44
H8 QMU K . 29.73 -4.26 15.32
H10 QMU K . 30.84 0.71 15.37
H11 QMU K . 29.12 0.66 15.12
H13 QMU K . 30.79 2.97 16.16
H12 QMU K . 29.34 2.31 16.82
H15 QMU K . 27.95 3.43 15.20
H14 QMU K . 29.27 4.53 15.16
H17 QMU K . 31.39 1.98 9.01
H18 QMU K . 31.73 4.23 8.09
H19 QMU K . 30.82 6.21 9.27
H1 QMU K . 31.71 -1.34 16.63
H2 QMU K . 30.65 -2.13 17.78
H QMU K . 30.23 -0.55 17.15
H16 QMU K . 29.85 0.26 9.30
H9 QMU K . 31.20 2.22 13.44
C1 DMU L . -10.51 5.57 12.74
C2 DMU L . -9.18 5.55 11.99
C3 DMU L . -9.05 4.26 11.20
C4 DMU L . -10.26 4.02 10.31
O5 DMU L . -11.46 4.09 11.10
C6 DMU L . -11.65 5.33 11.75
O7 DMU L . -7.91 4.42 10.33
O16 DMU L . -12.85 5.33 12.46
C18 DMU L . -13.96 4.90 11.66
C19 DMU L . -15.16 4.72 12.55
C22 DMU L . -16.29 3.92 11.90
C25 DMU L . -17.50 4.76 11.53
C28 DMU L . -18.79 3.96 11.51
C31 DMU L . -19.16 3.34 12.85
C34 DMU L . -20.64 3.02 13.00
C37 DMU L . -21.05 2.57 14.39
C40 DMU L . -22.56 2.46 14.57
C43 DMU L . -23.25 3.82 14.58
O49 DMU L . -10.70 6.82 13.40
O55 DMU L . -8.12 5.68 12.93
C57 DMU L . -10.31 2.65 9.65
O61 DMU L . -11.44 2.55 8.80
C5 DMU L . -5.61 4.82 9.93
C7 DMU L . -5.70 4.21 8.54
C8 DMU L . -5.55 2.70 8.62
C9 DMU L . -6.54 2.10 9.61
O1 DMU L . -6.40 2.76 10.88
C10 DMU L . -6.63 4.16 10.84
O2 DMU L . -5.78 2.12 7.34
O3 DMU L . -5.86 6.22 9.86
O4 DMU L . -4.68 4.75 7.70
C11 DMU L . -6.29 0.62 9.85
O6 DMU L . -5.30 0.42 10.84
H1 DMU L . -10.50 4.78 13.50
H2 DMU L . -9.14 6.39 11.30
H3 DMU L . -8.91 3.43 11.88
H4 DMU L . -10.27 4.77 9.53
H5 DMU L . -11.66 6.14 11.02
H6 DMU L . -14.16 5.63 10.89
H7 DMU L . -13.71 3.97 11.15
H8 DMU L . -14.86 4.23 13.48
H9 DMU L . -15.53 5.69 12.87
H10 DMU L . -15.91 3.42 11.01
H11 DMU L . -16.59 3.11 12.56
H12 DMU L . -17.59 5.59 12.23
H13 DMU L . -17.34 5.23 10.57
H14 DMU L . -19.61 4.60 11.16
H15 DMU L . -18.73 3.18 10.75
H16 DMU L . -18.58 2.43 13.01
H17 DMU L . -18.85 4.01 13.65
H18 DMU L . -21.23 3.91 12.71
H19 DMU L . -20.93 2.27 12.27
H20 DMU L . -20.58 1.62 14.61
H21 DMU L . -20.63 3.25 15.13
H22 DMU L . -22.99 1.84 13.79
H23 DMU L . -22.78 1.94 15.50
H24 DMU L . -23.00 4.42 15.45
H25 DMU L . -23.00 4.43 13.71
H26 DMU L . -24.34 3.73 14.57
H27 DMU L . -11.68 6.97 13.47
H28 DMU L . -7.50 6.36 12.57
H29 DMU L . -9.44 2.45 9.02
H30 DMU L . -10.39 1.83 10.36
H31 DMU L . -12.01 3.34 8.98
H32 DMU L . -4.61 4.67 10.34
H33 DMU L . -6.66 4.45 8.10
H34 DMU L . -4.54 2.46 8.95
H35 DMU L . -7.56 2.22 9.25
H36 DMU L . -6.50 4.43 11.89
H37 DMU L . -6.76 2.24 7.16
H38 DMU L . -6.23 6.51 10.74
H39 DMU L . -3.85 4.80 8.26
H40 DMU L . -7.17 0.08 10.19
H41 DMU L . -5.92 0.10 8.96
H42 DMU L . -5.32 1.20 11.45
N NO3 M . 5.32 2.94 16.50
O1 NO3 M . 6.12 3.87 16.19
O2 NO3 M . 4.39 2.59 15.71
O3 NO3 M . 5.46 2.34 17.60
C1 NAG N . 25.50 -7.98 27.36
C2 NAG N . 26.84 -8.70 27.43
C3 NAG N . 27.64 -8.27 28.65
C4 NAG N . 27.74 -6.75 28.69
C5 NAG N . 26.35 -6.11 28.57
C6 NAG N . 26.45 -4.58 28.54
C7 NAG N . 26.67 -10.89 26.39
C8 NAG N . 26.42 -12.36 26.54
N2 NAG N . 26.62 -10.14 27.49
O3 NAG N . 28.94 -8.81 28.58
O4 NAG N . 28.33 -6.35 29.90
O5 NAG N . 25.65 -6.58 27.43
O6 NAG N . 27.19 -4.15 27.43
O7 NAG N . 26.88 -10.40 25.28
H2 NAG N . 27.41 -8.48 26.52
H3 NAG N . 27.14 -8.63 29.54
H4 NAG N . 28.36 -6.42 27.85
H5 NAG N . 25.77 -6.40 29.44
H61 NAG N . 25.44 -4.15 28.50
H62 NAG N . 26.93 -4.23 29.46
H81 NAG N . 26.85 -12.87 25.68
H82 NAG N . 26.93 -12.70 27.45
H83 NAG N . 25.36 -12.53 26.66
HN2 NAG N . 26.42 -10.56 28.39
HO3 NAG N . 29.05 -9.29 27.72
HO4 NAG N . 28.48 -7.13 30.47
HO6 NAG N . 27.40 -4.91 26.86
C1 NAG O . 55.66 -14.45 8.40
C2 NAG O . 56.64 -15.27 7.57
C3 NAG O . 56.82 -16.65 8.16
C4 NAG O . 57.17 -16.53 9.63
C5 NAG O . 56.16 -15.66 10.38
C6 NAG O . 56.61 -15.45 11.82
C7 NAG O . 56.76 -14.64 5.22
C8 NAG O . 56.18 -14.80 3.84
N2 NAG O . 56.18 -15.34 6.20
O3 NAG O . 57.85 -17.34 7.49
O4 NAG O . 57.20 -17.81 10.22
O5 NAG O . 56.02 -14.40 9.76
O6 NAG O . 57.82 -14.71 11.82
O7 NAG O . 57.70 -13.88 5.42
C1 DMU P . -10.05 11.65 8.51
C2 DMU P . -9.14 11.34 7.33
C3 DMU P . -8.39 10.04 7.59
C4 DMU P . -9.35 8.91 7.93
O5 DMU P . -10.16 9.30 9.07
C6 DMU P . -10.95 10.46 8.81
O7 DMU P . -7.69 9.64 6.40
O16 DMU P . -11.71 10.77 9.94
C18 DMU P . -12.61 9.72 10.33
C19 DMU P . -13.47 10.19 11.48
C22 DMU P . -14.64 9.25 11.74
C25 DMU P . -15.38 9.52 13.04
C28 DMU P . -14.53 9.35 14.29
C31 DMU P . -15.32 9.05 15.55
C34 DMU P . -16.29 10.15 15.95
C37 DMU P . -17.27 9.75 17.06
C40 DMU P . -18.28 10.81 17.41
C43 DMU P . -17.68 12.00 18.14
O49 DMU P . -10.86 12.78 8.22
O55 DMU P . -8.22 12.41 7.16
C57 DMU P . -8.65 7.62 8.29
O61 DMU P . -8.08 7.68 9.58
C5 DMU P . -6.12 9.92 4.66
C7 DMU P . -5.95 8.42 4.52
C8 DMU P . -4.90 7.92 5.50
C9 DMU P . -5.22 8.34 6.93
O1 DMU P . -5.43 9.77 6.97
C10 DMU P . -6.45 10.24 6.11
O2 DMU P . -4.84 6.50 5.46
O3 DMU P . -7.15 10.38 3.79
O4 DMU P . -5.56 8.09 3.18
C11 DMU P . -4.08 8.03 7.87
O6 DMU P . -3.00 8.95 7.71
H1 DMU P . -9.43 11.87 9.37
H2 DMU P . -9.72 11.23 6.41
H3 DMU P . -7.69 10.21 8.40
H4 DMU P . -10.02 8.70 7.10
H5 DMU P . -11.60 10.26 7.96
H6 DMU P . -13.21 9.44 9.48
H7 DMU P . -12.02 8.84 10.60
H8 DMU P . -12.85 10.28 12.38
H9 DMU P . -13.82 11.20 11.29
H10 DMU P . -15.34 9.32 10.92
H11 DMU P . -14.29 8.22 11.74
H12 DMU P . -15.81 10.52 13.03
H13 DMU P . -16.25 8.87 13.11
H14 DMU P . -13.80 8.56 14.13
H15 DMU P . -13.93 10.25 14.44
H16 DMU P . -15.87 8.12 15.43
H17 DMU P . -14.63 8.87 16.38
H18 DMU P . -15.73 11.04 16.28
H19 DMU P . -16.85 10.49 15.08
H20 DMU P . -17.79 8.83 16.75
H21 DMU P . -16.72 9.45 17.94
H22 DMU P . -18.79 11.15 16.52
H23 DMU P . -19.07 10.38 18.03
H24 DMU P . -18.42 12.75 18.41
H25 DMU P . -17.18 11.72 19.06
H26 DMU P . -16.92 12.52 17.54
H27 DMU P . -11.76 12.61 8.59
H28 DMU P . -7.62 12.41 7.95
H29 DMU P . -9.30 6.75 8.29
H30 DMU P . -7.82 7.38 7.62
H31 DMU P . -7.23 8.19 9.50
H32 DMU P . -5.19 10.43 4.40
H33 DMU P . -6.90 7.94 4.72
H34 DMU P . -3.93 8.34 5.21
H35 DMU P . -6.12 7.84 7.28
H36 DMU P . -6.42 11.31 6.33
H37 DMU P . -5.30 6.17 6.28
H38 DMU P . -7.81 9.64 3.71
H39 DMU P . -4.91 8.78 2.90
H40 DMU P . -4.36 8.10 8.92
H41 DMU P . -3.64 7.04 7.71
H42 DMU P . -3.40 9.83 7.49
N NO3 Q . 4.59 17.42 1.51
O1 NO3 Q . 4.06 18.08 0.56
O2 NO3 Q . 5.45 16.53 1.26
O3 NO3 Q . 4.24 17.66 2.71
C1 NAG R . 38.12 16.91 10.98
C2 NAG R . 38.42 18.32 11.48
C3 NAG R . 39.20 19.09 10.42
C4 NAG R . 40.46 18.30 10.07
C5 NAG R . 40.08 16.89 9.62
C6 NAG R . 41.32 16.06 9.30
C7 NAG R . 36.13 19.05 10.99
C8 NAG R . 34.96 19.85 11.46
N2 NAG R . 37.20 19.05 11.78
O3 NAG R . 39.55 20.37 10.91
O4 NAG R . 41.15 18.96 9.03
O5 NAG R . 39.33 16.25 10.63
O6 NAG R . 41.70 15.31 10.43
O7 NAG R . 36.08 18.44 9.91
H2 NAG R . 39.00 18.24 12.39
H3 NAG R . 38.57 19.21 9.54
H4 NAG R . 41.09 18.25 10.95
H5 NAG R . 39.48 16.97 8.72
H61 NAG R . 41.10 15.39 8.47
H62 NAG R . 42.14 16.71 9.00
H81 NAG R . 34.15 19.17 11.75
H82 NAG R . 35.26 20.42 12.34
H83 NAG R . 34.67 20.56 10.69
HN2 NAG R . 37.17 19.58 12.64
HO3 NAG R . 39.12 20.52 11.77
HO4 NAG R . 40.70 19.81 8.82
HO6 NAG R . 41.06 15.46 11.15
C1 QMU S . 8.46 3.61 -32.26
C2 QMU S . 9.01 4.34 -31.06
C3 QMU S . 9.44 3.66 -33.40
C4 QMU S . 9.08 1.23 -31.98
C5 QMU S . 8.49 -0.07 -31.55
C6 QMU S . 7.39 -0.75 -32.03
C8 QMU S . 6.34 0.87 -33.71
C9 QMU S . 4.90 1.36 -33.72
C10 QMU S . 4.36 0.87 -32.39
C12 QMU S . 5.08 -2.78 -31.61
C13 QMU S . 6.47 -3.02 -31.49
C15 QMU S . 6.98 -4.32 -31.52
C16 QMU S . 6.12 -5.38 -31.67
C17 QMU S . 4.76 -5.18 -31.80
C18 QMU S . 4.25 -3.89 -31.77
N QMU S . 5.00 -0.44 -32.27
C QMU S . 7.11 4.14 -32.67
O QMU S . 8.19 2.22 -31.81
C11 QMU S . 4.46 -1.44 -31.55
C14 QMU S . 8.46 -1.90 -30.46
C7 QMU S . 6.28 -0.50 -32.99
N1 QMU S . 7.38 -1.94 -31.31
N2 QMU S . 9.15 -0.80 -30.57
O1 QMU S . 10.18 1.33 -32.43
O2 QMU S . 3.47 -1.25 -30.84
BR QMU S . 2.38 -3.70 -31.97
H5 QMU S . 8.27 4.95 -30.55
H3 QMU S . 9.42 3.69 -30.29
H4 QMU S . 9.82 5.03 -31.30
H7 QMU S . 9.52 4.66 -33.82
H6 QMU S . 9.14 2.99 -34.21
H8 QMU S . 10.44 3.36 -33.09
H10 QMU S . 6.70 0.82 -34.73
H11 QMU S . 6.96 1.60 -33.20
H13 QMU S . 4.32 0.98 -34.55
H12 QMU S . 4.82 2.45 -33.81
H15 QMU S . 4.63 1.51 -31.55
H14 QMU S . 3.28 0.79 -32.35
H17 QMU S . 8.05 -4.49 -31.43
H18 QMU S . 6.52 -6.40 -31.69
H19 QMU S . 4.08 -6.04 -31.92
H1 QMU S . 6.30 3.65 -32.13
H2 QMU S . 7.03 5.21 -32.49
H QMU S . 6.93 3.98 -33.74
H16 QMU S . 8.71 -2.71 -29.77
H9 QMU S . 6.28 -1.29 -33.75
C1 QMU T . 26.15 18.42 -9.81
C2 QMU T . 25.55 19.81 -9.77
C3 QMU T . 25.75 17.61 -8.59
C4 QMU T . 26.08 16.86 -11.73
C5 QMU T . 25.17 16.35 -12.79
C6 QMU T . 24.45 17.00 -13.76
C8 QMU T . 24.66 19.48 -13.18
C9 QMU T . 23.53 20.47 -12.95
C10 QMU T . 22.31 19.58 -12.94
C12 QMU T . 22.10 17.08 -15.81
C13 QMU T . 23.14 16.14 -15.73
C15 QMU T . 23.44 15.30 -16.81
C16 QMU T . 22.71 15.42 -17.98
C17 QMU T . 21.68 16.34 -18.09
C18 QMU T . 21.39 17.17 -17.02
N QMU T . 22.63 18.61 -13.99
C QMU T . 27.65 18.47 -9.96
O QMU T . 25.46 17.72 -10.91
C11 QMU T . 21.68 17.99 -14.70
C14 QMU T . 24.30 14.80 -13.97
C7 QMU T . 24.09 18.41 -14.12
N1 QMU T . 23.90 15.97 -14.53
N2 QMU T . 25.07 14.97 -12.92
O1 QMU T . 27.23 16.53 -11.64
O2 QMU T . 20.50 18.13 -14.46
BR QMU T . 19.99 18.42 -17.25
H5 QMU T . 25.21 20.10 -8.78
H3 QMU T . 24.69 19.92 -10.42
H4 QMU T . 26.25 20.58 -10.07
H7 QMU T . 26.07 18.08 -7.67
H6 QMU T . 26.20 16.61 -8.62
H8 QMU T . 24.67 17.48 -8.53
H10 QMU T . 25.52 20.01 -13.59
H11 QMU T . 24.99 19.09 -12.21
H13 QMU T . 23.47 21.22 -13.72
H12 QMU T . 23.63 21.02 -12.02
H15 QMU T . 22.14 19.07 -11.99
H14 QMU T . 21.39 20.10 -13.17
H17 QMU T . 24.24 14.58 -16.74
H18 QMU T . 22.94 14.76 -18.81
H19 QMU T . 21.11 16.42 -19.01
H1 QMU T . 27.93 18.83 -10.95
H2 QMU T . 28.10 17.49 -9.82
H QMU T . 28.10 19.14 -9.23
H16 QMU T . 24.02 13.82 -14.36
H9 QMU T . 24.43 18.61 -15.13
C1 DMU U . -13.95 10.79 1.89
C2 DMU U . -13.21 9.80 1.02
C3 DMU U . -11.85 9.47 1.63
C4 DMU U . -11.98 9.05 3.09
O5 DMU U . -12.70 10.05 3.82
C6 DMU U . -14.02 10.27 3.32
O7 DMU U . -11.28 8.36 0.93
O16 DMU U . -14.68 11.22 4.10
C18 DMU U . -14.85 10.83 5.46
C19 DMU U . -15.00 12.05 6.33
C22 DMU U . -15.02 11.72 7.82
C25 DMU U . -14.75 12.92 8.72
C28 DMU U . -15.98 13.76 9.01
C31 DMU U . -15.68 14.98 9.89
C34 DMU U . -16.72 15.23 10.98
C37 DMU U . -17.98 15.93 10.48
C40 DMU U . -17.91 17.45 10.58
C43 DMU U . -19.23 18.14 10.30
O49 DMU U . -15.26 11.00 1.38
O55 DMU U . -13.04 10.37 -0.28
C57 DMU U . -10.62 8.86 3.76
O61 DMU U . -10.02 10.11 4.05
C5 DMU U . -10.36 7.20 -0.91
C7 DMU U . -9.39 6.47 0.01
C8 DMU U . -8.15 7.32 0.23
C9 DMU U . -8.49 8.73 0.70
O1 DMU U . -9.47 9.32 -0.18
C10 DMU U . -10.67 8.57 -0.32
O2 DMU U . -7.31 6.72 1.21
O3 DMU U . -11.55 6.43 -1.04
O4 DMU U . -9.03 5.22 -0.54
C11 DMU U . -7.28 9.63 0.70
O6 DMU U . -6.96 10.05 -0.63
H1 DMU U . -13.41 11.74 1.88
H2 DMU U . -13.77 8.88 0.93
H3 DMU U . -11.23 10.36 1.55
H4 DMU U . -12.53 8.12 3.16
H5 DMU U . -14.57 9.34 3.35
H6 DMU U . -15.73 10.18 5.55
H7 DMU U . -14.00 10.22 5.77
H8 DMU U . -14.19 12.75 6.11
H9 DMU U . -15.90 12.59 6.06
H10 DMU U . -15.97 11.28 8.08
H11 DMU U . -14.29 10.95 8.02
H12 DMU U . -14.31 12.58 9.66
H13 DMU U . -13.97 13.54 8.27
H14 DMU U . -16.43 14.10 8.07
H15 DMU U . -16.74 13.15 9.48
H16 DMU U . -14.71 14.86 10.35
H17 DMU U . -15.58 15.86 9.27
H18 DMU U . -17.01 14.28 11.45
H19 DMU U . -16.28 15.81 11.78
H20 DMU U . -18.17 15.65 9.45
H21 DMU U . -18.84 15.58 11.03
H22 DMU U . -17.55 17.74 11.57
H23 DMU U . -17.14 17.83 9.90
H24 DMU U . -19.51 18.08 9.25
H25 DMU U . -20.05 17.69 10.86
H26 DMU U . -19.22 19.19 10.57
H27 DMU U . -15.88 10.92 2.16
H28 DMU U . -12.43 11.14 -0.18
H29 DMU U . -10.69 8.33 4.71
H30 DMU U . -9.91 8.32 3.14
H31 DMU U . -10.55 10.52 4.78
H32 DMU U . -9.93 7.33 -1.90
H33 DMU U . -9.87 6.30 0.97
H34 DMU U . -7.61 7.39 -0.72
H35 DMU U . -8.90 8.69 1.71
H36 DMU U . -11.23 9.21 -1.00
H37 DMU U . -6.48 7.25 1.25
H38 DMU U . -12.32 7.08 -1.06
H39 DMU U . -8.91 5.36 -1.52
H40 DMU U . -7.42 10.55 1.26
H41 DMU U . -6.38 9.16 1.08
H42 DMU U . -7.80 10.12 -1.14
C1 NAG V . 20.59 23.41 -29.59
C2 NAG V . 20.17 24.46 -30.63
C3 NAG V . 19.82 23.80 -31.96
C4 NAG V . 20.97 22.90 -32.41
C5 NAG V . 21.35 21.93 -31.30
C6 NAG V . 22.58 21.10 -31.71
C7 NAG V . 17.79 25.16 -30.42
C8 NAG V . 16.87 26.13 -29.73
N2 NAG V . 19.08 25.28 -30.10
O3 NAG V . 19.59 24.79 -32.93
O4 NAG V . 20.58 22.18 -33.55
O5 NAG V . 21.64 22.59 -30.09
O6 NAG V . 23.66 21.97 -31.97
O7 NAG V . 17.32 24.34 -31.20
C1 DMU W . -17.06 3.32 2.40
C2 DMU W . -15.88 2.39 2.18
C3 DMU W . -14.76 3.10 1.43
C4 DMU W . -14.41 4.43 2.08
O5 DMU W . -15.60 5.21 2.26
C6 DMU W . -16.57 4.59 3.07
O7 DMU W . -13.60 2.27 1.47
O16 DMU W . -17.67 5.44 3.25
C18 DMU W . -17.31 6.77 3.63
C19 DMU W . -18.55 7.63 3.63
C22 DMU W . -18.27 9.13 3.62
C25 DMU W . -18.76 9.87 4.85
C28 DMU W . -19.30 11.26 4.54
C31 DMU W . -20.65 11.24 3.84
C34 DMU W . -21.13 12.60 3.32
C37 DMU W . -21.35 13.64 4.42
C40 DMU W . -22.75 14.22 4.44
C43 DMU W . -23.78 13.23 4.96
O49 DMU W . -18.04 2.69 3.23
O55 DMU W . -16.32 1.25 1.44
C57 DMU W . -13.47 5.29 1.25
O61 DMU W . -13.43 6.61 1.75
C5 DMU W . -12.48 0.24 0.99
C7 DMU W . -11.12 0.85 1.24
C8 DMU W . -10.61 1.55 -0.02
C9 DMU W . -11.64 2.55 -0.53
O1 DMU W . -12.90 1.89 -0.71
C10 DMU W . -13.43 1.30 0.46
O2 DMU W . -9.40 2.24 0.26
O3 DMU W . -12.99 -0.32 2.19
O4 DMU W . -10.18 -0.15 1.65
C11 DMU W . -11.24 3.13 -1.88
O6 DMU W . -11.80 2.40 -2.95
H1 DMU W . -17.51 3.56 1.45
H2 DMU W . -15.49 2.05 3.14
H3 DMU W . -15.11 3.26 0.40
H4 DMU W . -13.95 4.23 3.05
H5 DMU W . -16.14 4.37 4.05
H6 DMU W . -16.85 6.76 4.62
H7 DMU W . -16.56 7.16 2.95
H8 DMU W . -19.17 7.38 2.77
H9 DMU W . -19.17 7.39 4.48
H10 DMU W . -17.19 9.29 3.51
H11 DMU W . -18.70 9.58 2.72
H12 DMU W . -19.52 9.28 5.35
H13 DMU W . -17.96 9.94 5.57
H14 DMU W . -19.39 11.84 5.46
H15 DMU W . -18.59 11.82 3.94
H16 DMU W . -20.61 10.54 3.00
H17 DMU W . -21.40 10.82 4.51
H18 DMU W . -20.41 12.98 2.60
H19 DMU W . -22.04 12.47 2.76
H20 DMU W . -21.11 13.20 5.39
H21 DMU W . -20.63 14.44 4.29
H22 DMU W . -22.77 15.12 5.04
H23 DMU W . -23.04 14.55 3.45
H24 DMU W . -23.83 12.31 4.38
H25 DMU W . -23.60 12.93 5.99
H26 DMU W . -24.80 13.64 4.95
H27 DMU W . -18.26 3.33 3.95
H28 DMU W . -16.61 1.58 0.55
H29 DMU W . -12.44 4.93 1.26
H30 DMU W . -13.77 5.36 0.20
H31 DMU W . -12.80 7.12 1.17
H32 DMU W . -12.40 -0.56 0.26
H33 DMU W . -11.19 1.59 2.04
H34 DMU W . -10.43 0.80 -0.78
H35 DMU W . -11.75 3.37 0.18
H36 DMU W . -14.36 0.88 0.08
H37 DMU W . -9.64 3.18 0.43
H38 DMU W . -13.91 0.04 2.33
H39 DMU W . -10.28 -0.89 0.99
H40 DMU W . -11.58 4.16 -2.01
H41 DMU W . -10.16 3.12 -2.05
H42 DMU W . -12.42 1.72 -2.55
C1 NAG X . -1.18 -12.08 -41.40
C2 NAG X . -2.49 -12.78 -41.74
C3 NAG X . -2.23 -14.22 -42.18
C4 NAG X . -1.21 -14.22 -43.30
C5 NAG X . 0.05 -13.46 -42.89
C6 NAG X . 1.05 -13.39 -44.05
C7 NAG X . -4.40 -11.92 -40.50
C8 NAG X . -5.24 -12.00 -39.26
N2 NAG X . -3.38 -12.77 -40.59
O3 NAG X . -3.43 -14.81 -42.63
O4 NAG X . -0.86 -15.56 -43.62
O5 NAG X . -0.26 -12.16 -42.46
O6 NAG X . 0.46 -12.70 -45.13
O7 NAG X . -4.66 -11.08 -41.37
#